data_1NJ8
#
_entry.id   1NJ8
#
_cell.length_a   108.940
_cell.length_b   104.845
_cell.length_c   91.748
_cell.angle_alpha   90.00
_cell.angle_beta   93.63
_cell.angle_gamma   90.00
#
_symmetry.space_group_name_H-M   'P 1 21 1'
#
loop_
_entity.id
_entity.type
_entity.pdbx_description
1 polymer 'Proline-tRNA Synthetase'
2 water water
#
_entity_poly.entity_id   1
_entity_poly.type   'polypeptide(L)'
_entity_poly.pdbx_seq_one_letter_code
;GSHMLEFSEWYSDILEKAEIYDVRYPIKGCGVYLPYGFKIRRYTFEIIRNLLDESGHDEALFPMLIPEDLLAKEAEHIKG
FEDEVYWVTHGGKTQLDVKLALRPTSETPIYYMMKLWVKVHTDLPIKIYQIVNTFRYETKHTRPLIRLREIMTFKEAHTA
HSTKEEAENQVKEAISIYKKFFDTLGIPYLISKRPEWDKFPGAEYTMAFDTIFPDGRTMQIATVHNLGQNFSKTFEIIFE
TPTGDKDYAYQTCYGISDRVIASIIAIHGDEKGLILPPIVAPIQVVIVPLIFKGKEDIVMEKAKEIYEKLKGKFRVHIDD
RDIRPGRKFNDWEIKGVPLRIEVGPKDIENKKITLFRRDTMEKFQVDETQLMEVVEKTLNNIMENIKNRAWEKFENFITI
LEDINPDEIKNILSEKRGVILVPFKEEIYNEELEEKVEATILGETEYKGNKYIAIAKTY
;
_entity_poly.pdbx_strand_id   A,B,C,D
#
# COMPACT_ATOMS: atom_id res chain seq x y z
N MET A 4 2.15 20.98 -6.21
CA MET A 4 1.18 22.00 -6.73
C MET A 4 1.02 21.89 -8.25
N LEU A 5 1.78 20.98 -8.84
CA LEU A 5 1.75 20.77 -10.28
C LEU A 5 1.23 19.39 -10.70
N GLU A 6 0.69 19.31 -11.91
CA GLU A 6 0.18 18.05 -12.43
C GLU A 6 1.34 17.12 -12.69
N PHE A 7 1.05 15.84 -12.82
CA PHE A 7 2.04 14.81 -13.07
C PHE A 7 3.02 15.14 -14.17
N SER A 8 2.55 15.04 -15.41
CA SER A 8 3.35 15.30 -16.60
C SER A 8 4.60 16.13 -16.39
N GLU A 9 4.44 17.36 -15.88
CA GLU A 9 5.60 18.19 -15.69
C GLU A 9 6.30 17.91 -14.39
N TRP A 10 5.57 17.44 -13.38
CA TRP A 10 6.25 17.13 -12.13
C TRP A 10 7.27 16.07 -12.50
N TYR A 11 6.79 15.02 -13.14
CA TYR A 11 7.64 13.93 -13.59
C TYR A 11 8.76 14.52 -14.44
N SER A 12 8.41 15.15 -15.55
CA SER A 12 9.42 15.74 -16.41
C SER A 12 10.42 16.58 -15.62
N ASP A 13 9.94 17.24 -14.58
CA ASP A 13 10.78 18.09 -13.75
C ASP A 13 11.73 17.29 -12.90
N ILE A 14 11.21 16.57 -11.91
CA ILE A 14 12.02 15.77 -10.99
C ILE A 14 13.03 14.92 -11.75
N LEU A 15 12.60 14.45 -12.91
CA LEU A 15 13.42 13.63 -13.81
C LEU A 15 14.60 14.44 -14.31
N GLU A 16 14.89 15.54 -13.61
CA GLU A 16 15.98 16.44 -13.94
C GLU A 16 16.53 17.07 -12.69
N LYS A 17 15.64 17.61 -11.85
CA LYS A 17 16.05 18.23 -10.60
C LYS A 17 16.70 17.17 -9.74
N ALA A 18 16.42 15.91 -10.08
CA ALA A 18 16.96 14.78 -9.36
C ALA A 18 18.26 14.34 -10.01
N GLU A 19 18.58 14.96 -11.15
CA GLU A 19 19.79 14.63 -11.89
C GLU A 19 19.66 13.19 -12.36
N ILE A 20 18.44 12.81 -12.74
CA ILE A 20 18.20 11.45 -13.20
C ILE A 20 18.36 11.16 -14.70
N TYR A 21 18.07 12.13 -15.54
CA TYR A 21 18.16 11.87 -16.95
C TYR A 21 18.03 13.15 -17.76
N ASP A 22 19.17 13.71 -18.15
CA ASP A 22 19.16 14.93 -18.95
C ASP A 22 18.53 14.52 -20.28
N VAL A 23 17.65 15.35 -20.83
CA VAL A 23 16.98 15.01 -22.09
C VAL A 23 17.18 16.05 -23.17
N ARG A 24 18.15 16.92 -22.99
CA ARG A 24 18.43 17.97 -23.95
C ARG A 24 19.29 17.52 -25.15
N TYR A 25 19.65 16.25 -25.18
CA TYR A 25 20.44 15.73 -26.27
C TYR A 25 19.58 15.93 -27.52
N PRO A 26 20.13 16.61 -28.53
CA PRO A 26 19.56 16.97 -29.83
C PRO A 26 18.91 15.89 -30.68
N ILE A 27 17.94 15.17 -30.14
CA ILE A 27 17.30 14.14 -30.93
C ILE A 27 15.85 13.89 -30.51
N LYS A 28 15.49 14.38 -29.34
CA LYS A 28 14.13 14.17 -28.88
C LYS A 28 13.87 12.68 -28.98
N GLY A 29 14.10 11.99 -27.88
CA GLY A 29 13.90 10.56 -27.84
C GLY A 29 15.20 9.93 -27.40
N CYS A 30 16.22 10.76 -27.26
CA CYS A 30 17.52 10.27 -26.85
C CYS A 30 18.18 11.15 -25.81
N GLY A 31 17.80 10.94 -24.56
CA GLY A 31 18.40 11.71 -23.49
C GLY A 31 19.55 10.91 -22.95
N VAL A 32 20.28 11.43 -21.98
CA VAL A 32 21.41 10.73 -21.39
C VAL A 32 21.21 10.46 -19.91
N TYR A 33 21.54 9.24 -19.48
CA TYR A 33 21.39 8.86 -18.08
C TYR A 33 22.52 9.45 -17.29
N LEU A 34 22.23 10.49 -16.53
CA LEU A 34 23.23 11.14 -15.70
C LEU A 34 23.62 10.21 -14.57
N PRO A 35 24.81 10.40 -14.03
CA PRO A 35 25.30 9.56 -12.93
C PRO A 35 24.18 8.93 -12.08
N TYR A 36 23.55 9.73 -11.24
CA TYR A 36 22.49 9.25 -10.35
C TYR A 36 21.55 8.27 -11.05
N GLY A 37 20.94 8.73 -12.14
CA GLY A 37 20.03 7.87 -12.87
C GLY A 37 20.65 6.50 -13.13
N PHE A 38 21.85 6.51 -13.67
CA PHE A 38 22.54 5.27 -13.98
C PHE A 38 22.53 4.39 -12.76
N LYS A 39 23.00 4.94 -11.65
CA LYS A 39 23.07 4.16 -10.44
C LYS A 39 21.72 3.62 -10.11
N ILE A 40 20.75 4.49 -9.96
CA ILE A 40 19.39 4.07 -9.61
C ILE A 40 18.80 3.21 -10.75
N ARG A 41 19.69 2.49 -11.43
CA ARG A 41 19.35 1.61 -12.54
C ARG A 41 20.26 0.38 -12.43
N ARG A 42 21.50 0.61 -12.02
CA ARG A 42 22.44 -0.49 -11.86
C ARG A 42 21.83 -1.38 -10.79
N TYR A 43 21.38 -0.77 -9.71
CA TYR A 43 20.78 -1.52 -8.63
C TYR A 43 19.36 -1.89 -9.00
N THR A 44 18.83 -1.23 -10.00
CA THR A 44 17.47 -1.49 -10.44
C THR A 44 17.38 -2.80 -11.19
N PHE A 45 18.32 -3.00 -12.10
CA PHE A 45 18.34 -4.21 -12.90
C PHE A 45 19.07 -5.38 -12.28
N GLU A 46 19.98 -5.07 -11.37
CA GLU A 46 20.72 -6.10 -10.68
C GLU A 46 19.69 -7.04 -10.04
N ILE A 47 18.52 -6.52 -9.72
CA ILE A 47 17.47 -7.32 -9.10
C ILE A 47 16.91 -8.35 -10.09
N ILE A 48 16.62 -7.92 -11.31
CA ILE A 48 16.08 -8.83 -12.31
C ILE A 48 17.19 -9.75 -12.77
N ARG A 49 18.42 -9.24 -12.85
CA ARG A 49 19.54 -10.08 -13.27
C ARG A 49 19.67 -11.29 -12.36
N ASN A 50 19.58 -11.05 -11.06
CA ASN A 50 19.69 -12.13 -10.10
C ASN A 50 18.51 -13.05 -10.19
N LEU A 51 17.28 -12.51 -10.27
CA LEU A 51 16.08 -13.34 -10.37
C LEU A 51 16.10 -14.20 -11.62
N LEU A 52 16.82 -13.74 -12.63
CA LEU A 52 16.92 -14.47 -13.88
C LEU A 52 18.09 -15.48 -13.81
N ASP A 53 19.12 -15.14 -13.04
CA ASP A 53 20.27 -16.02 -12.90
C ASP A 53 19.96 -17.21 -11.98
N GLU A 54 19.21 -16.96 -10.91
CA GLU A 54 18.84 -18.01 -9.98
C GLU A 54 17.79 -18.88 -10.64
N SER A 55 16.99 -18.28 -11.51
CA SER A 55 15.92 -18.98 -12.22
C SER A 55 16.41 -19.87 -13.36
N GLY A 56 17.72 -19.94 -13.52
CA GLY A 56 18.28 -20.78 -14.57
C GLY A 56 18.52 -20.10 -15.89
N HIS A 57 18.52 -18.77 -15.92
CA HIS A 57 18.75 -18.06 -17.17
C HIS A 57 20.22 -17.84 -17.34
N ASP A 58 20.61 -17.38 -18.51
CA ASP A 58 22.00 -17.09 -18.78
C ASP A 58 22.08 -15.89 -19.73
N GLU A 59 22.54 -14.78 -19.19
CA GLU A 59 22.68 -13.55 -19.93
C GLU A 59 23.86 -13.58 -20.87
N ALA A 60 23.68 -12.98 -22.03
CA ALA A 60 24.72 -12.90 -23.03
C ALA A 60 24.45 -11.64 -23.82
N LEU A 61 25.38 -11.28 -24.70
CA LEU A 61 25.20 -10.07 -25.50
C LEU A 61 25.17 -10.34 -27.00
N PHE A 62 24.14 -9.83 -27.67
CA PHE A 62 24.01 -10.00 -29.10
C PHE A 62 24.25 -8.70 -29.87
N PRO A 63 24.58 -8.81 -31.16
CA PRO A 63 24.85 -7.64 -31.99
C PRO A 63 23.68 -6.67 -31.97
N MET A 64 23.92 -5.46 -32.44
CA MET A 64 22.84 -4.49 -32.49
C MET A 64 22.36 -4.34 -33.91
N LEU A 65 23.22 -4.65 -34.86
CA LEU A 65 22.87 -4.51 -36.27
C LEU A 65 22.27 -5.74 -36.92
N ILE A 66 20.98 -5.66 -37.28
CA ILE A 66 20.30 -6.79 -37.91
C ILE A 66 20.17 -6.51 -39.40
N PRO A 67 20.78 -7.36 -40.24
CA PRO A 67 20.72 -7.17 -41.68
C PRO A 67 19.37 -7.49 -42.31
N GLU A 68 19.13 -6.92 -43.48
CA GLU A 68 17.90 -7.13 -44.22
C GLU A 68 17.53 -8.60 -44.18
N ASP A 69 18.49 -9.46 -44.50
CA ASP A 69 18.27 -10.90 -44.51
C ASP A 69 17.37 -11.33 -43.36
N LEU A 70 18.00 -11.48 -42.20
CA LEU A 70 17.29 -11.91 -41.01
C LEU A 70 16.06 -11.07 -40.71
N LEU A 71 16.23 -9.77 -40.52
CA LEU A 71 15.08 -8.94 -40.21
C LEU A 71 13.94 -9.26 -41.18
N ALA A 72 14.30 -9.54 -42.43
CA ALA A 72 13.32 -9.88 -43.45
C ALA A 72 12.45 -11.05 -43.04
N LYS A 73 12.96 -11.89 -42.14
CA LYS A 73 12.21 -13.05 -41.65
C LYS A 73 11.24 -12.60 -40.58
N GLU A 74 11.68 -11.66 -39.74
CA GLU A 74 10.84 -11.15 -38.67
C GLU A 74 9.42 -10.85 -39.15
N ALA A 75 9.28 -10.27 -40.34
CA ALA A 75 7.97 -9.95 -40.85
C ALA A 75 7.47 -11.02 -41.83
N GLU A 76 6.29 -10.76 -42.40
CA GLU A 76 5.67 -11.67 -43.37
C GLU A 76 5.65 -11.00 -44.75
N HIS A 77 5.04 -9.81 -44.83
CA HIS A 77 4.98 -9.00 -46.05
C HIS A 77 5.94 -7.86 -45.76
N ILE A 78 5.48 -7.03 -44.83
CA ILE A 78 6.17 -5.85 -44.32
C ILE A 78 5.29 -5.45 -43.13
N LYS A 79 4.53 -6.45 -42.64
CA LYS A 79 3.60 -6.30 -41.52
C LYS A 79 4.00 -5.24 -40.51
N GLY A 80 3.03 -4.77 -39.73
CA GLY A 80 3.30 -3.76 -38.73
C GLY A 80 4.61 -3.99 -38.01
N PHE A 81 5.72 -3.67 -38.68
CA PHE A 81 7.06 -3.86 -38.12
C PHE A 81 8.08 -2.95 -38.79
N GLU A 82 8.63 -3.40 -39.93
CA GLU A 82 9.63 -2.63 -40.65
C GLU A 82 9.37 -1.13 -40.71
N ASP A 83 8.09 -0.76 -40.67
CA ASP A 83 7.69 0.65 -40.73
C ASP A 83 8.37 1.53 -39.69
N GLU A 84 8.64 0.97 -38.51
CA GLU A 84 9.32 1.73 -37.46
C GLU A 84 10.69 1.14 -37.17
N VAL A 85 11.62 1.33 -38.10
CA VAL A 85 12.95 0.79 -37.93
C VAL A 85 14.00 1.66 -38.54
N TYR A 86 15.12 1.79 -37.83
CA TYR A 86 16.21 2.59 -38.36
C TYR A 86 17.05 1.67 -39.25
N TRP A 87 17.60 2.24 -40.31
CA TRP A 87 18.39 1.45 -41.23
C TRP A 87 19.70 2.12 -41.48
N VAL A 88 20.76 1.32 -41.56
CA VAL A 88 22.07 1.85 -41.84
C VAL A 88 22.31 1.45 -43.27
N THR A 89 22.30 2.43 -44.17
CA THR A 89 22.50 2.19 -45.59
C THR A 89 23.91 2.47 -46.05
N HIS A 90 24.52 3.53 -45.53
CA HIS A 90 25.87 3.85 -45.95
C HIS A 90 26.92 3.25 -45.04
N GLY A 91 27.93 2.65 -45.65
CA GLY A 91 29.01 2.05 -44.90
C GLY A 91 30.09 3.11 -44.84
N GLY A 92 29.65 4.34 -44.62
CA GLY A 92 30.54 5.46 -44.57
C GLY A 92 30.04 6.33 -45.69
N LYS A 93 30.87 6.55 -46.70
CA LYS A 93 30.44 7.35 -47.84
C LYS A 93 29.70 6.44 -48.82
N THR A 94 30.19 5.20 -48.96
CA THR A 94 29.60 4.23 -49.88
C THR A 94 28.32 3.57 -49.37
N GLN A 95 27.66 2.82 -50.25
CA GLN A 95 26.45 2.12 -49.87
C GLN A 95 26.92 0.78 -49.31
N LEU A 96 26.01 -0.03 -48.77
CA LEU A 96 26.41 -1.30 -48.16
C LEU A 96 26.06 -2.61 -48.83
N ASP A 97 25.17 -2.59 -49.81
CA ASP A 97 24.76 -3.83 -50.50
C ASP A 97 23.95 -4.62 -49.47
N VAL A 98 24.18 -4.30 -48.19
CA VAL A 98 23.52 -4.95 -47.06
C VAL A 98 22.88 -3.89 -46.17
N LYS A 99 21.55 -3.77 -46.22
CA LYS A 99 20.84 -2.80 -45.40
C LYS A 99 20.81 -3.21 -43.94
N LEU A 100 21.85 -2.86 -43.19
CA LEU A 100 21.90 -3.19 -41.78
C LEU A 100 20.88 -2.32 -41.05
N ALA A 101 20.22 -2.88 -40.04
CA ALA A 101 19.18 -2.15 -39.30
C ALA A 101 19.39 -2.14 -37.79
N LEU A 102 18.95 -1.06 -37.15
CA LEU A 102 19.09 -0.96 -35.72
C LEU A 102 18.01 -1.80 -35.04
N ARG A 103 18.46 -2.79 -34.28
CA ARG A 103 17.57 -3.71 -33.61
C ARG A 103 16.41 -3.12 -32.83
N PRO A 104 15.21 -3.32 -33.34
CA PRO A 104 14.03 -2.78 -32.66
C PRO A 104 13.83 -3.68 -31.44
N THR A 105 13.57 -4.95 -31.71
CA THR A 105 13.43 -5.95 -30.66
C THR A 105 14.85 -6.50 -30.54
N SER A 106 15.08 -7.72 -31.05
CA SER A 106 16.41 -8.34 -31.02
C SER A 106 16.30 -9.85 -31.13
N GLU A 107 15.09 -10.34 -31.35
CA GLU A 107 14.88 -11.78 -31.47
C GLU A 107 15.41 -12.27 -32.81
N THR A 108 15.20 -11.46 -33.85
CA THR A 108 15.65 -11.83 -35.18
C THR A 108 17.05 -12.39 -35.18
N PRO A 109 18.01 -11.71 -34.53
CA PRO A 109 19.39 -12.20 -34.49
C PRO A 109 19.63 -13.32 -33.48
N ILE A 110 18.86 -13.36 -32.39
CA ILE A 110 19.02 -14.41 -31.37
C ILE A 110 18.46 -15.74 -31.83
N TYR A 111 17.40 -15.71 -32.60
CA TYR A 111 16.84 -16.95 -33.08
C TYR A 111 17.76 -17.49 -34.16
N TYR A 112 18.14 -16.64 -35.10
CA TYR A 112 19.05 -17.07 -36.16
C TYR A 112 20.18 -17.81 -35.48
N MET A 113 20.49 -17.41 -34.26
CA MET A 113 21.58 -18.03 -33.53
C MET A 113 21.22 -19.31 -32.82
N MET A 114 20.08 -19.36 -32.13
CA MET A 114 19.72 -20.60 -31.44
C MET A 114 19.81 -21.78 -32.39
N LYS A 115 19.60 -21.53 -33.67
CA LYS A 115 19.71 -22.60 -34.67
C LYS A 115 21.12 -23.16 -34.55
N LEU A 116 22.10 -22.27 -34.61
CA LEU A 116 23.48 -22.67 -34.51
C LEU A 116 23.85 -23.25 -33.16
N TRP A 117 22.87 -23.40 -32.28
CA TRP A 117 23.17 -23.96 -30.99
C TRP A 117 22.33 -25.18 -30.66
N VAL A 118 21.07 -25.19 -31.09
CA VAL A 118 20.19 -26.31 -30.82
C VAL A 118 20.24 -27.35 -31.93
N LYS A 119 20.71 -28.56 -31.59
CA LYS A 119 20.82 -29.68 -32.54
C LYS A 119 19.99 -30.84 -32.03
N VAL A 120 20.34 -31.34 -30.85
CA VAL A 120 19.61 -32.44 -30.23
C VAL A 120 18.65 -31.92 -29.17
N HIS A 121 17.97 -32.83 -28.47
CA HIS A 121 17.02 -32.45 -27.44
C HIS A 121 17.70 -32.12 -26.11
N THR A 122 18.99 -32.41 -26.01
CA THR A 122 19.76 -32.14 -24.80
C THR A 122 20.33 -30.71 -24.78
N ASP A 123 20.26 -30.05 -25.93
CA ASP A 123 20.74 -28.68 -26.05
C ASP A 123 19.70 -27.79 -25.40
N LEU A 124 18.48 -28.32 -25.34
CA LEU A 124 17.38 -27.59 -24.75
C LEU A 124 17.29 -27.87 -23.28
N PRO A 125 16.77 -26.90 -22.50
CA PRO A 125 16.31 -25.62 -23.04
C PRO A 125 17.43 -24.59 -22.90
N ILE A 126 17.27 -23.44 -23.54
CA ILE A 126 18.28 -22.40 -23.49
C ILE A 126 17.76 -21.03 -23.11
N LYS A 127 17.27 -20.93 -21.89
CA LYS A 127 16.73 -19.68 -21.38
C LYS A 127 17.83 -18.62 -21.33
N ILE A 128 18.07 -17.95 -22.45
CA ILE A 128 19.09 -16.91 -22.51
C ILE A 128 18.48 -15.50 -22.50
N TYR A 129 19.18 -14.52 -21.91
CA TYR A 129 18.67 -13.14 -21.86
C TYR A 129 19.78 -12.08 -22.01
N GLN A 130 19.36 -10.85 -22.32
CA GLN A 130 20.29 -9.73 -22.47
C GLN A 130 19.60 -8.40 -22.14
N ILE A 131 20.39 -7.42 -21.75
CA ILE A 131 19.91 -6.09 -21.40
C ILE A 131 20.62 -5.08 -22.32
N VAL A 132 20.15 -5.01 -23.55
CA VAL A 132 20.73 -4.15 -24.57
C VAL A 132 19.98 -2.84 -24.72
N ASN A 133 20.39 -2.04 -25.69
CA ASN A 133 19.73 -0.77 -25.97
C ASN A 133 19.16 -0.78 -27.38
N THR A 134 17.86 -0.97 -27.48
CA THR A 134 17.21 -1.02 -28.79
C THR A 134 16.85 0.38 -29.26
N PHE A 135 16.26 0.44 -30.45
CA PHE A 135 15.84 1.71 -31.04
C PHE A 135 14.41 1.61 -31.49
N ARG A 136 13.88 2.66 -32.11
CA ARG A 136 12.51 2.64 -32.56
C ARG A 136 12.12 3.94 -33.20
N TYR A 137 12.06 3.98 -34.52
CA TYR A 137 11.67 5.20 -35.21
C TYR A 137 10.29 5.56 -34.64
N GLU A 138 10.28 6.43 -33.65
CA GLU A 138 9.04 6.85 -33.00
C GLU A 138 8.45 8.06 -33.69
N THR A 139 7.26 7.89 -34.25
CA THR A 139 6.55 8.95 -34.96
C THR A 139 5.67 9.76 -34.00
N LYS A 140 5.18 9.11 -32.95
CA LYS A 140 4.35 9.77 -31.95
C LYS A 140 5.24 10.64 -31.08
N HIS A 141 4.68 11.20 -30.01
CA HIS A 141 5.45 12.05 -29.11
C HIS A 141 6.24 11.19 -28.13
N THR A 142 7.47 11.58 -27.86
CA THR A 142 8.28 10.83 -26.94
C THR A 142 7.93 11.22 -25.52
N ARG A 143 8.31 10.37 -24.57
CA ARG A 143 8.06 10.59 -23.17
C ARG A 143 9.20 9.91 -22.41
N PRO A 144 9.97 10.70 -21.65
CA PRO A 144 11.11 10.21 -20.87
C PRO A 144 10.98 8.83 -20.23
N LEU A 145 12.04 8.05 -20.36
CA LEU A 145 12.10 6.73 -19.78
C LEU A 145 10.86 5.92 -20.08
N ILE A 146 10.11 6.37 -21.07
CA ILE A 146 8.91 5.64 -21.47
C ILE A 146 8.97 5.42 -22.99
N ARG A 147 8.33 6.33 -23.73
CA ARG A 147 8.32 6.25 -25.18
C ARG A 147 9.58 6.95 -25.66
N LEU A 148 10.59 6.16 -26.00
CA LEU A 148 11.88 6.71 -26.44
C LEU A 148 12.35 6.33 -27.84
N ARG A 149 12.99 7.26 -28.51
CA ARG A 149 13.52 6.98 -29.81
C ARG A 149 14.54 5.85 -29.55
N GLU A 150 15.56 6.14 -28.75
CA GLU A 150 16.56 5.13 -28.41
C GLU A 150 16.40 4.65 -26.98
N ILE A 151 15.90 3.43 -26.83
CA ILE A 151 15.67 2.82 -25.52
C ILE A 151 16.98 2.47 -24.84
N MET A 152 17.22 3.11 -23.71
CA MET A 152 18.45 2.95 -22.96
C MET A 152 18.67 1.59 -22.27
N THR A 153 17.62 1.05 -21.66
CA THR A 153 17.78 -0.23 -20.95
C THR A 153 16.68 -1.23 -21.27
N PHE A 154 16.98 -2.18 -22.15
CA PHE A 154 15.97 -3.14 -22.53
C PHE A 154 16.40 -4.58 -22.31
N LYS A 155 15.88 -5.18 -21.25
CA LYS A 155 16.18 -6.55 -20.93
C LYS A 155 15.20 -7.46 -21.58
N GLU A 156 15.66 -8.24 -22.56
CA GLU A 156 14.79 -9.17 -23.24
C GLU A 156 15.33 -10.59 -22.98
N ALA A 157 14.50 -11.42 -22.38
CA ALA A 157 14.95 -12.77 -22.13
C ALA A 157 14.36 -13.67 -23.19
N HIS A 158 15.11 -14.72 -23.50
CA HIS A 158 14.68 -15.67 -24.50
C HIS A 158 14.90 -17.04 -23.92
N THR A 159 14.01 -17.96 -24.26
CA THR A 159 14.14 -19.32 -23.79
C THR A 159 13.57 -20.16 -24.89
N ALA A 160 14.02 -21.39 -24.96
CA ALA A 160 13.56 -22.33 -25.96
C ALA A 160 13.46 -23.66 -25.25
N HIS A 161 12.38 -24.37 -25.55
CA HIS A 161 12.12 -25.64 -24.92
C HIS A 161 11.91 -26.70 -25.98
N SER A 162 11.62 -27.91 -25.54
CA SER A 162 11.39 -29.01 -26.47
C SER A 162 9.93 -29.34 -26.59
N THR A 163 9.07 -28.64 -25.84
CA THR A 163 7.64 -28.96 -25.92
C THR A 163 6.68 -27.84 -25.57
N LYS A 164 5.50 -27.89 -26.18
CA LYS A 164 4.46 -26.89 -25.95
C LYS A 164 4.19 -26.77 -24.44
N GLU A 165 4.32 -27.87 -23.73
CA GLU A 165 4.06 -27.88 -22.29
C GLU A 165 5.18 -27.15 -21.54
N GLU A 166 6.43 -27.45 -21.85
CA GLU A 166 7.59 -26.81 -21.19
C GLU A 166 7.53 -25.30 -21.40
N ALA A 167 7.21 -24.89 -22.63
CA ALA A 167 7.10 -23.48 -22.96
C ALA A 167 6.04 -22.87 -22.08
N GLU A 168 4.82 -23.40 -22.20
CA GLU A 168 3.68 -22.94 -21.41
C GLU A 168 4.09 -22.70 -19.97
N ASN A 169 4.74 -23.69 -19.35
CA ASN A 169 5.15 -23.52 -17.98
C ASN A 169 6.17 -22.42 -17.85
N GLN A 170 7.11 -22.35 -18.78
CA GLN A 170 8.13 -21.30 -18.73
C GLN A 170 7.50 -19.90 -18.62
N VAL A 171 6.34 -19.72 -19.23
CA VAL A 171 5.68 -18.44 -19.17
C VAL A 171 5.31 -18.16 -17.72
N LYS A 172 4.72 -19.14 -17.08
CA LYS A 172 4.31 -18.98 -15.68
C LYS A 172 5.50 -18.75 -14.74
N GLU A 173 6.66 -19.30 -15.08
CA GLU A 173 7.83 -19.10 -14.25
C GLU A 173 8.17 -17.64 -14.41
N ALA A 174 8.27 -17.19 -15.67
CA ALA A 174 8.59 -15.79 -15.97
C ALA A 174 7.67 -14.86 -15.22
N ILE A 175 6.37 -15.01 -15.46
CA ILE A 175 5.34 -14.22 -14.80
C ILE A 175 5.63 -14.20 -13.31
N SER A 176 6.08 -15.33 -12.81
CA SER A 176 6.44 -15.41 -11.40
C SER A 176 7.65 -14.54 -11.13
N ILE A 177 8.64 -14.59 -12.02
CA ILE A 177 9.82 -13.77 -11.84
C ILE A 177 9.40 -12.31 -11.83
N TYR A 178 8.88 -11.83 -12.95
CA TYR A 178 8.48 -10.43 -13.01
C TYR A 178 7.64 -10.01 -11.83
N LYS A 179 6.77 -10.90 -11.39
CA LYS A 179 5.94 -10.60 -10.25
C LYS A 179 6.90 -10.31 -9.11
N LYS A 180 7.54 -11.35 -8.59
CA LYS A 180 8.48 -11.22 -7.49
C LYS A 180 9.47 -10.07 -7.67
N PHE A 181 9.73 -9.70 -8.93
CA PHE A 181 10.65 -8.60 -9.21
C PHE A 181 10.00 -7.29 -8.79
N PHE A 182 8.91 -6.94 -9.45
CA PHE A 182 8.18 -5.72 -9.14
C PHE A 182 7.99 -5.60 -7.65
N ASP A 183 7.63 -6.71 -7.01
CA ASP A 183 7.40 -6.71 -5.59
C ASP A 183 8.58 -6.14 -4.83
N THR A 184 9.79 -6.63 -5.10
CA THR A 184 10.94 -6.12 -4.37
C THR A 184 11.19 -4.67 -4.74
N LEU A 185 10.49 -4.21 -5.78
CA LEU A 185 10.60 -2.83 -6.22
C LEU A 185 9.39 -2.07 -5.70
N GLY A 186 8.37 -2.82 -5.28
CA GLY A 186 7.15 -2.24 -4.75
C GLY A 186 6.26 -1.60 -5.79
N ILE A 187 6.09 -2.24 -6.94
CA ILE A 187 5.28 -1.67 -7.99
C ILE A 187 3.95 -2.35 -8.20
N PRO A 188 2.87 -1.62 -7.95
CA PRO A 188 1.52 -2.15 -8.12
C PRO A 188 1.36 -2.59 -9.56
N TYR A 189 1.08 -3.87 -9.78
CA TYR A 189 0.89 -4.34 -11.13
C TYR A 189 -0.43 -5.07 -11.28
N LEU A 190 -0.93 -5.10 -12.50
CA LEU A 190 -2.16 -5.79 -12.83
C LEU A 190 -1.71 -6.65 -14.00
N ILE A 191 -1.83 -7.97 -13.85
CA ILE A 191 -1.40 -8.91 -14.87
C ILE A 191 -2.48 -9.29 -15.87
N SER A 192 -2.22 -9.03 -17.14
CA SER A 192 -3.22 -9.33 -18.16
C SER A 192 -2.79 -10.23 -19.31
N LYS A 193 -3.78 -10.62 -20.11
CA LYS A 193 -3.60 -11.48 -21.26
C LYS A 193 -4.10 -10.72 -22.49
N ARG A 194 -3.21 -9.93 -23.07
CA ARG A 194 -3.53 -9.15 -24.24
C ARG A 194 -4.46 -9.88 -25.18
N PRO A 195 -5.60 -9.26 -25.51
CA PRO A 195 -6.57 -9.87 -26.42
C PRO A 195 -5.91 -10.47 -27.67
N GLU A 196 -6.61 -11.40 -28.30
CA GLU A 196 -6.07 -12.05 -29.49
C GLU A 196 -6.00 -11.10 -30.69
N TRP A 197 -5.76 -9.83 -30.42
CA TRP A 197 -5.65 -8.85 -31.51
C TRP A 197 -4.66 -7.75 -31.15
N ASP A 198 -3.95 -7.95 -30.06
CA ASP A 198 -2.94 -7.02 -29.58
C ASP A 198 -1.70 -7.87 -29.34
N LYS A 199 -1.66 -8.97 -30.07
CA LYS A 199 -0.60 -9.97 -30.00
C LYS A 199 0.76 -9.50 -30.52
N PHE A 200 1.82 -10.03 -29.92
CA PHE A 200 3.19 -9.74 -30.32
C PHE A 200 3.19 -10.22 -31.77
N PRO A 201 4.27 -9.94 -32.53
CA PRO A 201 4.26 -10.41 -33.92
C PRO A 201 3.80 -11.85 -34.07
N GLY A 202 4.73 -12.78 -33.86
CA GLY A 202 4.41 -14.18 -33.97
C GLY A 202 4.30 -14.87 -32.63
N ALA A 203 3.39 -14.41 -31.80
CA ALA A 203 3.19 -15.00 -30.48
C ALA A 203 1.83 -15.65 -30.42
N GLU A 204 1.74 -16.75 -29.67
CA GLU A 204 0.49 -17.47 -29.51
C GLU A 204 -0.48 -16.63 -28.70
N TYR A 205 0.04 -16.01 -27.65
CA TYR A 205 -0.76 -15.17 -26.80
C TYR A 205 0.23 -14.34 -25.99
N THR A 206 -0.26 -13.29 -25.34
CA THR A 206 0.64 -12.45 -24.57
C THR A 206 0.08 -12.11 -23.21
N MET A 207 0.98 -12.12 -22.21
CA MET A 207 0.67 -11.78 -20.82
C MET A 207 1.43 -10.48 -20.62
N ALA A 208 0.90 -9.57 -19.81
CA ALA A 208 1.58 -8.29 -19.61
C ALA A 208 1.21 -7.61 -18.32
N PHE A 209 2.22 -7.13 -17.61
CA PHE A 209 2.01 -6.43 -16.35
C PHE A 209 1.75 -4.96 -16.64
N ASP A 210 0.66 -4.41 -16.10
CA ASP A 210 0.33 -3.01 -16.33
C ASP A 210 0.14 -2.33 -14.99
N THR A 211 0.64 -1.11 -14.85
CA THR A 211 0.46 -0.39 -13.62
C THR A 211 -0.12 0.95 -13.95
N ILE A 212 -0.75 1.58 -12.97
CA ILE A 212 -1.37 2.87 -13.20
C ILE A 212 -0.60 3.98 -12.53
N PHE A 213 0.03 4.84 -13.34
CA PHE A 213 0.79 5.96 -12.80
C PHE A 213 -0.20 6.89 -12.09
N PRO A 214 0.32 7.81 -11.25
CA PRO A 214 -0.47 8.77 -10.48
C PRO A 214 -1.48 9.56 -11.29
N ASP A 215 -1.47 9.41 -12.61
CA ASP A 215 -2.38 10.21 -13.43
C ASP A 215 -3.63 9.50 -13.90
N GLY A 216 -3.79 8.24 -13.51
CA GLY A 216 -4.97 7.50 -13.93
C GLY A 216 -4.71 6.70 -15.19
N ARG A 217 -3.66 7.09 -15.90
CA ARG A 217 -3.25 6.44 -17.14
C ARG A 217 -2.50 5.17 -16.76
N THR A 218 -2.67 4.11 -17.53
CA THR A 218 -1.98 2.87 -17.22
C THR A 218 -0.75 2.79 -18.09
N MET A 219 0.14 1.89 -17.73
CA MET A 219 1.38 1.73 -18.45
C MET A 219 1.95 0.34 -18.31
N GLN A 220 1.92 -0.42 -19.40
CA GLN A 220 2.48 -1.75 -19.35
C GLN A 220 3.99 -1.59 -19.11
N ILE A 221 4.53 -2.35 -18.17
CA ILE A 221 5.94 -2.27 -17.82
C ILE A 221 6.68 -3.58 -18.02
N ALA A 222 5.94 -4.69 -17.92
CA ALA A 222 6.53 -6.00 -18.08
C ALA A 222 5.76 -6.74 -19.13
N THR A 223 6.42 -7.70 -19.79
CA THR A 223 5.75 -8.47 -20.82
C THR A 223 6.29 -9.88 -21.07
N VAL A 224 5.37 -10.81 -21.26
CA VAL A 224 5.71 -12.19 -21.53
C VAL A 224 4.87 -12.66 -22.70
N HIS A 225 5.51 -13.34 -23.64
CA HIS A 225 4.82 -13.84 -24.82
C HIS A 225 5.15 -15.32 -24.93
N ASN A 226 4.22 -16.10 -25.49
CA ASN A 226 4.52 -17.50 -25.72
C ASN A 226 4.54 -17.60 -27.24
N LEU A 227 5.65 -18.10 -27.77
CA LEU A 227 5.82 -18.17 -29.22
C LEU A 227 5.67 -19.53 -29.88
N GLY A 228 5.72 -20.59 -29.09
CA GLY A 228 5.60 -21.90 -29.68
C GLY A 228 6.64 -22.11 -30.74
N GLN A 229 6.22 -22.32 -31.98
CA GLN A 229 7.21 -22.56 -33.05
C GLN A 229 7.21 -21.53 -34.15
N ASN A 230 6.28 -20.57 -34.06
CA ASN A 230 6.13 -19.51 -35.05
C ASN A 230 7.46 -18.99 -35.53
N PHE A 231 8.41 -18.88 -34.61
CA PHE A 231 9.73 -18.41 -35.00
C PHE A 231 10.61 -19.58 -35.37
N SER A 232 10.65 -20.56 -34.48
CA SER A 232 11.47 -21.75 -34.66
C SER A 232 11.42 -22.25 -36.08
N LYS A 233 10.26 -22.16 -36.70
CA LYS A 233 10.15 -22.60 -38.08
C LYS A 233 10.95 -21.65 -38.93
N THR A 234 10.43 -20.43 -39.11
CA THR A 234 11.11 -19.41 -39.92
C THR A 234 12.62 -19.37 -39.72
N PHE A 235 13.11 -19.83 -38.58
CA PHE A 235 14.55 -19.81 -38.31
C PHE A 235 15.23 -21.17 -38.29
N GLU A 236 14.56 -22.18 -38.85
CA GLU A 236 15.13 -23.52 -38.88
C GLU A 236 15.81 -23.89 -37.56
N ILE A 237 15.14 -23.59 -36.45
CA ILE A 237 15.67 -23.92 -35.14
C ILE A 237 15.00 -25.23 -34.86
N ILE A 238 15.57 -26.31 -35.38
CA ILE A 238 15.00 -27.64 -35.20
C ILE A 238 15.82 -28.39 -34.19
N PHE A 239 15.45 -29.63 -33.95
CA PHE A 239 16.18 -30.44 -33.00
C PHE A 239 15.67 -31.88 -33.04
N GLU A 240 16.50 -32.81 -32.55
CA GLU A 240 16.12 -34.21 -32.55
C GLU A 240 15.39 -34.62 -31.28
N THR A 241 14.09 -34.87 -31.41
CA THR A 241 13.28 -35.29 -30.27
C THR A 241 14.01 -36.48 -29.68
N PRO A 242 13.77 -36.77 -28.40
CA PRO A 242 14.46 -37.91 -27.80
C PRO A 242 14.17 -39.24 -28.51
N THR A 243 13.38 -39.17 -29.58
CA THR A 243 12.99 -40.36 -30.33
C THR A 243 13.63 -40.43 -31.69
N GLY A 244 14.38 -39.40 -32.05
CA GLY A 244 15.02 -39.37 -33.36
C GLY A 244 14.36 -38.39 -34.31
N ASP A 245 13.05 -38.50 -34.43
CA ASP A 245 12.23 -37.64 -35.28
C ASP A 245 12.62 -36.18 -35.04
N LYS A 246 12.21 -35.30 -35.93
CA LYS A 246 12.55 -33.89 -35.81
C LYS A 246 11.38 -33.01 -35.36
N ASP A 247 11.68 -32.03 -34.51
CA ASP A 247 10.65 -31.12 -34.06
C ASP A 247 11.21 -29.72 -33.85
N TYR A 248 10.47 -28.72 -34.32
CA TYR A 248 10.91 -27.34 -34.20
C TYR A 248 10.70 -26.95 -32.76
N ALA A 249 11.64 -26.17 -32.21
CA ALA A 249 11.62 -25.71 -30.83
C ALA A 249 10.46 -24.80 -30.44
N TYR A 250 10.09 -24.82 -29.16
CA TYR A 250 9.02 -23.96 -28.69
C TYR A 250 9.62 -22.76 -27.92
N GLN A 251 9.63 -21.62 -28.57
CA GLN A 251 10.17 -20.40 -28.01
C GLN A 251 9.22 -19.75 -27.01
N THR A 252 9.72 -18.68 -26.39
CA THR A 252 8.96 -17.89 -25.44
C THR A 252 9.92 -16.83 -24.93
N CYS A 253 9.47 -15.58 -25.00
CA CYS A 253 10.31 -14.48 -24.54
C CYS A 253 9.55 -13.49 -23.68
N TYR A 254 10.30 -12.77 -22.86
CA TYR A 254 9.74 -11.75 -21.98
C TYR A 254 10.73 -10.61 -21.80
N GLY A 255 10.19 -9.41 -21.67
CA GLY A 255 11.03 -8.23 -21.51
C GLY A 255 10.44 -7.12 -20.67
N ILE A 256 11.34 -6.26 -20.21
CA ILE A 256 11.01 -5.10 -19.40
C ILE A 256 11.88 -3.98 -19.96
N SER A 257 11.47 -2.74 -19.78
CA SER A 257 12.26 -1.62 -20.28
C SER A 257 12.42 -0.53 -19.23
N ASP A 258 12.99 0.58 -19.65
CA ASP A 258 13.20 1.69 -18.76
C ASP A 258 11.87 2.08 -18.13
N ARG A 259 10.78 1.64 -18.75
CA ARG A 259 9.48 1.96 -18.22
C ARG A 259 9.39 1.65 -16.73
N VAL A 260 10.21 0.73 -16.25
CA VAL A 260 10.17 0.43 -14.81
C VAL A 260 10.70 1.63 -14.09
N ILE A 261 11.96 1.95 -14.34
CA ILE A 261 12.55 3.09 -13.68
C ILE A 261 11.66 4.33 -13.78
N ALA A 262 10.91 4.46 -14.87
CA ALA A 262 10.00 5.60 -15.02
C ALA A 262 8.97 5.41 -13.94
N SER A 263 8.44 4.21 -13.86
CA SER A 263 7.42 3.91 -12.90
C SER A 263 7.98 3.93 -11.49
N ILE A 264 9.22 3.50 -11.33
CA ILE A 264 9.82 3.50 -10.00
C ILE A 264 9.78 4.93 -9.59
N ILE A 265 10.20 5.80 -10.50
CA ILE A 265 10.20 7.22 -10.23
C ILE A 265 8.81 7.70 -9.82
N ALA A 266 7.86 7.64 -10.74
CA ALA A 266 6.50 8.08 -10.47
C ALA A 266 5.90 7.41 -9.22
N ILE A 267 5.23 6.28 -9.45
CA ILE A 267 4.61 5.51 -8.38
C ILE A 267 4.96 5.93 -6.95
N HIS A 268 6.26 6.01 -6.62
CA HIS A 268 6.71 6.37 -5.28
C HIS A 268 6.99 7.84 -5.09
N GLY A 269 7.66 8.45 -6.07
CA GLY A 269 8.01 9.86 -5.99
C GLY A 269 6.88 10.73 -5.46
N ASP A 270 7.24 11.78 -4.73
CA ASP A 270 6.25 12.67 -4.17
C ASP A 270 6.62 14.11 -4.48
N GLU A 271 5.72 15.03 -4.16
CA GLU A 271 5.93 16.45 -4.41
C GLU A 271 7.36 16.92 -4.16
N LYS A 272 7.93 16.52 -3.04
CA LYS A 272 9.29 16.92 -2.72
C LYS A 272 10.32 16.19 -3.61
N GLY A 273 9.83 15.31 -4.49
CA GLY A 273 10.72 14.58 -5.37
C GLY A 273 10.79 13.10 -5.08
N LEU A 274 11.82 12.41 -5.60
CA LEU A 274 11.99 10.99 -5.39
C LEU A 274 11.66 10.44 -4.03
N ILE A 275 11.75 9.12 -3.92
CA ILE A 275 11.46 8.36 -2.71
C ILE A 275 11.97 6.94 -2.94
N LEU A 276 12.24 6.65 -4.20
CA LEU A 276 12.74 5.38 -4.66
C LEU A 276 13.07 4.39 -3.56
N PRO A 277 12.54 3.17 -3.68
CA PRO A 277 12.72 2.06 -2.73
C PRO A 277 14.16 1.94 -2.29
N PRO A 278 14.42 1.46 -1.06
CA PRO A 278 15.79 1.32 -0.56
C PRO A 278 16.58 0.25 -1.28
N ILE A 279 15.86 -0.66 -1.93
CA ILE A 279 16.50 -1.74 -2.64
C ILE A 279 17.20 -1.19 -3.84
N VAL A 280 16.87 0.06 -4.18
CA VAL A 280 17.48 0.71 -5.33
C VAL A 280 18.12 2.09 -5.03
N ALA A 281 18.15 2.50 -3.79
CA ALA A 281 18.74 3.79 -3.49
C ALA A 281 20.24 3.81 -3.82
N PRO A 282 20.65 4.60 -4.82
CA PRO A 282 22.07 4.65 -5.15
C PRO A 282 22.82 4.97 -3.87
N ILE A 283 22.07 5.50 -2.91
CA ILE A 283 22.57 5.81 -1.58
C ILE A 283 21.38 5.57 -0.68
N GLN A 284 21.43 4.50 0.09
CA GLN A 284 20.35 4.15 0.99
C GLN A 284 20.35 5.06 2.19
N VAL A 285 21.53 5.44 2.63
CA VAL A 285 21.65 6.31 3.77
C VAL A 285 22.68 7.42 3.56
N VAL A 286 22.25 8.65 3.87
CA VAL A 286 23.11 9.81 3.72
C VAL A 286 23.53 10.35 5.07
N ILE A 287 24.83 10.55 5.24
CA ILE A 287 25.33 11.07 6.50
C ILE A 287 25.75 12.52 6.31
N VAL A 288 25.02 13.39 7.00
CA VAL A 288 25.25 14.83 6.96
C VAL A 288 25.97 15.38 8.16
N PRO A 289 27.27 15.66 8.00
CA PRO A 289 28.06 16.20 9.09
C PRO A 289 27.79 17.70 9.17
N LEU A 290 27.12 18.11 10.24
CA LEU A 290 26.80 19.52 10.44
C LEU A 290 27.99 20.24 11.08
N ILE A 291 28.72 21.01 10.28
CA ILE A 291 29.89 21.74 10.77
C ILE A 291 29.57 23.02 11.51
N PHE A 292 30.02 23.09 12.76
CA PHE A 292 29.81 24.26 13.60
C PHE A 292 31.13 24.88 14.04
N LYS A 293 31.14 26.20 14.28
CA LYS A 293 32.33 26.93 14.70
C LYS A 293 33.18 26.15 15.71
N GLY A 294 32.52 25.43 16.61
CA GLY A 294 33.22 24.65 17.62
C GLY A 294 33.02 23.16 17.44
N LYS A 295 34.11 22.40 17.53
CA LYS A 295 34.05 20.96 17.38
C LYS A 295 33.62 20.61 15.95
N GLU A 296 34.40 21.07 14.98
CA GLU A 296 34.09 20.78 13.58
C GLU A 296 34.63 19.40 13.30
N ASP A 297 35.80 19.13 13.85
CA ASP A 297 36.48 17.87 13.64
C ASP A 297 35.69 16.68 14.17
N ILE A 298 35.39 16.68 15.46
CA ILE A 298 34.66 15.57 16.06
C ILE A 298 33.49 15.07 15.22
N VAL A 299 32.66 15.99 14.75
CA VAL A 299 31.51 15.61 13.93
C VAL A 299 31.98 14.71 12.78
N MET A 300 32.77 15.28 11.87
CA MET A 300 33.30 14.55 10.72
C MET A 300 33.83 13.20 11.17
N GLU A 301 34.27 13.11 12.42
CA GLU A 301 34.77 11.84 12.92
C GLU A 301 33.56 10.95 13.10
N LYS A 302 32.54 11.47 13.80
CA LYS A 302 31.33 10.68 14.01
C LYS A 302 30.74 10.21 12.69
N ALA A 303 30.79 11.07 11.68
CA ALA A 303 30.27 10.71 10.36
C ALA A 303 30.91 9.40 9.98
N LYS A 304 32.24 9.39 9.91
CA LYS A 304 32.97 8.20 9.54
C LYS A 304 32.55 7.02 10.40
N GLU A 305 32.62 7.17 11.71
CA GLU A 305 32.24 6.05 12.57
C GLU A 305 30.94 5.43 12.04
N ILE A 306 29.97 6.30 11.77
CA ILE A 306 28.68 5.86 11.28
C ILE A 306 28.83 5.23 9.90
N TYR A 307 29.64 5.86 9.05
CA TYR A 307 29.90 5.33 7.72
C TYR A 307 30.33 3.87 7.93
N GLU A 308 31.60 3.69 8.27
CA GLU A 308 32.17 2.38 8.51
C GLU A 308 31.17 1.40 9.13
N LYS A 309 30.38 1.84 10.09
CA LYS A 309 29.44 0.91 10.68
C LYS A 309 28.39 0.45 9.68
N LEU A 310 27.76 1.41 8.99
CA LEU A 310 26.73 1.11 7.99
C LEU A 310 27.31 0.62 6.68
N LYS A 311 28.56 0.98 6.41
CA LYS A 311 29.28 0.63 5.18
C LYS A 311 29.15 -0.81 4.69
N GLY A 312 29.09 -1.75 5.62
CA GLY A 312 29.01 -3.15 5.22
C GLY A 312 27.76 -3.61 4.50
N LYS A 313 26.62 -3.51 5.19
CA LYS A 313 25.35 -3.94 4.64
C LYS A 313 24.67 -2.88 3.80
N PHE A 314 25.04 -1.62 4.01
CA PHE A 314 24.39 -0.53 3.31
C PHE A 314 25.22 0.42 2.46
N ARG A 315 24.50 1.17 1.63
CA ARG A 315 25.07 2.17 0.74
C ARG A 315 24.96 3.52 1.42
N VAL A 316 26.08 4.00 1.97
CA VAL A 316 26.12 5.28 2.66
C VAL A 316 26.98 6.31 1.95
N HIS A 317 26.68 7.58 2.16
CA HIS A 317 27.44 8.67 1.56
C HIS A 317 27.40 9.86 2.49
N ILE A 318 28.49 10.61 2.54
CA ILE A 318 28.56 11.76 3.42
C ILE A 318 28.69 13.05 2.65
N ASP A 319 28.09 14.12 3.17
CA ASP A 319 28.17 15.39 2.49
C ASP A 319 29.26 16.27 3.05
N ASP A 320 30.50 15.99 2.67
CA ASP A 320 31.64 16.76 3.13
C ASP A 320 31.35 18.21 2.75
N ARG A 321 30.91 18.37 1.51
CA ARG A 321 30.57 19.63 0.87
C ARG A 321 30.34 20.80 1.82
N ASP A 322 30.63 22.01 1.34
CA ASP A 322 30.42 23.20 2.16
C ASP A 322 29.17 23.92 1.69
N ILE A 323 28.13 23.87 2.49
CA ILE A 323 26.87 24.53 2.15
C ILE A 323 25.82 24.34 3.25
N ARG A 324 24.76 25.17 3.19
CA ARG A 324 23.71 25.10 4.18
C ARG A 324 23.21 23.67 4.23
N PRO A 325 23.21 23.07 5.44
CA PRO A 325 22.73 21.69 5.53
C PRO A 325 21.39 21.63 4.81
N GLY A 326 20.72 22.78 4.77
CA GLY A 326 19.43 22.88 4.14
C GLY A 326 19.44 22.33 2.74
N ARG A 327 20.14 23.00 1.84
CA ARG A 327 20.25 22.58 0.46
C ARG A 327 20.58 21.08 0.48
N LYS A 328 21.51 20.68 1.34
CA LYS A 328 21.87 19.27 1.46
C LYS A 328 20.63 18.48 1.78
N PHE A 329 20.05 18.72 2.95
CA PHE A 329 18.83 18.04 3.36
C PHE A 329 17.86 18.00 2.20
N ASN A 330 17.75 19.15 1.53
CA ASN A 330 16.84 19.33 0.42
C ASN A 330 17.32 18.59 -0.82
N ASP A 331 18.61 18.73 -1.12
CA ASP A 331 19.17 18.06 -2.29
C ASP A 331 18.98 16.54 -2.21
N TRP A 332 19.14 15.97 -1.02
CA TRP A 332 18.98 14.53 -0.83
C TRP A 332 17.56 14.09 -0.75
N GLU A 333 16.68 15.01 -0.36
CA GLU A 333 15.27 14.67 -0.27
C GLU A 333 14.78 14.50 -1.71
N ILE A 334 15.12 15.47 -2.56
CA ILE A 334 14.74 15.42 -3.96
C ILE A 334 15.23 14.12 -4.60
N LYS A 335 16.47 13.75 -4.28
CA LYS A 335 17.03 12.55 -4.84
C LYS A 335 16.40 11.32 -4.23
N GLY A 336 15.51 11.53 -3.26
CA GLY A 336 14.85 10.40 -2.63
C GLY A 336 15.70 9.46 -1.79
N VAL A 337 16.81 9.93 -1.25
CA VAL A 337 17.59 9.03 -0.41
C VAL A 337 16.67 8.63 0.75
N PRO A 338 16.35 7.33 0.84
CA PRO A 338 15.49 6.79 1.90
C PRO A 338 15.77 7.37 3.29
N LEU A 339 16.94 7.05 3.82
CA LEU A 339 17.31 7.50 5.16
C LEU A 339 18.39 8.56 5.13
N ARG A 340 18.38 9.43 6.14
CA ARG A 340 19.38 10.48 6.25
C ARG A 340 19.73 10.63 7.71
N ILE A 341 21.01 10.65 8.01
CA ILE A 341 21.49 10.79 9.36
C ILE A 341 22.13 12.13 9.59
N GLU A 342 21.62 12.86 10.57
CA GLU A 342 22.17 14.16 10.90
C GLU A 342 23.20 13.93 11.99
N VAL A 343 24.43 14.31 11.73
CA VAL A 343 25.50 14.12 12.71
C VAL A 343 25.74 15.44 13.41
N GLY A 344 25.06 15.65 14.54
CA GLY A 344 25.24 16.91 15.25
C GLY A 344 26.02 16.89 16.55
N PRO A 345 26.41 18.06 17.06
CA PRO A 345 27.17 18.26 18.30
C PRO A 345 26.34 17.98 19.56
N LYS A 346 25.31 18.78 19.78
CA LYS A 346 24.50 18.57 20.97
C LYS A 346 23.83 17.22 20.82
N ASP A 347 24.01 16.60 19.64
CA ASP A 347 23.41 15.30 19.35
C ASP A 347 24.26 14.10 19.81
N ILE A 348 25.58 14.20 19.67
CA ILE A 348 26.43 13.09 20.10
C ILE A 348 26.62 13.14 21.60
N GLU A 349 26.61 14.35 22.16
CA GLU A 349 26.79 14.54 23.61
C GLU A 349 25.78 13.73 24.43
N ASN A 350 24.54 13.63 23.92
CA ASN A 350 23.49 12.88 24.61
C ASN A 350 23.57 11.39 24.31
N LYS A 351 24.56 11.00 23.51
CA LYS A 351 24.80 9.60 23.15
C LYS A 351 23.80 9.11 22.09
N LYS A 352 23.10 10.02 21.45
CA LYS A 352 22.12 9.64 20.44
C LYS A 352 22.51 10.14 19.07
N ILE A 353 21.78 9.65 18.06
CA ILE A 353 22.01 10.03 16.67
C ILE A 353 20.62 10.10 16.05
N THR A 354 20.37 11.15 15.26
CA THR A 354 19.07 11.37 14.65
C THR A 354 18.87 11.04 13.17
N LEU A 355 17.83 10.26 12.87
CA LEU A 355 17.53 9.87 11.51
C LEU A 355 16.33 10.59 10.92
N PHE A 356 16.13 10.41 9.61
CA PHE A 356 15.06 11.06 8.88
C PHE A 356 14.54 10.08 7.84
N ARG A 357 13.23 9.84 7.83
CA ARG A 357 12.64 8.93 6.86
C ARG A 357 12.13 9.69 5.64
N ARG A 358 12.98 9.84 4.63
CA ARG A 358 12.60 10.55 3.41
C ARG A 358 11.27 10.01 2.81
N ASP A 359 10.54 9.18 3.56
CA ASP A 359 9.28 8.66 3.06
C ASP A 359 8.10 9.31 3.76
N THR A 360 8.11 9.32 5.09
CA THR A 360 7.04 9.92 5.86
C THR A 360 7.54 11.27 6.30
N MET A 361 8.80 11.52 5.98
CA MET A 361 9.46 12.77 6.32
C MET A 361 9.38 13.08 7.81
N GLU A 362 9.29 12.05 8.64
CA GLU A 362 9.22 12.22 10.07
C GLU A 362 10.63 12.04 10.58
N LYS A 363 11.07 12.90 11.49
CA LYS A 363 12.43 12.81 12.02
C LYS A 363 12.52 12.46 13.50
N PHE A 364 13.22 11.37 13.79
CA PHE A 364 13.40 10.90 15.15
C PHE A 364 14.87 10.72 15.52
N GLN A 365 15.11 10.52 16.82
CA GLN A 365 16.44 10.29 17.34
C GLN A 365 16.42 8.86 17.85
N VAL A 366 17.58 8.37 18.26
CA VAL A 366 17.67 7.02 18.78
C VAL A 366 19.06 6.82 19.35
N ASP A 367 19.21 5.81 20.20
CA ASP A 367 20.48 5.52 20.86
C ASP A 367 21.54 4.97 19.91
N GLU A 368 22.69 5.65 19.88
CA GLU A 368 23.81 5.26 19.02
C GLU A 368 24.22 3.80 19.12
N THR A 369 23.70 3.10 20.12
CA THR A 369 24.04 1.69 20.28
C THR A 369 23.11 0.76 19.53
N GLN A 370 22.03 1.31 18.99
CA GLN A 370 21.06 0.51 18.24
C GLN A 370 21.02 0.92 16.77
N LEU A 371 21.97 1.76 16.36
CA LEU A 371 22.02 2.23 14.97
C LEU A 371 21.77 1.13 13.97
N MET A 372 22.75 0.26 13.79
CA MET A 372 22.64 -0.85 12.84
C MET A 372 21.25 -1.47 12.83
N GLU A 373 20.81 -1.98 13.98
CA GLU A 373 19.50 -2.61 14.07
C GLU A 373 18.44 -1.66 13.53
N VAL A 374 18.50 -0.41 13.96
CA VAL A 374 17.54 0.59 13.51
C VAL A 374 17.57 0.79 12.00
N VAL A 375 18.70 1.28 11.49
CA VAL A 375 18.85 1.49 10.06
C VAL A 375 18.23 0.34 9.26
N GLU A 376 18.45 -0.89 9.70
CA GLU A 376 17.88 -2.05 9.03
C GLU A 376 16.37 -1.98 9.15
N LYS A 377 15.85 -2.15 10.35
CA LYS A 377 14.42 -2.13 10.56
C LYS A 377 13.78 -0.89 9.95
N THR A 378 14.35 0.29 10.18
CA THR A 378 13.80 1.52 9.62
C THR A 378 13.76 1.46 8.09
N LEU A 379 14.88 1.03 7.51
CA LEU A 379 15.02 0.92 6.05
C LEU A 379 13.99 -0.07 5.46
N ASN A 380 13.62 -1.10 6.22
CA ASN A 380 12.64 -2.07 5.77
C ASN A 380 11.31 -1.38 5.86
N ASN A 381 10.93 -1.03 7.08
CA ASN A 381 9.66 -0.37 7.33
C ASN A 381 9.34 0.59 6.20
N ILE A 382 10.34 1.35 5.77
CA ILE A 382 10.13 2.30 4.68
C ILE A 382 9.61 1.56 3.45
N MET A 383 10.41 0.66 2.91
CA MET A 383 10.00 -0.12 1.76
C MET A 383 8.59 -0.59 1.99
N GLU A 384 8.41 -1.44 3.00
CA GLU A 384 7.08 -1.97 3.33
C GLU A 384 6.02 -0.87 3.24
N ASN A 385 6.36 0.33 3.69
CA ASN A 385 5.39 1.41 3.62
C ASN A 385 5.18 1.89 2.19
N ILE A 386 6.23 2.45 1.59
CA ILE A 386 6.14 2.96 0.23
C ILE A 386 5.45 1.94 -0.66
N LYS A 387 5.67 0.66 -0.35
CA LYS A 387 5.06 -0.41 -1.13
C LYS A 387 3.57 -0.42 -0.94
N ASN A 388 3.11 -0.21 0.29
CA ASN A 388 1.68 -0.22 0.52
C ASN A 388 1.10 1.03 -0.13
N ARG A 389 1.66 2.19 0.22
CA ARG A 389 1.16 3.44 -0.35
C ARG A 389 0.96 3.22 -1.84
N ALA A 390 1.92 2.53 -2.45
CA ALA A 390 1.87 2.22 -3.86
C ALA A 390 0.64 1.41 -4.19
N TRP A 391 0.47 0.31 -3.45
CA TRP A 391 -0.66 -0.58 -3.67
C TRP A 391 -1.99 0.08 -3.38
N GLU A 392 -2.04 0.92 -2.35
CA GLU A 392 -3.30 1.56 -2.00
C GLU A 392 -3.77 2.47 -3.14
N LYS A 393 -2.90 3.35 -3.61
CA LYS A 393 -3.23 4.28 -4.69
C LYS A 393 -3.61 3.46 -5.92
N PHE A 394 -3.02 2.28 -6.01
CA PHE A 394 -3.29 1.39 -7.12
C PHE A 394 -4.71 0.88 -6.99
N GLU A 395 -4.94 0.03 -6.01
CA GLU A 395 -6.24 -0.57 -5.76
C GLU A 395 -7.39 0.46 -5.75
N ASN A 396 -7.04 1.67 -5.30
CA ASN A 396 -8.00 2.77 -5.22
C ASN A 396 -8.46 3.20 -6.62
N PHE A 397 -7.60 3.02 -7.62
CA PHE A 397 -7.89 3.39 -9.01
C PHE A 397 -8.58 2.30 -9.78
N ILE A 398 -8.70 1.14 -9.17
CA ILE A 398 -9.30 -0.01 -9.78
C ILE A 398 -10.77 -0.12 -9.46
N THR A 399 -11.60 -0.04 -10.50
CA THR A 399 -13.05 -0.13 -10.39
C THR A 399 -13.51 -1.47 -10.95
N ILE A 400 -14.16 -2.27 -10.12
CA ILE A 400 -14.66 -3.59 -10.50
C ILE A 400 -16.16 -3.61 -10.79
N LEU A 401 -16.53 -3.21 -12.01
CA LEU A 401 -17.93 -3.21 -12.38
C LEU A 401 -18.48 -4.62 -12.31
N GLU A 402 -19.79 -4.72 -12.42
CA GLU A 402 -20.48 -6.01 -12.38
C GLU A 402 -21.16 -6.23 -13.72
N ASP A 403 -21.11 -5.21 -14.57
CA ASP A 403 -21.72 -5.29 -15.88
C ASP A 403 -21.06 -4.35 -16.90
N ILE A 404 -21.02 -4.81 -18.15
CA ILE A 404 -20.38 -4.08 -19.25
C ILE A 404 -21.10 -2.92 -19.94
N ASN A 405 -21.70 -1.99 -19.20
CA ASN A 405 -22.37 -0.87 -19.85
C ASN A 405 -21.29 0.04 -20.42
N PRO A 406 -21.12 0.04 -21.76
CA PRO A 406 -20.10 0.87 -22.42
C PRO A 406 -20.24 2.37 -22.21
N ASP A 407 -21.46 2.87 -22.37
CA ASP A 407 -21.69 4.30 -22.21
C ASP A 407 -21.39 4.71 -20.76
N GLU A 408 -21.18 3.71 -19.93
CA GLU A 408 -20.90 3.91 -18.50
C GLU A 408 -19.40 3.90 -18.20
N ILE A 409 -18.70 2.94 -18.79
CA ILE A 409 -17.27 2.80 -18.59
C ILE A 409 -16.55 4.04 -19.03
N LYS A 410 -16.76 4.43 -20.29
CA LYS A 410 -16.11 5.61 -20.83
C LYS A 410 -16.42 6.80 -19.95
N ASN A 411 -17.59 6.76 -19.32
CA ASN A 411 -18.07 7.81 -18.43
C ASN A 411 -17.32 7.74 -17.09
N ILE A 412 -17.20 6.53 -16.56
CA ILE A 412 -16.53 6.32 -15.29
C ILE A 412 -15.02 6.43 -15.44
N LEU A 413 -14.55 6.48 -16.68
CA LEU A 413 -13.12 6.59 -16.97
C LEU A 413 -12.71 8.03 -17.20
N SER A 414 -13.70 8.91 -17.33
CA SER A 414 -13.43 10.32 -17.55
C SER A 414 -13.84 11.11 -16.31
N GLU A 415 -13.46 10.57 -15.15
CA GLU A 415 -13.78 11.19 -13.86
C GLU A 415 -13.01 10.44 -12.79
N LYS A 416 -13.10 9.12 -12.83
CA LYS A 416 -12.44 8.25 -11.88
C LYS A 416 -11.07 7.82 -12.45
N ARG A 417 -11.09 7.37 -13.70
CA ARG A 417 -9.88 6.92 -14.42
C ARG A 417 -9.27 5.63 -13.91
N GLY A 418 -7.96 5.51 -14.00
CA GLY A 418 -7.33 4.28 -13.54
C GLY A 418 -7.78 3.15 -14.42
N VAL A 419 -7.92 1.95 -13.85
CA VAL A 419 -8.35 0.79 -14.63
C VAL A 419 -9.79 0.34 -14.31
N ILE A 420 -10.47 -0.21 -15.31
CA ILE A 420 -11.84 -0.68 -15.19
C ILE A 420 -11.96 -2.17 -15.45
N LEU A 421 -12.30 -2.91 -14.42
CA LEU A 421 -12.45 -4.36 -14.52
C LEU A 421 -13.92 -4.70 -14.55
N VAL A 422 -14.35 -5.39 -15.59
CA VAL A 422 -15.74 -5.78 -15.70
C VAL A 422 -15.79 -7.26 -15.91
N PRO A 423 -16.84 -7.93 -15.41
CA PRO A 423 -16.96 -9.38 -15.56
C PRO A 423 -16.55 -9.83 -16.94
N PHE A 424 -15.98 -11.02 -17.04
CA PHE A 424 -15.51 -11.55 -18.31
C PHE A 424 -16.47 -12.50 -18.97
N LYS A 425 -16.81 -12.17 -20.21
CA LYS A 425 -17.71 -12.97 -21.03
C LYS A 425 -17.25 -12.87 -22.47
N GLU A 426 -16.69 -13.96 -22.98
CA GLU A 426 -16.21 -14.05 -24.35
C GLU A 426 -17.17 -13.30 -25.26
N GLU A 427 -18.46 -13.49 -24.96
CA GLU A 427 -19.58 -12.87 -25.65
C GLU A 427 -19.23 -11.65 -26.51
N ILE A 428 -19.10 -10.49 -25.86
CA ILE A 428 -18.79 -9.24 -26.53
C ILE A 428 -17.37 -8.77 -26.28
N TYR A 429 -16.44 -9.71 -26.27
CA TYR A 429 -15.04 -9.42 -26.04
C TYR A 429 -14.31 -9.47 -27.39
N ASN A 430 -14.55 -8.45 -28.21
CA ASN A 430 -13.90 -8.34 -29.52
C ASN A 430 -13.39 -6.91 -29.64
N GLU A 431 -12.85 -6.54 -30.80
CA GLU A 431 -12.30 -5.19 -30.94
C GLU A 431 -13.35 -4.08 -30.90
N GLU A 432 -14.61 -4.42 -31.14
CA GLU A 432 -15.64 -3.40 -31.10
C GLU A 432 -15.68 -2.81 -29.70
N LEU A 433 -15.72 -3.69 -28.70
CA LEU A 433 -15.74 -3.27 -27.30
C LEU A 433 -14.92 -2.00 -27.12
N GLU A 434 -13.72 -1.98 -27.69
CA GLU A 434 -12.86 -0.80 -27.58
C GLU A 434 -13.48 0.33 -28.39
N GLU A 435 -13.83 0.05 -29.64
CA GLU A 435 -14.46 1.08 -30.45
C GLU A 435 -15.82 1.35 -29.85
N LYS A 436 -16.07 0.73 -28.70
CA LYS A 436 -17.34 0.90 -28.01
C LYS A 436 -17.11 1.72 -26.73
N VAL A 437 -16.29 1.19 -25.83
CA VAL A 437 -16.00 1.90 -24.58
C VAL A 437 -15.06 3.06 -24.92
N GLU A 438 -14.45 2.97 -26.09
CA GLU A 438 -13.52 3.98 -26.60
C GLU A 438 -12.37 4.18 -25.62
N ALA A 439 -11.74 3.08 -25.23
CA ALA A 439 -10.62 3.11 -24.31
C ALA A 439 -9.50 2.27 -24.88
N THR A 440 -9.27 1.10 -24.29
CA THR A 440 -8.24 0.17 -24.75
C THR A 440 -8.22 -1.03 -23.84
N ILE A 441 -8.71 -2.16 -24.34
CA ILE A 441 -8.75 -3.38 -23.57
C ILE A 441 -7.38 -3.88 -23.16
N LEU A 442 -7.08 -3.85 -21.86
CA LEU A 442 -5.81 -4.36 -21.39
C LEU A 442 -5.82 -5.86 -21.56
N GLY A 443 -7.03 -6.41 -21.77
CA GLY A 443 -7.20 -7.84 -21.96
C GLY A 443 -7.91 -8.56 -20.84
N GLU A 444 -7.66 -9.87 -20.75
CA GLU A 444 -8.25 -10.74 -19.73
C GLU A 444 -7.42 -10.63 -18.47
N THR A 445 -8.08 -10.69 -17.33
CA THR A 445 -7.39 -10.61 -16.07
C THR A 445 -8.25 -11.22 -14.97
N GLU A 446 -7.58 -11.72 -13.94
CA GLU A 446 -8.23 -12.33 -12.80
C GLU A 446 -7.89 -11.48 -11.59
N TYR A 447 -8.89 -11.07 -10.84
CA TYR A 447 -8.65 -10.25 -9.67
C TYR A 447 -9.47 -10.70 -8.47
N LYS A 448 -8.93 -11.66 -7.73
CA LYS A 448 -9.58 -12.22 -6.55
C LYS A 448 -10.69 -13.19 -6.95
N GLY A 449 -10.31 -14.41 -7.34
CA GLY A 449 -11.30 -15.40 -7.72
C GLY A 449 -11.36 -15.67 -9.21
N ASN A 450 -12.35 -15.09 -9.89
CA ASN A 450 -12.50 -15.29 -11.34
C ASN A 450 -11.85 -14.23 -12.24
N LYS A 451 -12.19 -14.29 -13.53
CA LYS A 451 -11.64 -13.37 -14.53
C LYS A 451 -12.60 -12.24 -14.96
N TYR A 452 -12.03 -11.04 -15.12
CA TYR A 452 -12.78 -9.87 -15.55
C TYR A 452 -12.03 -9.33 -16.76
N ILE A 453 -12.55 -8.26 -17.37
CA ILE A 453 -11.88 -7.66 -18.52
C ILE A 453 -11.28 -6.38 -17.97
N ALA A 454 -10.10 -6.00 -18.47
CA ALA A 454 -9.48 -4.78 -17.97
C ALA A 454 -9.50 -3.68 -18.98
N ILE A 455 -10.35 -2.69 -18.73
CA ILE A 455 -10.49 -1.53 -19.61
C ILE A 455 -9.80 -0.36 -18.93
N ALA A 456 -9.07 0.43 -19.69
CA ALA A 456 -8.38 1.56 -19.11
C ALA A 456 -7.69 2.43 -20.15
N LYS A 457 -7.28 3.62 -19.70
CA LYS A 457 -6.60 4.59 -20.53
C LYS A 457 -5.11 4.29 -20.41
N THR A 458 -4.42 4.21 -21.55
CA THR A 458 -2.99 3.87 -21.56
C THR A 458 -2.00 4.94 -22.00
N TYR A 459 -0.75 4.71 -21.61
CA TYR A 459 0.35 5.59 -21.96
C TYR A 459 0.96 5.07 -23.26
N MET B 4 51.66 -27.23 -30.11
CA MET B 4 51.61 -27.89 -31.44
C MET B 4 50.87 -27.01 -32.45
N LEU B 5 49.83 -26.32 -32.00
CA LEU B 5 49.04 -25.46 -32.88
C LEU B 5 49.55 -24.02 -32.94
N GLU B 6 49.06 -23.27 -33.92
CA GLU B 6 49.43 -21.87 -34.11
C GLU B 6 48.44 -20.95 -33.41
N PHE B 7 48.95 -19.89 -32.78
CA PHE B 7 48.12 -18.95 -32.07
C PHE B 7 46.89 -18.48 -32.85
N SER B 8 47.08 -18.12 -34.11
CA SER B 8 45.99 -17.66 -34.96
C SER B 8 44.71 -18.43 -34.69
N GLU B 9 44.69 -19.70 -35.09
CA GLU B 9 43.51 -20.54 -34.91
C GLU B 9 43.33 -20.96 -33.47
N TRP B 10 44.43 -21.07 -32.73
CA TRP B 10 44.30 -21.46 -31.33
C TRP B 10 43.29 -20.50 -30.70
N TYR B 11 43.47 -19.21 -30.99
CA TYR B 11 42.58 -18.18 -30.48
C TYR B 11 41.21 -18.52 -31.02
N SER B 12 40.99 -18.17 -32.28
CA SER B 12 39.72 -18.41 -32.93
C SER B 12 39.06 -19.71 -32.47
N ASP B 13 39.85 -20.79 -32.40
CA ASP B 13 39.31 -22.09 -32.00
C ASP B 13 38.70 -22.07 -30.60
N ILE B 14 39.47 -21.65 -29.60
CA ILE B 14 38.98 -21.62 -28.23
C ILE B 14 37.89 -20.56 -28.01
N LEU B 15 38.09 -19.38 -28.58
CA LEU B 15 37.13 -18.31 -28.45
C LEU B 15 35.76 -18.91 -28.40
N GLU B 16 35.57 -19.90 -29.28
CA GLU B 16 34.32 -20.61 -29.41
C GLU B 16 34.32 -21.95 -28.68
N LYS B 17 35.43 -22.67 -28.74
CA LYS B 17 35.50 -23.97 -28.09
C LYS B 17 35.17 -23.84 -26.60
N ALA B 18 35.56 -22.73 -26.01
CA ALA B 18 35.33 -22.49 -24.59
C ALA B 18 34.06 -21.72 -24.28
N GLU B 19 33.24 -21.45 -25.29
CA GLU B 19 31.98 -20.75 -25.10
C GLU B 19 32.15 -19.25 -24.83
N ILE B 20 33.23 -18.65 -25.34
CA ILE B 20 33.44 -17.22 -25.12
C ILE B 20 32.71 -16.28 -26.09
N TYR B 21 33.24 -16.22 -27.31
CA TYR B 21 32.65 -15.37 -28.35
C TYR B 21 32.33 -16.21 -29.58
N ASP B 22 31.07 -16.21 -29.98
CA ASP B 22 30.68 -16.98 -31.16
C ASP B 22 30.63 -16.03 -32.36
N VAL B 23 31.68 -16.04 -33.18
CA VAL B 23 31.73 -15.16 -34.33
C VAL B 23 30.95 -15.60 -35.57
N ARG B 24 30.06 -16.57 -35.42
CA ARG B 24 29.29 -17.05 -36.56
C ARG B 24 28.13 -16.15 -36.99
N TYR B 25 27.99 -14.99 -36.33
CA TYR B 25 26.93 -14.04 -36.65
C TYR B 25 27.28 -13.36 -37.97
N PRO B 26 26.44 -13.56 -38.98
CA PRO B 26 26.49 -13.07 -40.37
C PRO B 26 26.89 -11.63 -40.67
N ILE B 27 27.92 -11.12 -40.00
CA ILE B 27 28.42 -9.77 -40.24
C ILE B 27 29.87 -9.72 -39.79
N LYS B 28 30.76 -9.43 -40.74
CA LYS B 28 32.19 -9.36 -40.46
C LYS B 28 32.39 -8.75 -39.09
N GLY B 29 33.17 -9.43 -38.25
CA GLY B 29 33.45 -8.95 -36.90
C GLY B 29 32.22 -8.37 -36.25
N CYS B 30 31.34 -9.24 -35.77
CA CYS B 30 30.11 -8.81 -35.12
C CYS B 30 29.52 -9.91 -34.28
N GLY B 31 30.33 -10.90 -33.93
CA GLY B 31 29.85 -12.02 -33.13
C GLY B 31 29.04 -11.71 -31.88
N VAL B 32 28.74 -12.76 -31.11
CA VAL B 32 27.97 -12.63 -29.89
C VAL B 32 28.65 -13.32 -28.73
N TYR B 33 28.81 -12.57 -27.64
CA TYR B 33 29.42 -13.10 -26.41
C TYR B 33 28.46 -14.15 -25.86
N LEU B 34 28.95 -15.34 -25.58
CA LEU B 34 28.05 -16.36 -25.08
C LEU B 34 27.97 -16.26 -23.58
N PRO B 35 26.97 -16.89 -22.96
CA PRO B 35 26.89 -16.79 -21.50
C PRO B 35 28.26 -16.77 -20.81
N TYR B 36 29.03 -17.85 -20.96
CA TYR B 36 30.32 -17.88 -20.30
C TYR B 36 31.13 -16.71 -20.80
N GLY B 37 30.83 -16.26 -22.00
CA GLY B 37 31.57 -15.13 -22.53
C GLY B 37 31.20 -13.85 -21.81
N PHE B 38 29.91 -13.62 -21.68
CA PHE B 38 29.44 -12.42 -21.01
C PHE B 38 29.99 -12.40 -19.59
N LYS B 39 29.64 -13.43 -18.83
CA LYS B 39 30.12 -13.55 -17.46
C LYS B 39 31.60 -13.17 -17.36
N ILE B 40 32.45 -13.85 -18.12
CA ILE B 40 33.88 -13.58 -18.06
C ILE B 40 34.17 -12.11 -18.27
N ARG B 41 33.42 -11.47 -19.17
CA ARG B 41 33.66 -10.06 -19.40
C ARG B 41 33.06 -9.15 -18.32
N ARG B 42 32.06 -9.65 -17.59
CA ARG B 42 31.45 -8.86 -16.54
C ARG B 42 32.49 -8.45 -15.51
N TYR B 43 33.10 -9.46 -14.88
CA TYR B 43 34.11 -9.21 -13.85
C TYR B 43 35.33 -8.60 -14.51
N THR B 44 35.58 -9.01 -15.73
CA THR B 44 36.71 -8.43 -16.43
C THR B 44 36.51 -6.93 -16.31
N PHE B 45 35.30 -6.47 -16.63
CA PHE B 45 35.03 -5.05 -16.60
C PHE B 45 34.55 -4.43 -15.32
N GLU B 46 34.18 -5.22 -14.33
CA GLU B 46 33.76 -4.65 -13.05
C GLU B 46 35.03 -4.04 -12.43
N ILE B 47 36.18 -4.61 -12.72
CA ILE B 47 37.41 -4.07 -12.19
C ILE B 47 37.57 -2.63 -12.65
N ILE B 48 37.82 -2.43 -13.94
CA ILE B 48 38.00 -1.08 -14.47
C ILE B 48 36.97 -0.10 -13.94
N ARG B 49 35.73 -0.56 -13.78
CA ARG B 49 34.64 0.27 -13.28
C ARG B 49 35.02 0.80 -11.93
N ASN B 50 35.10 -0.11 -10.96
CA ASN B 50 35.46 0.25 -9.60
C ASN B 50 36.65 1.19 -9.59
N LEU B 51 37.71 0.81 -10.30
CA LEU B 51 38.92 1.64 -10.39
C LEU B 51 38.54 3.06 -10.77
N LEU B 52 37.61 3.16 -11.71
CA LEU B 52 37.11 4.44 -12.20
C LEU B 52 36.29 5.10 -11.11
N ASP B 53 35.35 4.35 -10.57
CA ASP B 53 34.48 4.86 -9.53
C ASP B 53 35.27 5.33 -8.32
N GLU B 54 36.10 4.45 -7.79
CA GLU B 54 36.93 4.75 -6.62
C GLU B 54 37.98 5.82 -6.93
N SER B 55 37.82 6.52 -8.05
CA SER B 55 38.79 7.54 -8.43
C SER B 55 38.15 8.82 -8.93
N GLY B 56 36.95 9.13 -8.44
CA GLY B 56 36.27 10.36 -8.84
C GLY B 56 35.56 10.44 -10.19
N HIS B 57 35.27 9.30 -10.81
CA HIS B 57 34.57 9.27 -12.09
C HIS B 57 33.14 8.86 -11.87
N ASP B 58 32.28 9.17 -12.84
CA ASP B 58 30.87 8.79 -12.78
C ASP B 58 30.46 8.08 -14.06
N GLU B 59 29.79 6.95 -13.92
CA GLU B 59 29.37 6.24 -15.12
C GLU B 59 28.04 6.77 -15.60
N ALA B 60 28.04 7.26 -16.83
CA ALA B 60 26.84 7.78 -17.44
C ALA B 60 26.48 6.91 -18.63
N LEU B 61 25.46 7.32 -19.37
CA LEU B 61 25.06 6.59 -20.56
C LEU B 61 24.48 7.60 -21.51
N PHE B 62 25.13 7.75 -22.66
CA PHE B 62 24.70 8.69 -23.68
C PHE B 62 24.15 7.98 -24.92
N PRO B 63 23.32 8.69 -25.70
CA PRO B 63 22.72 8.13 -26.90
C PRO B 63 23.80 7.55 -27.78
N MET B 64 23.41 6.60 -28.63
CA MET B 64 24.34 5.97 -29.53
C MET B 64 24.25 6.60 -30.92
N LEU B 65 23.20 7.40 -31.15
CA LEU B 65 23.02 8.03 -32.45
C LEU B 65 23.39 9.51 -32.51
N ILE B 66 24.45 9.83 -33.23
CA ILE B 66 24.88 11.22 -33.37
C ILE B 66 24.34 11.76 -34.66
N PRO B 67 23.65 12.90 -34.63
CA PRO B 67 23.12 13.47 -35.86
C PRO B 67 24.31 14.02 -36.62
N GLU B 68 24.20 14.11 -37.94
CA GLU B 68 25.30 14.61 -38.76
C GLU B 68 25.85 15.92 -38.17
N ASP B 69 24.96 16.91 -38.10
CA ASP B 69 25.29 18.23 -37.58
C ASP B 69 26.52 18.24 -36.69
N LEU B 70 26.48 17.42 -35.65
CA LEU B 70 27.57 17.35 -34.70
C LEU B 70 28.85 16.73 -35.25
N LEU B 71 28.78 15.46 -35.66
CA LEU B 71 29.96 14.78 -36.18
C LEU B 71 30.64 15.63 -37.26
N ALA B 72 29.98 16.72 -37.64
CA ALA B 72 30.53 17.64 -38.63
C ALA B 72 31.61 18.44 -37.93
N LYS B 73 31.21 19.25 -36.96
CA LYS B 73 32.16 20.05 -36.19
C LYS B 73 33.19 19.10 -35.62
N GLU B 74 32.88 17.81 -35.65
CA GLU B 74 33.79 16.79 -35.16
C GLU B 74 34.95 16.72 -36.14
N ALA B 75 35.04 17.72 -37.01
CA ALA B 75 36.10 17.80 -38.01
C ALA B 75 36.15 19.20 -38.60
N GLU B 76 37.27 19.52 -39.24
CA GLU B 76 37.40 20.83 -39.86
C GLU B 76 36.69 20.81 -41.21
N HIS B 77 36.80 19.69 -41.92
CA HIS B 77 36.16 19.50 -43.22
C HIS B 77 35.67 18.05 -43.32
N ILE B 78 36.42 17.21 -44.03
CA ILE B 78 36.14 15.78 -44.20
C ILE B 78 37.49 15.06 -44.35
N LYS B 79 38.22 15.01 -43.23
CA LYS B 79 39.55 14.39 -43.19
C LYS B 79 39.48 12.94 -42.73
N GLY B 80 39.74 12.02 -43.67
CA GLY B 80 39.72 10.59 -43.37
C GLY B 80 39.21 10.23 -41.99
N PHE B 81 37.91 10.38 -41.79
CA PHE B 81 37.33 10.08 -40.49
C PHE B 81 35.83 9.79 -40.65
N GLU B 82 35.11 10.64 -41.37
CA GLU B 82 33.68 10.43 -41.58
C GLU B 82 33.50 9.30 -42.59
N ASP B 83 34.62 8.76 -43.06
CA ASP B 83 34.61 7.67 -44.04
C ASP B 83 34.29 6.34 -43.36
N GLU B 84 34.86 6.14 -42.18
CA GLU B 84 34.65 4.91 -41.44
C GLU B 84 33.58 5.07 -40.37
N VAL B 85 32.47 5.69 -40.74
CA VAL B 85 31.35 5.89 -39.83
C VAL B 85 30.05 5.34 -40.40
N TYR B 86 29.31 4.59 -39.59
CA TYR B 86 28.05 4.04 -40.02
C TYR B 86 27.03 5.15 -39.97
N TRP B 87 26.21 5.24 -41.01
CA TRP B 87 25.19 6.27 -41.08
C TRP B 87 23.79 5.75 -41.22
N VAL B 88 22.88 6.31 -40.45
CA VAL B 88 21.49 5.91 -40.58
C VAL B 88 20.85 6.91 -41.53
N THR B 89 19.91 6.46 -42.35
CA THR B 89 19.32 7.33 -43.33
C THR B 89 17.81 7.31 -43.47
N HIS B 90 17.19 6.17 -43.18
CA HIS B 90 15.75 6.10 -43.33
C HIS B 90 14.99 5.62 -42.10
N GLY B 91 13.68 5.83 -42.16
CA GLY B 91 12.80 5.42 -41.09
C GLY B 91 11.64 4.72 -41.79
N GLY B 92 11.86 3.47 -42.14
CA GLY B 92 10.84 2.71 -42.84
C GLY B 92 11.15 2.82 -44.32
N LYS B 93 10.71 3.91 -44.93
CA LYS B 93 10.96 4.15 -46.34
C LYS B 93 11.01 5.65 -46.53
N THR B 94 10.91 6.38 -45.42
CA THR B 94 10.95 7.83 -45.42
C THR B 94 12.33 8.28 -44.95
N GLN B 95 13.11 8.87 -45.85
CA GLN B 95 14.46 9.34 -45.53
C GLN B 95 14.42 10.18 -44.26
N LEU B 96 15.56 10.37 -43.61
CA LEU B 96 15.62 11.13 -42.36
C LEU B 96 15.99 12.59 -42.50
N ASP B 97 16.51 12.97 -43.66
CA ASP B 97 16.92 14.35 -43.91
C ASP B 97 17.85 14.92 -42.84
N VAL B 98 18.09 14.16 -41.78
CA VAL B 98 18.95 14.60 -40.69
C VAL B 98 20.19 13.73 -40.53
N LYS B 99 20.16 12.53 -41.08
CA LYS B 99 21.30 11.61 -41.00
C LYS B 99 21.93 11.45 -39.63
N LEU B 100 21.46 10.46 -38.89
CA LEU B 100 22.02 10.18 -37.58
C LEU B 100 23.05 9.12 -37.90
N ALA B 101 24.11 9.09 -37.12
CA ALA B 101 25.18 8.13 -37.34
C ALA B 101 25.48 7.27 -36.12
N LEU B 102 25.95 6.06 -36.37
CA LEU B 102 26.29 5.16 -35.29
C LEU B 102 27.61 5.67 -34.68
N ARG B 103 27.57 5.90 -33.37
CA ARG B 103 28.71 6.44 -32.64
C ARG B 103 29.98 5.64 -32.73
N PRO B 104 31.05 6.27 -33.23
CA PRO B 104 32.37 5.63 -33.38
C PRO B 104 33.23 5.85 -32.13
N THR B 105 33.23 7.10 -31.65
CA THR B 105 34.02 7.47 -30.47
C THR B 105 33.15 8.14 -29.39
N SER B 106 31.85 8.06 -29.58
CA SER B 106 30.87 8.62 -28.65
C SER B 106 31.34 9.84 -27.87
N GLU B 107 32.16 10.68 -28.48
CA GLU B 107 32.63 11.87 -27.77
C GLU B 107 31.83 13.10 -28.20
N THR B 108 31.63 13.25 -29.51
CA THR B 108 30.87 14.37 -30.04
C THR B 108 29.73 14.74 -29.09
N PRO B 109 28.83 13.79 -28.82
CA PRO B 109 27.67 14.02 -27.93
C PRO B 109 28.07 14.41 -26.50
N ILE B 110 28.91 13.60 -25.87
CA ILE B 110 29.34 13.91 -24.52
C ILE B 110 29.88 15.35 -24.41
N TYR B 111 30.26 15.91 -25.54
CA TYR B 111 30.78 17.27 -25.54
C TYR B 111 29.65 18.25 -25.82
N TYR B 112 28.79 17.92 -26.77
CA TYR B 112 27.66 18.80 -27.02
C TYR B 112 26.97 18.94 -25.68
N MET B 113 27.12 17.90 -24.86
CA MET B 113 26.49 17.89 -23.57
C MET B 113 27.24 18.74 -22.58
N MET B 114 28.55 18.59 -22.54
CA MET B 114 29.35 19.39 -21.62
C MET B 114 29.02 20.85 -21.87
N LYS B 115 28.68 21.16 -23.11
CA LYS B 115 28.34 22.52 -23.45
C LYS B 115 27.36 23.09 -22.43
N LEU B 116 26.53 22.21 -21.90
CA LEU B 116 25.51 22.63 -20.94
C LEU B 116 25.88 22.43 -19.46
N TRP B 117 26.60 21.36 -19.15
CA TRP B 117 26.95 21.13 -17.75
C TRP B 117 28.14 21.97 -17.30
N VAL B 118 28.62 22.85 -18.15
CA VAL B 118 29.74 23.69 -17.80
C VAL B 118 29.32 25.14 -17.96
N LYS B 119 29.54 25.94 -16.92
CA LYS B 119 29.19 27.36 -16.93
C LYS B 119 30.15 28.12 -16.04
N VAL B 120 30.45 27.56 -14.87
CA VAL B 120 31.36 28.19 -13.93
C VAL B 120 32.40 27.20 -13.47
N HIS B 121 33.61 27.68 -13.20
CA HIS B 121 34.70 26.83 -12.75
C HIS B 121 34.24 25.84 -11.69
N THR B 122 33.22 26.23 -10.93
CA THR B 122 32.66 25.40 -9.88
C THR B 122 32.31 24.04 -10.48
N ASP B 123 31.79 24.08 -11.69
CA ASP B 123 31.35 22.91 -12.42
C ASP B 123 32.44 22.04 -13.04
N LEU B 124 33.68 22.26 -12.63
CA LEU B 124 34.79 21.46 -13.16
C LEU B 124 35.80 21.24 -12.06
N PRO B 125 36.53 20.12 -12.12
CA PRO B 125 36.46 19.08 -13.13
C PRO B 125 35.27 18.14 -13.04
N ILE B 126 34.92 17.56 -14.17
CA ILE B 126 33.83 16.58 -14.27
C ILE B 126 34.39 15.40 -15.05
N LYS B 127 34.65 14.31 -14.33
CA LYS B 127 35.18 13.09 -14.91
C LYS B 127 34.02 12.14 -15.17
N ILE B 128 33.62 12.02 -16.44
CA ILE B 128 32.48 11.20 -16.82
C ILE B 128 32.82 10.10 -17.82
N TYR B 129 32.29 8.91 -17.60
CA TYR B 129 32.55 7.78 -18.48
C TYR B 129 31.35 6.85 -18.64
N GLN B 130 31.37 6.06 -19.70
CA GLN B 130 30.32 5.11 -19.97
C GLN B 130 30.95 3.93 -20.68
N ILE B 131 30.47 2.72 -20.41
CA ILE B 131 31.03 1.53 -21.06
C ILE B 131 29.97 1.09 -22.02
N VAL B 132 30.07 1.63 -23.22
CA VAL B 132 29.11 1.37 -24.27
C VAL B 132 29.63 0.46 -25.37
N ASN B 133 29.02 0.58 -26.53
CA ASN B 133 29.41 -0.19 -27.69
C ASN B 133 29.40 0.79 -28.85
N THR B 134 30.51 0.83 -29.57
CA THR B 134 30.65 1.72 -30.72
C THR B 134 30.51 0.94 -32.04
N PHE B 135 30.62 1.62 -33.17
CA PHE B 135 30.49 0.96 -34.47
C PHE B 135 31.39 1.61 -35.50
N ARG B 136 32.52 0.98 -35.78
CA ARG B 136 33.42 1.51 -36.77
C ARG B 136 33.39 0.65 -38.02
N TYR B 137 32.90 1.23 -39.12
CA TYR B 137 32.84 0.50 -40.39
C TYR B 137 34.25 0.15 -40.83
N GLU B 138 34.62 -1.11 -40.62
CA GLU B 138 35.94 -1.61 -40.93
C GLU B 138 35.98 -2.49 -42.17
N THR B 139 36.73 -2.02 -43.17
CA THR B 139 36.87 -2.76 -44.42
C THR B 139 37.87 -3.90 -44.16
N LYS B 140 38.93 -3.56 -43.44
CA LYS B 140 40.00 -4.48 -43.08
C LYS B 140 39.46 -5.81 -42.55
N HIS B 141 40.31 -6.83 -42.51
CA HIS B 141 39.92 -8.14 -42.00
C HIS B 141 39.71 -8.00 -40.49
N THR B 142 38.58 -8.50 -39.99
CA THR B 142 38.31 -8.38 -38.57
C THR B 142 39.02 -9.43 -37.73
N ARG B 143 39.10 -9.16 -36.45
CA ARG B 143 39.74 -10.05 -35.51
C ARG B 143 38.86 -10.07 -34.27
N PRO B 144 38.16 -11.18 -34.04
CA PRO B 144 37.27 -11.38 -32.90
C PRO B 144 37.83 -10.82 -31.62
N LEU B 145 37.06 -9.93 -30.99
CA LEU B 145 37.45 -9.28 -29.75
C LEU B 145 38.66 -8.38 -29.91
N ILE B 146 39.20 -8.30 -31.12
CA ILE B 146 40.34 -7.42 -31.38
C ILE B 146 39.81 -6.34 -32.31
N ARG B 147 40.02 -6.50 -33.61
CA ARG B 147 39.51 -5.53 -34.56
C ARG B 147 38.14 -6.04 -34.96
N LEU B 148 37.11 -5.33 -34.49
CA LEU B 148 35.71 -5.67 -34.73
C LEU B 148 34.98 -4.56 -35.50
N ARG B 149 33.79 -4.87 -35.99
CA ARG B 149 32.98 -3.90 -36.73
C ARG B 149 32.08 -3.25 -35.69
N GLU B 150 31.77 -4.00 -34.63
CA GLU B 150 30.94 -3.53 -33.53
C GLU B 150 31.69 -3.89 -32.24
N ILE B 151 32.16 -2.87 -31.52
CA ILE B 151 32.90 -3.08 -30.28
C ILE B 151 31.93 -3.09 -29.11
N MET B 152 31.33 -4.24 -28.85
CA MET B 152 30.36 -4.39 -27.79
C MET B 152 30.74 -3.86 -26.40
N THR B 153 32.03 -3.90 -26.06
CA THR B 153 32.45 -3.42 -24.75
C THR B 153 33.55 -2.38 -24.88
N PHE B 154 33.15 -1.12 -25.00
CA PHE B 154 34.07 0.00 -25.15
C PHE B 154 33.92 1.03 -24.05
N LYS B 155 34.61 0.84 -22.93
CA LYS B 155 34.51 1.79 -21.83
C LYS B 155 35.29 3.06 -22.12
N GLU B 156 34.56 4.15 -22.36
CA GLU B 156 35.20 5.43 -22.67
C GLU B 156 35.00 6.48 -21.58
N ALA B 157 36.12 6.95 -21.01
CA ALA B 157 36.05 7.96 -19.98
C ALA B 157 36.24 9.31 -20.62
N HIS B 158 35.84 10.34 -19.93
CA HIS B 158 35.95 11.70 -20.43
C HIS B 158 36.10 12.64 -19.26
N THR B 159 36.93 13.67 -19.41
CA THR B 159 37.15 14.65 -18.35
C THR B 159 37.28 16.08 -18.82
N ALA B 160 36.93 17.00 -17.93
CA ALA B 160 37.01 18.43 -18.20
C ALA B 160 37.78 19.06 -17.04
N HIS B 161 38.58 20.06 -17.34
CA HIS B 161 39.37 20.72 -16.32
C HIS B 161 39.44 22.23 -16.59
N SER B 162 39.48 23.02 -15.53
CA SER B 162 39.54 24.46 -15.69
C SER B 162 40.93 24.86 -16.17
N THR B 163 41.95 24.20 -15.63
CA THR B 163 43.33 24.51 -15.99
C THR B 163 44.05 23.43 -16.77
N LYS B 164 45.01 23.86 -17.60
CA LYS B 164 45.79 22.94 -18.41
C LYS B 164 46.47 21.89 -17.53
N GLU B 165 47.09 22.34 -16.46
CA GLU B 165 47.81 21.45 -15.55
C GLU B 165 46.93 20.37 -14.93
N GLU B 166 45.72 20.74 -14.52
CA GLU B 166 44.83 19.77 -13.91
C GLU B 166 44.61 18.60 -14.87
N ALA B 167 44.44 18.90 -16.14
CA ALA B 167 44.23 17.86 -17.14
C ALA B 167 45.44 16.95 -17.14
N GLU B 168 46.62 17.55 -17.26
CA GLU B 168 47.89 16.82 -17.25
C GLU B 168 47.91 15.73 -16.17
N ASN B 169 47.65 16.13 -14.93
CA ASN B 169 47.62 15.19 -13.82
C ASN B 169 46.45 14.22 -13.93
N GLN B 170 45.51 14.53 -14.83
CA GLN B 170 44.35 13.66 -15.01
C GLN B 170 44.72 12.53 -15.94
N VAL B 171 45.62 12.81 -16.86
CA VAL B 171 46.10 11.81 -17.80
C VAL B 171 47.08 10.90 -17.08
N LYS B 172 47.91 11.50 -16.22
CA LYS B 172 48.90 10.75 -15.46
C LYS B 172 48.17 9.94 -14.41
N GLU B 173 46.89 10.24 -14.25
CA GLU B 173 46.02 9.52 -13.32
C GLU B 173 45.37 8.37 -14.10
N ALA B 174 44.93 8.67 -15.32
CA ALA B 174 44.29 7.66 -16.18
C ALA B 174 45.26 6.50 -16.29
N ILE B 175 46.46 6.80 -16.73
CA ILE B 175 47.48 5.79 -16.87
C ILE B 175 47.52 4.93 -15.63
N SER B 176 47.99 5.51 -14.53
CA SER B 176 48.08 4.80 -13.27
C SER B 176 46.89 3.88 -13.12
N ILE B 177 45.68 4.41 -13.27
CA ILE B 177 44.51 3.59 -13.16
C ILE B 177 44.64 2.37 -14.05
N TYR B 178 44.75 2.59 -15.37
CA TYR B 178 44.88 1.47 -16.29
C TYR B 178 46.00 0.55 -15.85
N LYS B 179 47.15 1.14 -15.57
CA LYS B 179 48.31 0.38 -15.12
C LYS B 179 47.87 -0.63 -14.09
N LYS B 180 47.23 -0.16 -13.02
CA LYS B 180 46.77 -1.02 -11.96
C LYS B 180 45.60 -1.89 -12.43
N PHE B 181 44.83 -1.40 -13.40
CA PHE B 181 43.74 -2.19 -13.92
C PHE B 181 44.36 -3.43 -14.49
N PHE B 182 45.31 -3.24 -15.39
CA PHE B 182 46.01 -4.33 -16.05
C PHE B 182 46.90 -5.15 -15.11
N ASP B 183 47.27 -4.58 -13.97
CA ASP B 183 48.09 -5.31 -13.03
C ASP B 183 47.25 -6.36 -12.31
N THR B 184 46.00 -6.04 -12.01
CA THR B 184 45.12 -6.99 -11.32
C THR B 184 44.57 -8.00 -12.32
N LEU B 185 44.86 -7.76 -13.59
CA LEU B 185 44.42 -8.64 -14.67
C LEU B 185 45.57 -9.52 -15.09
N GLY B 186 46.77 -9.12 -14.70
CA GLY B 186 47.97 -9.89 -15.03
C GLY B 186 48.59 -9.54 -16.37
N ILE B 187 47.98 -8.61 -17.11
CA ILE B 187 48.53 -8.26 -18.40
C ILE B 187 49.80 -7.42 -18.34
N PRO B 188 50.79 -7.79 -19.16
CA PRO B 188 52.08 -7.13 -19.30
C PRO B 188 51.84 -6.00 -20.28
N TYR B 189 52.29 -4.80 -19.97
CA TYR B 189 52.08 -3.66 -20.85
C TYR B 189 53.35 -2.85 -21.08
N LEU B 190 53.33 -2.03 -22.12
CA LEU B 190 54.47 -1.19 -22.47
C LEU B 190 53.86 0.16 -22.82
N ILE B 191 53.93 1.09 -21.87
CA ILE B 191 53.34 2.42 -22.06
C ILE B 191 54.11 3.33 -23.01
N SER B 192 53.75 3.29 -24.28
CA SER B 192 54.42 4.12 -25.26
C SER B 192 53.96 5.56 -25.07
N LYS B 193 53.89 6.30 -26.17
CA LYS B 193 53.46 7.69 -26.17
C LYS B 193 53.28 8.08 -27.62
N ARG B 194 52.52 7.28 -28.35
CA ARG B 194 52.25 7.50 -29.78
C ARG B 194 52.84 8.78 -30.34
N PRO B 195 53.73 8.65 -31.33
CA PRO B 195 54.41 9.76 -31.99
C PRO B 195 53.44 10.72 -32.66
N GLU B 196 53.79 12.00 -32.66
CA GLU B 196 52.94 13.04 -33.22
C GLU B 196 52.32 12.77 -34.60
N TRP B 197 53.15 12.55 -35.61
CA TRP B 197 52.65 12.31 -36.96
C TRP B 197 51.44 11.37 -37.05
N ASP B 198 51.21 10.59 -35.99
CA ASP B 198 50.08 9.65 -35.94
C ASP B 198 49.10 10.22 -34.91
N LYS B 199 48.16 11.04 -35.39
CA LYS B 199 47.20 11.70 -34.49
C LYS B 199 45.81 11.12 -34.28
N PHE B 200 45.08 11.80 -33.40
CA PHE B 200 43.71 11.50 -33.00
C PHE B 200 42.90 12.72 -33.50
N PRO B 201 41.62 12.51 -33.88
CA PRO B 201 40.80 13.61 -34.37
C PRO B 201 41.20 14.99 -33.88
N GLY B 202 41.25 15.15 -32.56
CA GLY B 202 41.62 16.44 -32.01
C GLY B 202 42.38 16.34 -30.71
N ALA B 203 43.47 15.58 -30.72
CA ALA B 203 44.28 15.40 -29.51
C ALA B 203 45.64 16.04 -29.61
N GLU B 204 46.18 16.48 -28.48
CA GLU B 204 47.49 17.09 -28.46
C GLU B 204 48.55 15.97 -28.51
N TYR B 205 48.63 15.17 -27.45
CA TYR B 205 49.55 14.06 -27.39
C TYR B 205 48.75 12.86 -26.91
N THR B 206 49.02 11.69 -27.47
CA THR B 206 48.27 10.49 -27.14
C THR B 206 49.04 9.31 -26.56
N MET B 207 48.94 9.13 -25.25
CA MET B 207 49.59 8.02 -24.55
C MET B 207 48.84 6.71 -24.82
N ALA B 208 49.52 5.58 -24.70
CA ALA B 208 48.89 4.27 -24.93
C ALA B 208 49.70 3.10 -24.39
N PHE B 209 48.98 2.05 -24.04
CA PHE B 209 49.56 0.82 -23.51
C PHE B 209 49.56 -0.24 -24.60
N ASP B 210 50.67 -0.97 -24.70
CA ASP B 210 50.80 -2.04 -25.69
C ASP B 210 51.13 -3.35 -25.00
N THR B 211 50.64 -4.43 -25.58
CA THR B 211 50.91 -5.77 -25.06
C THR B 211 51.36 -6.60 -26.26
N ILE B 212 51.93 -7.76 -26.00
CA ILE B 212 52.37 -8.57 -27.11
C ILE B 212 51.79 -9.96 -27.05
N PHE B 213 51.02 -10.29 -28.07
CA PHE B 213 50.39 -11.60 -28.14
C PHE B 213 51.49 -12.58 -28.46
N PRO B 214 51.31 -13.84 -28.07
CA PRO B 214 52.28 -14.92 -28.30
C PRO B 214 52.81 -15.04 -29.73
N ASP B 215 52.11 -14.44 -30.70
CA ASP B 215 52.55 -14.49 -32.08
C ASP B 215 53.45 -13.31 -32.38
N GLY B 216 53.92 -12.64 -31.33
CA GLY B 216 54.82 -11.52 -31.51
C GLY B 216 54.26 -10.23 -32.07
N ARG B 217 52.97 -10.21 -32.37
CA ARG B 217 52.37 -9.00 -32.87
C ARG B 217 52.04 -8.21 -31.61
N THR B 218 52.13 -6.89 -31.66
CA THR B 218 51.77 -6.09 -30.49
C THR B 218 50.31 -5.70 -30.58
N MET B 219 49.68 -5.66 -29.42
CA MET B 219 48.28 -5.35 -29.29
C MET B 219 48.18 -4.09 -28.47
N GLN B 220 47.22 -3.24 -28.83
CA GLN B 220 47.03 -2.01 -28.08
C GLN B 220 45.85 -2.18 -27.15
N ILE B 221 46.14 -2.28 -25.85
CA ILE B 221 45.09 -2.46 -24.85
C ILE B 221 44.58 -1.15 -24.24
N ALA B 222 45.43 -0.13 -24.16
CA ALA B 222 44.99 1.12 -23.57
C ALA B 222 45.44 2.36 -24.32
N THR B 223 44.56 3.35 -24.35
CA THR B 223 44.84 4.61 -25.01
C THR B 223 44.39 5.74 -24.09
N VAL B 224 45.12 6.83 -24.11
CA VAL B 224 44.84 8.01 -23.31
C VAL B 224 45.13 9.24 -24.10
N HIS B 225 44.26 10.23 -24.01
CA HIS B 225 44.45 11.46 -24.75
C HIS B 225 44.40 12.70 -23.89
N ASN B 226 45.00 13.76 -24.40
CA ASN B 226 44.99 15.03 -23.75
C ASN B 226 44.45 15.85 -24.90
N LEU B 227 43.14 16.00 -24.92
CA LEU B 227 42.47 16.74 -25.97
C LEU B 227 42.64 18.24 -25.81
N GLY B 228 43.26 18.66 -24.72
CA GLY B 228 43.45 20.08 -24.51
C GLY B 228 42.17 20.81 -24.84
N GLN B 229 42.31 22.03 -25.34
CA GLN B 229 41.14 22.82 -25.68
C GLN B 229 40.64 22.58 -27.08
N ASN B 230 41.40 21.83 -27.86
CA ASN B 230 41.01 21.54 -29.23
C ASN B 230 39.52 21.32 -29.36
N PHE B 231 38.91 20.64 -28.39
CA PHE B 231 37.49 20.35 -28.42
C PHE B 231 36.64 21.39 -27.71
N SER B 232 37.12 21.84 -26.57
CA SER B 232 36.39 22.85 -25.81
C SER B 232 35.95 23.99 -26.72
N LYS B 233 36.88 24.45 -27.55
CA LYS B 233 36.64 25.56 -28.49
C LYS B 233 35.56 25.32 -29.54
N THR B 234 35.52 24.13 -30.11
CA THR B 234 34.54 23.84 -31.14
C THR B 234 33.16 23.61 -30.59
N PHE B 235 33.09 22.98 -29.42
CA PHE B 235 31.80 22.71 -28.80
C PHE B 235 31.41 23.80 -27.84
N GLU B 236 32.07 24.94 -27.95
CA GLU B 236 31.82 26.09 -27.09
C GLU B 236 31.70 25.69 -25.63
N ILE B 237 32.62 24.87 -25.14
CA ILE B 237 32.55 24.52 -23.73
C ILE B 237 33.31 25.61 -22.97
N ILE B 238 32.59 26.69 -22.66
CA ILE B 238 33.15 27.83 -21.93
C ILE B 238 32.78 27.72 -20.47
N PHE B 239 33.42 28.51 -19.63
CA PHE B 239 33.15 28.50 -18.20
C PHE B 239 33.86 29.67 -17.55
N GLU B 240 33.14 30.46 -16.78
CA GLU B 240 33.73 31.59 -16.10
C GLU B 240 34.83 31.11 -15.17
N THR B 241 36.06 31.50 -15.45
CA THR B 241 37.19 31.13 -14.60
C THR B 241 36.95 31.78 -13.26
N PRO B 242 37.82 31.51 -12.28
CA PRO B 242 37.59 32.15 -10.99
C PRO B 242 38.09 33.59 -11.00
N THR B 243 38.03 34.22 -12.17
CA THR B 243 38.45 35.59 -12.35
C THR B 243 37.52 36.29 -13.32
N GLY B 244 36.32 35.74 -13.47
CA GLY B 244 35.35 36.32 -14.37
C GLY B 244 35.70 36.23 -15.86
N ASP B 245 36.85 35.64 -16.16
CA ASP B 245 37.28 35.49 -17.55
C ASP B 245 36.62 34.28 -18.21
N LYS B 246 36.69 34.25 -19.53
CA LYS B 246 36.12 33.16 -20.29
C LYS B 246 37.25 32.27 -20.82
N ASP B 247 37.50 31.16 -20.13
CA ASP B 247 38.55 30.22 -20.52
C ASP B 247 37.89 28.94 -21.04
N TYR B 248 38.50 28.31 -22.04
CA TYR B 248 37.96 27.09 -22.62
C TYR B 248 38.45 25.90 -21.81
N ALA B 249 37.55 24.99 -21.46
CA ALA B 249 37.90 23.81 -20.67
C ALA B 249 39.04 22.99 -21.26
N TYR B 250 39.67 22.20 -20.42
CA TYR B 250 40.74 21.36 -20.90
C TYR B 250 40.25 19.94 -20.87
N GLN B 251 40.01 19.38 -22.04
CA GLN B 251 39.53 18.03 -22.16
C GLN B 251 40.68 17.03 -22.04
N THR B 252 40.33 15.75 -22.01
CA THR B 252 41.29 14.66 -21.92
C THR B 252 40.54 13.34 -21.72
N CYS B 253 40.34 12.62 -22.81
CA CYS B 253 39.60 11.36 -22.80
C CYS B 253 40.48 10.12 -22.87
N TYR B 254 39.87 8.97 -22.64
CA TYR B 254 40.58 7.69 -22.71
C TYR B 254 39.64 6.50 -22.52
N GLY B 255 39.91 5.42 -23.24
CA GLY B 255 39.08 4.23 -23.13
C GLY B 255 39.84 2.96 -23.42
N ILE B 256 39.15 1.82 -23.32
CA ILE B 256 39.76 0.53 -23.59
C ILE B 256 38.70 -0.40 -24.16
N SER B 257 39.05 -1.19 -25.17
CA SER B 257 38.06 -2.06 -25.77
C SER B 257 38.06 -3.50 -25.27
N ASP B 258 37.45 -4.38 -26.05
CA ASP B 258 37.37 -5.79 -25.72
C ASP B 258 38.75 -6.40 -25.72
N ARG B 259 39.68 -5.70 -26.36
CA ARG B 259 41.07 -6.14 -26.43
C ARG B 259 41.49 -6.71 -25.08
N VAL B 260 41.05 -6.08 -23.99
CA VAL B 260 41.38 -6.58 -22.68
C VAL B 260 41.00 -8.03 -22.55
N ILE B 261 39.70 -8.33 -22.65
CA ILE B 261 39.27 -9.71 -22.49
C ILE B 261 39.97 -10.54 -23.53
N ALA B 262 40.39 -9.89 -24.61
CA ALA B 262 41.08 -10.61 -25.68
C ALA B 262 42.48 -10.90 -25.17
N SER B 263 43.15 -9.84 -24.74
CA SER B 263 44.49 -9.95 -24.18
C SER B 263 44.45 -10.88 -22.95
N ILE B 264 43.30 -10.98 -22.31
CA ILE B 264 43.16 -11.87 -21.17
C ILE B 264 43.30 -13.29 -21.70
N ILE B 265 42.39 -13.66 -22.58
CA ILE B 265 42.41 -14.99 -23.17
C ILE B 265 43.77 -15.32 -23.73
N ALA B 266 44.19 -14.56 -24.74
CA ALA B 266 45.47 -14.76 -25.41
C ALA B 266 46.62 -14.91 -24.47
N ILE B 267 46.97 -13.82 -23.81
CA ILE B 267 48.11 -13.82 -22.90
C ILE B 267 48.17 -14.99 -21.91
N HIS B 268 47.13 -15.20 -21.13
CA HIS B 268 47.17 -16.28 -20.15
C HIS B 268 46.78 -17.68 -20.63
N GLY B 269 46.33 -17.79 -21.87
CA GLY B 269 45.96 -19.10 -22.37
C GLY B 269 47.16 -19.99 -22.64
N ASP B 270 46.93 -21.30 -22.56
CA ASP B 270 47.98 -22.29 -22.80
C ASP B 270 47.43 -23.49 -23.61
N GLU B 271 48.35 -24.23 -24.24
CA GLU B 271 48.03 -25.42 -25.06
C GLU B 271 46.69 -26.06 -24.75
N LYS B 272 46.61 -26.73 -23.61
CA LYS B 272 45.40 -27.41 -23.20
C LYS B 272 44.17 -26.55 -23.44
N GLY B 273 44.01 -25.49 -22.67
CA GLY B 273 42.85 -24.64 -22.85
C GLY B 273 43.06 -23.21 -22.45
N LEU B 274 42.00 -22.60 -21.95
CA LEU B 274 42.00 -21.22 -21.51
C LEU B 274 42.33 -21.15 -20.03
N ILE B 275 43.10 -20.16 -19.61
CA ILE B 275 43.46 -20.02 -18.20
C ILE B 275 43.33 -18.57 -17.76
N LEU B 276 42.10 -18.10 -17.68
CA LEU B 276 41.86 -16.73 -17.27
C LEU B 276 42.06 -16.61 -15.78
N PRO B 277 42.58 -15.46 -15.32
CA PRO B 277 42.88 -15.06 -13.93
C PRO B 277 41.68 -15.30 -12.99
N PRO B 278 41.94 -15.56 -11.70
CA PRO B 278 40.88 -15.81 -10.71
C PRO B 278 39.93 -14.62 -10.60
N ILE B 279 40.50 -13.43 -10.54
CA ILE B 279 39.73 -12.19 -10.42
C ILE B 279 38.54 -12.21 -11.35
N VAL B 280 38.81 -12.47 -12.62
CA VAL B 280 37.79 -12.48 -13.66
C VAL B 280 37.23 -13.86 -13.98
N ALA B 281 37.62 -14.86 -13.21
CA ALA B 281 37.14 -16.22 -13.45
C ALA B 281 35.64 -16.31 -13.25
N PRO B 282 34.88 -16.41 -14.35
CA PRO B 282 33.44 -16.51 -14.25
C PRO B 282 33.12 -17.49 -13.15
N ILE B 283 33.99 -18.50 -13.05
CA ILE B 283 33.90 -19.54 -12.02
C ILE B 283 35.30 -19.74 -11.48
N GLN B 284 35.48 -19.46 -10.19
CA GLN B 284 36.77 -19.59 -9.56
C GLN B 284 37.03 -21.01 -9.07
N VAL B 285 35.99 -21.70 -8.60
CA VAL B 285 36.16 -23.05 -8.11
C VAL B 285 35.03 -23.97 -8.55
N VAL B 286 35.38 -25.19 -8.97
CA VAL B 286 34.34 -26.14 -9.41
C VAL B 286 34.33 -27.42 -8.59
N ILE B 287 33.21 -27.68 -7.94
CA ILE B 287 33.05 -28.86 -7.13
C ILE B 287 32.49 -29.96 -8.02
N VAL B 288 33.31 -30.95 -8.35
CA VAL B 288 32.88 -32.07 -9.19
C VAL B 288 32.63 -33.26 -8.27
N PRO B 289 31.37 -33.49 -7.90
CA PRO B 289 31.09 -34.62 -7.01
C PRO B 289 31.03 -35.97 -7.71
N LEU B 290 32.19 -36.60 -7.88
CA LEU B 290 32.30 -37.90 -8.53
C LEU B 290 31.38 -38.86 -7.81
N ILE B 291 30.28 -39.22 -8.45
CA ILE B 291 29.29 -40.11 -7.85
C ILE B 291 29.37 -41.55 -8.35
N PHE B 292 29.42 -42.48 -7.38
CA PHE B 292 29.49 -43.91 -7.69
C PHE B 292 28.27 -44.67 -7.16
N LYS B 293 28.09 -45.89 -7.66
CA LYS B 293 26.98 -46.75 -7.27
C LYS B 293 26.74 -46.72 -5.76
N GLY B 294 27.82 -46.81 -5.00
CA GLY B 294 27.73 -46.79 -3.55
C GLY B 294 28.06 -45.42 -2.96
N LYS B 295 27.45 -45.08 -1.84
CA LYS B 295 27.70 -43.79 -1.21
C LYS B 295 27.47 -42.72 -2.26
N GLU B 296 26.19 -42.41 -2.50
CA GLU B 296 25.81 -41.42 -3.49
C GLU B 296 25.48 -40.09 -2.82
N ASP B 297 24.33 -40.02 -2.15
CA ASP B 297 23.93 -38.80 -1.46
C ASP B 297 25.12 -38.29 -0.69
N ILE B 298 25.68 -39.16 0.15
CA ILE B 298 26.84 -38.82 0.96
C ILE B 298 27.80 -37.93 0.20
N VAL B 299 27.93 -38.17 -1.10
CA VAL B 299 28.83 -37.36 -1.91
C VAL B 299 28.22 -35.99 -2.17
N MET B 300 27.08 -35.95 -2.88
CA MET B 300 26.44 -34.68 -3.17
C MET B 300 26.21 -33.87 -1.92
N GLU B 301 26.59 -34.42 -0.78
CA GLU B 301 26.46 -33.75 0.50
C GLU B 301 27.73 -32.93 0.72
N LYS B 302 28.88 -33.59 0.72
CA LYS B 302 30.14 -32.87 0.89
C LYS B 302 30.32 -31.93 -0.28
N ALA B 303 29.43 -32.07 -1.25
CA ALA B 303 29.46 -31.22 -2.42
C ALA B 303 29.04 -29.83 -1.95
N LYS B 304 27.90 -29.77 -1.26
CA LYS B 304 27.38 -28.51 -0.74
C LYS B 304 28.06 -28.07 0.54
N GLU B 305 28.61 -29.02 1.31
CA GLU B 305 29.28 -28.64 2.54
C GLU B 305 30.46 -27.76 2.14
N ILE B 306 30.93 -27.98 0.93
CA ILE B 306 32.05 -27.22 0.39
C ILE B 306 31.51 -25.96 -0.27
N TYR B 307 30.32 -26.07 -0.84
CA TYR B 307 29.69 -24.92 -1.48
C TYR B 307 29.49 -23.85 -0.40
N GLU B 308 28.50 -24.06 0.45
CA GLU B 308 28.20 -23.11 1.52
C GLU B 308 29.49 -22.60 2.16
N LYS B 309 30.49 -23.47 2.26
CA LYS B 309 31.77 -23.11 2.84
C LYS B 309 32.48 -22.01 2.06
N LEU B 310 32.44 -22.14 0.73
CA LEU B 310 33.10 -21.19 -0.14
C LEU B 310 32.15 -20.15 -0.70
N LYS B 311 30.88 -20.53 -0.78
CA LYS B 311 29.79 -19.70 -1.28
C LYS B 311 29.94 -18.20 -1.04
N GLY B 312 30.46 -17.83 0.13
CA GLY B 312 30.59 -16.42 0.48
C GLY B 312 31.78 -15.61 0.02
N LYS B 313 32.97 -16.19 0.06
CA LYS B 313 34.16 -15.45 -0.36
C LYS B 313 34.61 -15.79 -1.77
N PHE B 314 34.04 -16.84 -2.34
CA PHE B 314 34.39 -17.25 -3.69
C PHE B 314 33.19 -17.60 -4.54
N ARG B 315 33.39 -17.62 -5.86
CA ARG B 315 32.32 -17.96 -6.78
C ARG B 315 32.50 -19.44 -7.11
N VAL B 316 31.57 -20.28 -6.69
CA VAL B 316 31.69 -21.70 -6.97
C VAL B 316 30.56 -22.26 -7.81
N HIS B 317 30.78 -23.47 -8.30
CA HIS B 317 29.80 -24.16 -9.14
C HIS B 317 29.92 -25.66 -8.98
N ILE B 318 28.93 -26.27 -8.36
CA ILE B 318 28.95 -27.72 -8.22
C ILE B 318 28.56 -28.20 -9.60
N ASP B 319 29.49 -28.80 -10.32
CA ASP B 319 29.18 -29.28 -11.66
C ASP B 319 28.50 -30.62 -11.62
N ASP B 320 27.17 -30.59 -11.64
CA ASP B 320 26.35 -31.80 -11.61
C ASP B 320 26.61 -32.60 -12.87
N ARG B 321 25.65 -32.56 -13.79
CA ARG B 321 25.74 -33.25 -15.05
C ARG B 321 25.98 -34.75 -14.91
N ASP B 322 24.98 -35.52 -15.33
CA ASP B 322 25.01 -36.98 -15.29
C ASP B 322 25.98 -37.45 -16.37
N ILE B 323 27.19 -36.92 -16.37
CA ILE B 323 28.17 -37.29 -17.36
C ILE B 323 29.54 -37.67 -16.80
N ARG B 324 30.24 -38.52 -17.55
CA ARG B 324 31.56 -38.99 -17.20
C ARG B 324 32.39 -37.88 -16.59
N PRO B 325 32.66 -37.96 -15.28
CA PRO B 325 33.45 -36.93 -14.62
C PRO B 325 34.63 -36.43 -15.45
N GLY B 326 35.42 -37.33 -16.00
CA GLY B 326 36.56 -36.91 -16.81
C GLY B 326 36.24 -35.86 -17.87
N ARG B 327 34.99 -35.88 -18.37
CA ARG B 327 34.57 -34.93 -19.40
C ARG B 327 34.54 -33.54 -18.79
N LYS B 328 34.01 -33.47 -17.57
CA LYS B 328 33.91 -32.22 -16.85
C LYS B 328 35.34 -31.72 -16.66
N PHE B 329 36.14 -32.48 -15.92
CA PHE B 329 37.53 -32.11 -15.66
C PHE B 329 38.15 -31.51 -16.92
N ASN B 330 37.91 -32.19 -18.04
CA ASN B 330 38.42 -31.77 -19.35
C ASN B 330 37.77 -30.45 -19.76
N ASP B 331 36.44 -30.43 -19.69
CA ASP B 331 35.64 -29.26 -20.05
C ASP B 331 36.02 -28.03 -19.24
N TRP B 332 36.15 -28.22 -17.92
CA TRP B 332 36.51 -27.15 -17.00
C TRP B 332 37.93 -26.64 -17.08
N GLU B 333 38.81 -27.47 -17.63
CA GLU B 333 40.21 -27.10 -17.79
C GLU B 333 40.26 -26.13 -18.97
N ILE B 334 39.40 -26.39 -19.95
CA ILE B 334 39.31 -25.55 -21.14
C ILE B 334 38.83 -24.14 -20.80
N LYS B 335 37.70 -24.06 -20.10
CA LYS B 335 37.12 -22.79 -19.71
C LYS B 335 37.99 -22.00 -18.74
N GLY B 336 39.15 -22.56 -18.39
CA GLY B 336 40.05 -21.87 -17.50
C GLY B 336 39.77 -21.84 -16.01
N VAL B 337 38.70 -22.48 -15.57
CA VAL B 337 38.42 -22.48 -14.16
C VAL B 337 39.75 -22.80 -13.47
N PRO B 338 40.14 -21.95 -12.49
CA PRO B 338 41.37 -22.05 -11.69
C PRO B 338 41.41 -23.34 -10.82
N LEU B 339 40.64 -23.34 -9.74
CA LEU B 339 40.61 -24.51 -8.86
C LEU B 339 39.49 -25.49 -9.21
N ARG B 340 39.78 -26.76 -9.02
CA ARG B 340 38.80 -27.79 -9.31
C ARG B 340 38.71 -28.68 -8.11
N ILE B 341 37.49 -29.03 -7.74
CA ILE B 341 37.26 -29.91 -6.60
C ILE B 341 36.59 -31.19 -7.06
N GLU B 342 37.14 -32.29 -6.60
CA GLU B 342 36.62 -33.61 -6.89
C GLU B 342 36.42 -34.15 -5.50
N VAL B 343 35.23 -34.67 -5.24
CA VAL B 343 34.93 -35.20 -3.93
C VAL B 343 34.34 -36.60 -4.01
N GLY B 344 35.20 -37.60 -4.03
CA GLY B 344 34.75 -38.98 -4.09
C GLY B 344 34.49 -39.48 -2.69
N PRO B 345 34.25 -40.79 -2.51
CA PRO B 345 33.99 -41.31 -1.16
C PRO B 345 35.25 -41.60 -0.34
N LYS B 346 36.41 -41.39 -0.93
CA LYS B 346 37.67 -41.64 -0.23
C LYS B 346 37.97 -40.49 0.72
N ASP B 347 38.28 -39.34 0.13
CA ASP B 347 38.61 -38.12 0.85
C ASP B 347 37.68 -37.84 2.03
N ILE B 348 36.45 -38.32 1.93
CA ILE B 348 35.47 -38.10 3.00
C ILE B 348 35.73 -38.99 4.20
N GLU B 349 36.10 -40.24 3.94
CA GLU B 349 36.39 -41.21 4.99
C GLU B 349 37.76 -40.91 5.56
N ASN B 350 38.62 -40.32 4.75
CA ASN B 350 39.97 -39.97 5.17
C ASN B 350 40.05 -38.52 5.62
N LYS B 351 38.89 -37.88 5.78
CA LYS B 351 38.83 -36.48 6.21
C LYS B 351 39.73 -35.60 5.37
N LYS B 352 39.92 -35.99 4.11
CA LYS B 352 40.78 -35.23 3.21
C LYS B 352 40.01 -34.62 2.04
N ILE B 353 40.70 -33.76 1.30
CA ILE B 353 40.11 -33.07 0.13
C ILE B 353 41.14 -33.07 -1.01
N THR B 354 40.67 -33.08 -2.25
CA THR B 354 41.58 -33.09 -3.40
C THR B 354 41.33 -31.93 -4.37
N LEU B 355 42.36 -31.11 -4.56
CA LEU B 355 42.27 -29.95 -5.45
C LEU B 355 43.03 -30.11 -6.75
N PHE B 356 42.75 -29.20 -7.69
CA PHE B 356 43.38 -29.17 -9.00
C PHE B 356 43.71 -27.74 -9.39
N ARG B 357 44.93 -27.48 -9.84
CA ARG B 357 45.33 -26.13 -10.23
C ARG B 357 45.45 -26.05 -11.74
N ARG B 358 44.67 -25.17 -12.35
CA ARG B 358 44.68 -25.02 -13.80
C ARG B 358 46.04 -24.54 -14.32
N ASP B 359 46.64 -23.63 -13.59
CA ASP B 359 47.93 -23.06 -13.94
C ASP B 359 49.08 -24.06 -14.04
N THR B 360 49.02 -25.12 -13.26
CA THR B 360 50.08 -26.12 -13.28
C THR B 360 49.53 -27.50 -13.56
N MET B 361 48.22 -27.62 -13.49
CA MET B 361 47.59 -28.89 -13.72
C MET B 361 48.14 -29.91 -12.75
N GLU B 362 48.46 -29.45 -11.55
CA GLU B 362 48.96 -30.33 -10.51
C GLU B 362 47.72 -30.71 -9.72
N LYS B 363 47.75 -31.86 -9.06
CA LYS B 363 46.61 -32.28 -8.28
C LYS B 363 47.05 -32.71 -6.89
N PHE B 364 47.13 -31.74 -5.98
CA PHE B 364 47.52 -32.02 -4.62
C PHE B 364 46.30 -32.15 -3.72
N GLN B 365 46.52 -32.66 -2.51
CA GLN B 365 45.46 -32.82 -1.54
C GLN B 365 45.84 -32.11 -0.24
N VAL B 366 44.91 -32.09 0.70
CA VAL B 366 45.13 -31.44 1.99
C VAL B 366 43.93 -31.65 2.87
N ASP B 367 44.16 -31.66 4.19
CA ASP B 367 43.10 -31.85 5.18
C ASP B 367 41.87 -31.03 4.76
N GLU B 368 40.68 -31.46 5.17
CA GLU B 368 39.47 -30.73 4.82
C GLU B 368 39.24 -29.48 5.65
N THR B 369 39.37 -29.60 6.96
CA THR B 369 39.16 -28.46 7.85
C THR B 369 39.97 -27.27 7.35
N GLN B 370 40.92 -27.53 6.47
CA GLN B 370 41.79 -26.49 5.89
C GLN B 370 41.35 -26.10 4.47
N LEU B 371 40.05 -26.06 4.24
CA LEU B 371 39.53 -25.70 2.93
C LEU B 371 39.58 -24.20 2.68
N MET B 372 38.65 -23.47 3.28
CA MET B 372 38.57 -22.01 3.15
C MET B 372 39.97 -21.40 3.12
N GLU B 373 40.90 -22.09 3.77
CA GLU B 373 42.29 -21.67 3.86
C GLU B 373 43.02 -21.88 2.53
N VAL B 374 43.03 -23.12 2.06
CA VAL B 374 43.71 -23.46 0.80
C VAL B 374 43.22 -22.59 -0.35
N VAL B 375 41.98 -22.82 -0.79
CA VAL B 375 41.39 -22.05 -1.88
C VAL B 375 41.84 -20.60 -1.83
N GLU B 376 41.46 -19.90 -0.77
CA GLU B 376 41.85 -18.50 -0.60
C GLU B 376 43.31 -18.32 -0.96
N LYS B 377 44.18 -19.11 -0.33
CA LYS B 377 45.62 -19.03 -0.56
C LYS B 377 46.06 -19.55 -1.93
N THR B 378 45.49 -20.68 -2.36
CA THR B 378 45.85 -21.26 -3.64
C THR B 378 45.61 -20.28 -4.77
N LEU B 379 44.44 -19.64 -4.78
CA LEU B 379 44.13 -18.67 -5.83
C LEU B 379 45.15 -17.55 -5.87
N ASN B 380 45.41 -16.93 -4.73
CA ASN B 380 46.38 -15.85 -4.69
C ASN B 380 47.69 -16.33 -5.31
N ASN B 381 47.85 -17.65 -5.36
CA ASN B 381 49.06 -18.24 -5.95
C ASN B 381 48.87 -18.34 -7.46
N ILE B 382 47.84 -19.08 -7.87
CA ILE B 382 47.52 -19.26 -9.28
C ILE B 382 47.62 -17.96 -10.07
N MET B 383 46.83 -16.98 -9.67
CA MET B 383 46.85 -15.68 -10.34
C MET B 383 48.28 -15.16 -10.42
N GLU B 384 48.97 -15.17 -9.28
CA GLU B 384 50.34 -14.70 -9.23
C GLU B 384 51.17 -15.51 -10.23
N ASN B 385 51.26 -16.80 -9.95
CA ASN B 385 52.01 -17.73 -10.79
C ASN B 385 51.80 -17.46 -12.28
N ILE B 386 50.55 -17.21 -12.69
CA ILE B 386 50.25 -16.97 -14.11
C ILE B 386 50.63 -15.57 -14.55
N LYS B 387 50.58 -14.62 -13.64
CA LYS B 387 50.94 -13.27 -14.00
C LYS B 387 52.45 -13.23 -14.23
N ASN B 388 53.19 -13.81 -13.30
CA ASN B 388 54.64 -13.84 -13.39
C ASN B 388 55.08 -14.49 -14.69
N ARG B 389 54.36 -15.54 -15.10
CA ARG B 389 54.67 -16.23 -16.35
C ARG B 389 54.56 -15.18 -17.45
N ALA B 390 53.38 -14.58 -17.54
CA ALA B 390 53.10 -13.56 -18.54
C ALA B 390 54.22 -12.56 -18.73
N TRP B 391 54.61 -11.87 -17.67
CA TRP B 391 55.69 -10.91 -17.78
C TRP B 391 56.90 -11.60 -18.36
N GLU B 392 57.24 -12.76 -17.81
CA GLU B 392 58.38 -13.52 -18.30
C GLU B 392 58.30 -13.46 -19.82
N LYS B 393 57.34 -14.18 -20.39
CA LYS B 393 57.17 -14.21 -21.83
C LYS B 393 57.28 -12.82 -22.45
N PHE B 394 56.55 -11.88 -21.89
CA PHE B 394 56.57 -10.52 -22.41
C PHE B 394 58.02 -10.05 -22.53
N GLU B 395 58.75 -10.09 -21.42
CA GLU B 395 60.15 -9.66 -21.37
C GLU B 395 61.00 -10.38 -22.41
N ASN B 396 60.54 -11.56 -22.83
CA ASN B 396 61.26 -12.36 -23.81
C ASN B 396 60.82 -12.06 -25.23
N PHE B 397 60.05 -11.00 -25.40
CA PHE B 397 59.59 -10.60 -26.73
C PHE B 397 60.06 -9.19 -27.01
N ILE B 398 60.64 -8.58 -25.99
CA ILE B 398 61.15 -7.23 -26.07
C ILE B 398 62.66 -7.33 -26.24
N THR B 399 63.14 -6.85 -27.37
CA THR B 399 64.55 -6.90 -27.68
C THR B 399 65.08 -5.48 -27.74
N ILE B 400 66.11 -5.20 -26.95
CA ILE B 400 66.70 -3.86 -26.90
C ILE B 400 67.98 -3.76 -27.73
N LEU B 401 68.08 -2.69 -28.51
CA LEU B 401 69.25 -2.47 -29.35
C LEU B 401 70.13 -1.39 -28.73
N GLU B 402 70.88 -0.70 -29.58
CA GLU B 402 71.76 0.37 -29.12
C GLU B 402 72.07 1.33 -30.26
N ASP B 403 71.68 0.96 -31.48
CA ASP B 403 71.91 1.79 -32.65
C ASP B 403 70.69 1.96 -33.54
N ILE B 404 70.57 3.16 -34.09
CA ILE B 404 69.47 3.52 -34.99
C ILE B 404 69.66 2.86 -36.35
N ASN B 405 69.92 1.55 -36.35
CA ASN B 405 70.14 0.83 -37.60
C ASN B 405 68.89 0.11 -38.09
N PRO B 406 68.19 0.71 -39.06
CA PRO B 406 66.96 0.17 -39.65
C PRO B 406 67.20 -1.18 -40.29
N ASP B 407 68.09 -1.19 -41.28
CA ASP B 407 68.41 -2.42 -41.99
C ASP B 407 68.67 -3.53 -40.97
N GLU B 408 68.83 -3.15 -39.71
CA GLU B 408 69.07 -4.11 -38.64
C GLU B 408 67.76 -4.51 -37.95
N ILE B 409 67.07 -3.53 -37.37
CA ILE B 409 65.82 -3.78 -36.68
C ILE B 409 64.92 -4.70 -37.50
N LYS B 410 64.39 -4.16 -38.58
CA LYS B 410 63.53 -4.92 -39.48
C LYS B 410 63.91 -6.40 -39.51
N ASN B 411 65.20 -6.65 -39.68
CA ASN B 411 65.74 -8.00 -39.73
C ASN B 411 65.45 -8.72 -38.42
N ILE B 412 65.89 -8.14 -37.31
CA ILE B 412 65.70 -8.74 -36.00
C ILE B 412 64.22 -9.02 -35.70
N LEU B 413 63.34 -8.52 -36.55
CA LEU B 413 61.92 -8.78 -36.37
C LEU B 413 61.61 -10.13 -36.96
N SER B 414 61.78 -10.28 -38.28
CA SER B 414 61.53 -11.55 -38.95
C SER B 414 62.56 -12.60 -38.54
N GLU B 415 62.76 -12.70 -37.23
CA GLU B 415 63.70 -13.64 -36.63
C GLU B 415 63.44 -13.75 -35.13
N LYS B 416 62.68 -12.79 -34.60
CA LYS B 416 62.35 -12.79 -33.17
C LYS B 416 61.03 -12.09 -32.89
N ARG B 417 60.62 -11.21 -33.79
CA ARG B 417 59.37 -10.47 -33.64
C ARG B 417 59.27 -9.77 -32.30
N GLY B 418 58.05 -9.58 -31.81
CA GLY B 418 57.88 -8.90 -30.56
C GLY B 418 58.00 -7.41 -30.83
N VAL B 419 58.40 -6.64 -29.84
CA VAL B 419 58.54 -5.21 -30.02
C VAL B 419 59.99 -4.85 -29.85
N ILE B 420 60.43 -3.80 -30.54
CA ILE B 420 61.81 -3.36 -30.46
C ILE B 420 61.98 -1.99 -29.81
N LEU B 421 63.01 -1.88 -28.97
CA LEU B 421 63.31 -0.62 -28.31
C LEU B 421 64.66 -0.18 -28.83
N VAL B 422 64.86 1.13 -28.92
CA VAL B 422 66.12 1.68 -29.41
C VAL B 422 66.33 3.04 -28.76
N PRO B 423 67.57 3.35 -28.36
CA PRO B 423 67.84 4.65 -27.73
C PRO B 423 67.20 5.84 -28.44
N PHE B 424 66.48 6.64 -27.67
CA PHE B 424 65.78 7.82 -28.18
C PHE B 424 66.70 8.94 -28.62
N LYS B 425 66.53 9.35 -29.87
CA LYS B 425 67.33 10.43 -30.41
C LYS B 425 66.40 11.25 -31.30
N GLU B 426 65.89 12.35 -30.74
CA GLU B 426 64.97 13.23 -31.44
C GLU B 426 65.29 13.32 -32.93
N GLU B 427 66.58 13.34 -33.24
CA GLU B 427 67.08 13.42 -34.61
C GLU B 427 66.26 12.58 -35.58
N ILE B 428 66.24 11.27 -35.36
CA ILE B 428 65.53 10.34 -36.22
C ILE B 428 64.23 9.76 -35.65
N TYR B 429 63.41 10.60 -35.03
CA TYR B 429 62.13 10.16 -34.48
C TYR B 429 61.04 10.80 -35.32
N ASN B 430 61.03 10.50 -36.61
CA ASN B 430 60.06 11.05 -37.55
C ASN B 430 59.37 9.95 -38.34
N GLU B 431 58.34 10.34 -39.10
CA GLU B 431 57.58 9.39 -39.89
C GLU B 431 58.44 8.51 -40.80
N GLU B 432 59.55 9.06 -41.28
CA GLU B 432 60.44 8.30 -42.15
C GLU B 432 60.90 7.01 -41.50
N LEU B 433 61.35 7.11 -40.25
CA LEU B 433 61.80 5.95 -39.51
C LEU B 433 60.88 4.75 -39.74
N GLU B 434 59.58 5.00 -39.83
CA GLU B 434 58.65 3.91 -40.09
C GLU B 434 58.97 3.32 -41.45
N GLU B 435 58.85 4.16 -42.48
CA GLU B 435 59.12 3.73 -43.85
C GLU B 435 60.54 3.20 -43.99
N LYS B 436 61.36 3.41 -42.96
CA LYS B 436 62.74 2.95 -42.97
C LYS B 436 62.80 1.49 -42.50
N VAL B 437 61.87 1.11 -41.62
CA VAL B 437 61.80 -0.26 -41.11
C VAL B 437 60.52 -0.91 -41.59
N GLU B 438 59.81 -0.22 -42.49
CA GLU B 438 58.55 -0.71 -43.02
C GLU B 438 57.78 -1.47 -41.96
N ALA B 439 57.71 -0.87 -40.78
CA ALA B 439 57.00 -1.44 -39.63
C ALA B 439 56.13 -0.36 -39.00
N THR B 440 56.27 -0.17 -37.70
CA THR B 440 55.50 0.84 -36.99
C THR B 440 56.16 1.24 -35.68
N ILE B 441 56.06 2.52 -35.34
CA ILE B 441 56.65 3.01 -34.11
C ILE B 441 55.54 3.26 -33.10
N LEU B 442 55.72 2.81 -31.87
CA LEU B 442 54.72 3.01 -30.85
C LEU B 442 55.01 4.31 -30.09
N GLY B 443 56.19 4.88 -30.33
CA GLY B 443 56.55 6.12 -29.65
C GLY B 443 57.63 5.97 -28.60
N GLU B 444 57.86 7.04 -27.83
CA GLU B 444 58.86 7.00 -26.77
C GLU B 444 58.37 5.98 -25.78
N THR B 445 59.15 5.69 -24.75
CA THR B 445 58.73 4.72 -23.75
C THR B 445 59.77 4.52 -22.68
N GLU B 446 59.37 4.73 -21.43
CA GLU B 446 60.30 4.59 -20.31
C GLU B 446 60.40 3.20 -19.68
N TYR B 447 61.02 2.26 -20.40
CA TYR B 447 61.22 0.91 -19.92
C TYR B 447 62.64 0.83 -19.37
N LYS B 448 62.77 0.64 -18.06
CA LYS B 448 64.08 0.57 -17.40
C LYS B 448 64.73 1.94 -17.33
N GLY B 449 63.94 2.98 -17.58
CA GLY B 449 64.46 4.34 -17.54
C GLY B 449 64.92 4.88 -18.87
N ASN B 450 66.04 4.34 -19.36
CA ASN B 450 66.67 4.74 -20.62
C ASN B 450 65.88 5.55 -21.65
N LYS B 451 64.56 5.38 -21.71
CA LYS B 451 63.73 6.15 -22.65
C LYS B 451 64.03 5.72 -24.08
N TYR B 452 63.41 4.63 -24.53
CA TYR B 452 63.62 4.12 -25.88
C TYR B 452 62.58 4.53 -26.90
N ILE B 453 62.57 3.77 -28.00
CA ILE B 453 61.64 3.98 -29.08
C ILE B 453 61.12 2.61 -29.46
N ALA B 454 59.88 2.32 -29.04
CA ALA B 454 59.27 1.04 -29.35
C ALA B 454 58.86 1.01 -30.83
N ILE B 455 59.18 -0.09 -31.48
CA ILE B 455 58.88 -0.29 -32.88
C ILE B 455 58.45 -1.72 -32.98
N ALA B 456 57.42 -2.00 -33.76
CA ALA B 456 56.95 -3.37 -33.90
C ALA B 456 55.83 -3.51 -34.89
N LYS B 457 55.51 -4.76 -35.21
CA LYS B 457 54.42 -5.07 -36.13
C LYS B 457 53.22 -5.06 -35.19
N THR B 458 52.07 -4.61 -35.67
CA THR B 458 50.91 -4.55 -34.80
C THR B 458 49.66 -5.15 -35.41
N TYR B 459 48.79 -5.64 -34.52
CA TYR B 459 47.51 -6.22 -34.91
C TYR B 459 46.64 -5.16 -35.60
N MET C 4 -23.66 -3.37 54.10
CA MET C 4 -22.89 -4.21 55.04
C MET C 4 -21.72 -4.92 54.33
N LEU C 5 -21.62 -4.69 53.03
CA LEU C 5 -20.57 -5.31 52.23
C LEU C 5 -19.60 -4.30 51.61
N GLU C 6 -18.38 -4.76 51.33
CA GLU C 6 -17.36 -3.91 50.73
C GLU C 6 -17.78 -3.60 49.31
N PHE C 7 -17.15 -2.57 48.73
CA PHE C 7 -17.44 -2.13 47.38
C PHE C 7 -17.47 -3.25 46.35
N SER C 8 -16.27 -3.72 45.99
CA SER C 8 -16.09 -4.79 45.00
C SER C 8 -17.30 -5.66 44.73
N GLU C 9 -17.84 -6.30 45.76
CA GLU C 9 -18.98 -7.15 45.55
C GLU C 9 -20.28 -6.40 45.56
N TRP C 10 -20.34 -5.30 46.29
CA TRP C 10 -21.58 -4.54 46.27
C TRP C 10 -21.78 -4.16 44.82
N TYR C 11 -20.75 -3.53 44.25
CA TYR C 11 -20.78 -3.11 42.86
C TYR C 11 -21.14 -4.33 42.01
N SER C 12 -20.28 -5.35 42.02
CA SER C 12 -20.55 -6.55 41.24
C SER C 12 -21.98 -7.05 41.43
N ASP C 13 -22.50 -6.87 42.65
CA ASP C 13 -23.86 -7.33 42.96
C ASP C 13 -24.92 -6.45 42.31
N ILE C 14 -25.01 -5.20 42.75
CA ILE C 14 -26.01 -4.28 42.22
C ILE C 14 -26.00 -4.27 40.69
N LEU C 15 -24.81 -4.43 40.13
CA LEU C 15 -24.57 -4.46 38.70
C LEU C 15 -25.24 -5.67 38.10
N GLU C 16 -26.18 -6.24 38.86
CA GLU C 16 -26.94 -7.43 38.46
C GLU C 16 -28.34 -7.37 39.06
N LYS C 17 -28.42 -7.12 40.35
CA LYS C 17 -29.69 -7.05 41.04
C LYS C 17 -30.48 -5.90 40.44
N ALA C 18 -29.77 -5.01 39.77
CA ALA C 18 -30.35 -3.84 39.14
C ALA C 18 -30.71 -4.18 37.70
N GLU C 19 -30.29 -5.37 37.27
CA GLU C 19 -30.54 -5.82 35.92
C GLU C 19 -29.77 -4.90 34.97
N ILE C 20 -28.59 -4.48 35.39
CA ILE C 20 -27.80 -3.58 34.57
C ILE C 20 -26.84 -4.23 33.58
N TYR C 21 -26.31 -5.39 33.89
CA TYR C 21 -25.34 -5.98 32.99
C TYR C 21 -25.01 -7.41 33.38
N ASP C 22 -25.67 -8.35 32.72
CA ASP C 22 -25.42 -9.76 33.00
C ASP C 22 -23.98 -9.99 32.55
N VAL C 23 -23.19 -10.73 33.34
CA VAL C 23 -21.78 -10.98 32.96
C VAL C 23 -21.43 -12.45 32.87
N ARG C 24 -22.46 -13.28 32.78
CA ARG C 24 -22.28 -14.72 32.70
C ARG C 24 -21.98 -15.23 31.28
N TYR C 25 -21.90 -14.32 30.33
CA TYR C 25 -21.56 -14.71 28.97
C TYR C 25 -20.16 -15.34 29.04
N PRO C 26 -20.03 -16.57 28.55
CA PRO C 26 -18.84 -17.42 28.49
C PRO C 26 -17.55 -16.87 27.91
N ILE C 27 -17.07 -15.74 28.42
CA ILE C 27 -15.82 -15.21 27.90
C ILE C 27 -15.04 -14.43 28.94
N LYS C 28 -15.70 -14.06 30.04
CA LYS C 28 -15.02 -13.31 31.08
C LYS C 28 -14.40 -12.10 30.38
N GLY C 29 -15.14 -11.00 30.40
CA GLY C 29 -14.69 -9.78 29.75
C GLY C 29 -15.74 -9.37 28.74
N CYS C 30 -16.74 -10.23 28.57
CA CYS C 30 -17.80 -9.93 27.64
C CYS C 30 -19.17 -10.22 28.21
N GLY C 31 -19.71 -9.27 28.95
CA GLY C 31 -21.03 -9.46 29.52
C GLY C 31 -21.97 -8.79 28.57
N VAL C 32 -23.28 -8.87 28.84
CA VAL C 32 -24.28 -8.26 27.98
C VAL C 32 -25.07 -7.19 28.70
N TYR C 33 -25.30 -6.08 28.02
CA TYR C 33 -26.06 -4.98 28.61
C TYR C 33 -27.53 -5.33 28.56
N LEU C 34 -28.09 -5.65 29.72
CA LEU C 34 -29.50 -5.96 29.82
C LEU C 34 -30.32 -4.69 29.61
N PRO C 35 -31.57 -4.85 29.16
CA PRO C 35 -32.45 -3.71 28.91
C PRO C 35 -32.11 -2.47 29.71
N TYR C 36 -32.40 -2.50 31.01
CA TYR C 36 -32.15 -1.36 31.89
C TYR C 36 -30.80 -0.73 31.64
N GLY C 37 -29.74 -1.53 31.77
CA GLY C 37 -28.42 -0.99 31.55
C GLY C 37 -28.34 -0.19 30.27
N PHE C 38 -28.79 -0.81 29.18
CA PHE C 38 -28.76 -0.15 27.89
C PHE C 38 -29.40 1.22 27.99
N LYS C 39 -30.61 1.26 28.50
CA LYS C 39 -31.29 2.53 28.64
C LYS C 39 -30.40 3.48 29.43
N ILE C 40 -30.05 3.10 30.65
CA ILE C 40 -29.24 3.96 31.49
C ILE C 40 -27.87 4.18 30.86
N ARG C 41 -27.86 4.15 29.53
CA ARG C 41 -26.66 4.34 28.74
C ARG C 41 -27.07 5.16 27.51
N ARG C 42 -28.26 4.88 26.98
CA ARG C 42 -28.75 5.61 25.84
C ARG C 42 -28.82 7.05 26.27
N TYR C 43 -29.42 7.27 27.43
CA TYR C 43 -29.52 8.62 27.96
C TYR C 43 -28.16 9.06 28.56
N THR C 44 -27.28 8.10 28.78
CA THR C 44 -26.00 8.42 29.33
C THR C 44 -25.14 9.09 28.31
N PHE C 45 -25.09 8.51 27.12
CA PHE C 45 -24.28 9.04 26.05
C PHE C 45 -24.92 10.13 25.22
N GLU C 46 -26.25 10.16 25.22
CA GLU C 46 -26.99 11.16 24.50
C GLU C 46 -26.47 12.52 24.98
N ILE C 47 -26.02 12.59 26.22
CA ILE C 47 -25.49 13.82 26.79
C ILE C 47 -24.19 14.26 26.10
N ILE C 48 -23.24 13.33 25.96
CA ILE C 48 -21.97 13.65 25.30
C ILE C 48 -22.20 13.84 23.81
N ARG C 49 -23.13 13.08 23.22
CA ARG C 49 -23.44 13.23 21.78
C ARG C 49 -23.88 14.65 21.49
N ASN C 50 -24.73 15.21 22.33
CA ASN C 50 -25.19 16.58 22.14
C ASN C 50 -24.05 17.57 22.40
N LEU C 51 -23.29 17.39 23.48
CA LEU C 51 -22.22 18.32 23.76
C LEU C 51 -21.18 18.32 22.67
N LEU C 52 -21.08 17.22 21.94
CA LEU C 52 -20.14 17.08 20.84
C LEU C 52 -20.75 17.62 19.55
N ASP C 53 -22.08 17.52 19.42
CA ASP C 53 -22.77 18.01 18.24
C ASP C 53 -22.87 19.54 18.26
N GLU C 54 -23.14 20.10 19.42
CA GLU C 54 -23.26 21.55 19.56
C GLU C 54 -21.86 22.16 19.45
N SER C 55 -20.86 21.40 19.90
CA SER C 55 -19.45 21.85 19.87
C SER C 55 -18.81 21.81 18.50
N GLY C 56 -19.58 21.44 17.49
CA GLY C 56 -19.04 21.40 16.14
C GLY C 56 -18.48 20.08 15.71
N HIS C 57 -18.82 19.00 16.41
CA HIS C 57 -18.32 17.69 16.03
C HIS C 57 -19.31 17.05 15.08
N ASP C 58 -18.90 15.92 14.50
CA ASP C 58 -19.75 15.19 13.57
C ASP C 58 -19.44 13.71 13.71
N GLU C 59 -20.41 13.00 14.28
CA GLU C 59 -20.30 11.57 14.49
C GLU C 59 -20.50 10.78 13.23
N ALA C 60 -19.71 9.72 13.11
CA ALA C 60 -19.78 8.85 11.95
C ALA C 60 -19.35 7.49 12.44
N LEU C 61 -19.49 6.49 11.59
CA LEU C 61 -19.12 5.13 11.97
C LEU C 61 -18.02 4.52 11.09
N PHE C 62 -16.97 4.02 11.74
CA PHE C 62 -15.88 3.41 11.01
C PHE C 62 -15.84 1.89 11.18
N PRO C 63 -15.17 1.18 10.25
CA PRO C 63 -15.07 -0.28 10.31
C PRO C 63 -14.48 -0.74 11.64
N MET C 64 -14.63 -2.03 11.92
CA MET C 64 -14.08 -2.56 13.16
C MET C 64 -12.84 -3.34 12.86
N LEU C 65 -12.72 -3.82 11.63
CA LEU C 65 -11.56 -4.61 11.27
C LEU C 65 -10.40 -3.82 10.67
N ILE C 66 -9.29 -3.77 11.38
CA ILE C 66 -8.13 -3.06 10.91
C ILE C 66 -7.10 -4.06 10.41
N PRO C 67 -6.74 -3.98 9.12
CA PRO C 67 -5.77 -4.90 8.55
C PRO C 67 -4.31 -4.65 8.97
N GLU C 68 -3.50 -5.69 8.87
CA GLU C 68 -2.10 -5.61 9.22
C GLU C 68 -1.51 -4.32 8.69
N ASP C 69 -1.77 -4.06 7.42
CA ASP C 69 -1.25 -2.85 6.76
C ASP C 69 -1.30 -1.65 7.69
N LEU C 70 -2.48 -1.05 7.77
CA LEU C 70 -2.67 0.13 8.60
C LEU C 70 -2.22 -0.08 10.03
N LEU C 71 -2.78 -1.05 10.72
CA LEU C 71 -2.39 -1.26 12.11
C LEU C 71 -0.87 -1.26 12.21
N ALA C 72 -0.22 -1.80 11.19
CA ALA C 72 1.25 -1.85 11.17
C ALA C 72 1.86 -0.47 11.31
N LYS C 73 1.10 0.57 10.95
CA LYS C 73 1.58 1.94 11.05
C LYS C 73 1.42 2.43 12.50
N GLU C 74 0.33 2.03 13.13
CA GLU C 74 0.05 2.41 14.51
C GLU C 74 1.30 2.26 15.39
N ALA C 75 2.04 1.18 15.21
CA ALA C 75 3.24 0.97 16.01
C ALA C 75 4.50 1.42 15.28
N GLU C 76 5.64 1.19 15.93
CA GLU C 76 6.94 1.55 15.37
C GLU C 76 7.73 0.27 15.07
N HIS C 77 7.90 -0.56 16.09
CA HIS C 77 8.58 -1.86 15.97
C HIS C 77 7.45 -2.86 16.10
N ILE C 78 6.92 -2.90 17.32
CA ILE C 78 5.81 -3.73 17.76
C ILE C 78 5.54 -3.17 19.17
N LYS C 79 5.97 -1.92 19.37
CA LYS C 79 5.83 -1.20 20.64
C LYS C 79 4.61 -1.60 21.44
N GLY C 80 4.64 -1.31 22.74
CA GLY C 80 3.53 -1.64 23.62
C GLY C 80 2.18 -1.39 22.96
N PHE C 81 1.80 -2.29 22.06
CA PHE C 81 0.54 -2.16 21.34
C PHE C 81 0.05 -3.51 20.81
N GLU C 82 0.55 -3.91 19.63
CA GLU C 82 0.14 -5.18 19.02
C GLU C 82 0.01 -6.34 20.01
N ASP C 83 0.79 -6.30 21.08
CA ASP C 83 0.76 -7.35 22.10
C ASP C 83 -0.63 -7.66 22.62
N GLU C 84 -1.48 -6.64 22.72
CA GLU C 84 -2.85 -6.83 23.20
C GLU C 84 -3.85 -6.54 22.10
N VAL C 85 -3.91 -7.43 21.13
CA VAL C 85 -4.82 -7.25 20.01
C VAL C 85 -5.36 -8.55 19.49
N TYR C 86 -6.65 -8.56 19.16
CA TYR C 86 -7.24 -9.75 18.59
C TYR C 86 -6.98 -9.71 17.11
N TRP C 87 -6.80 -10.88 16.52
CA TRP C 87 -6.54 -10.96 15.09
C TRP C 87 -7.46 -11.98 14.46
N VAL C 88 -7.95 -11.64 13.28
CA VAL C 88 -8.81 -12.55 12.54
C VAL C 88 -7.89 -13.07 11.45
N THR C 89 -7.51 -14.34 11.55
CA THR C 89 -6.62 -14.95 10.58
C THR C 89 -7.37 -15.79 9.54
N HIS C 90 -8.41 -16.50 9.98
CA HIS C 90 -9.15 -17.32 9.05
C HIS C 90 -10.34 -16.61 8.46
N GLY C 91 -10.48 -16.73 7.15
CA GLY C 91 -11.61 -16.11 6.46
C GLY C 91 -12.65 -17.18 6.35
N GLY C 92 -12.78 -17.95 7.42
CA GLY C 92 -13.71 -19.05 7.46
C GLY C 92 -12.82 -20.23 7.73
N LYS C 93 -12.76 -21.15 6.78
CA LYS C 93 -11.89 -22.32 6.94
C LYS C 93 -10.49 -21.93 6.46
N THR C 94 -10.44 -21.16 5.38
CA THR C 94 -9.17 -20.73 4.79
C THR C 94 -8.47 -19.60 5.54
N GLN C 95 -7.23 -19.32 5.14
CA GLN C 95 -6.47 -18.25 5.75
C GLN C 95 -6.85 -16.99 4.98
N LEU C 96 -6.39 -15.82 5.43
CA LEU C 96 -6.77 -14.56 4.76
C LEU C 96 -5.75 -13.79 3.93
N ASP C 97 -4.46 -14.13 4.05
CA ASP C 97 -3.43 -13.41 3.32
C ASP C 97 -3.37 -12.00 3.93
N VAL C 98 -4.47 -11.63 4.58
CA VAL C 98 -4.61 -10.32 5.23
C VAL C 98 -5.04 -10.51 6.69
N LYS C 99 -4.10 -10.31 7.62
CA LYS C 99 -4.38 -10.45 9.05
C LYS C 99 -5.27 -9.31 9.56
N LEU C 100 -6.57 -9.45 9.43
CA LEU C 100 -7.48 -8.43 9.91
C LEU C 100 -7.43 -8.45 11.44
N ALA C 101 -7.56 -7.30 12.07
CA ALA C 101 -7.51 -7.23 13.52
C ALA C 101 -8.69 -6.47 14.15
N LEU C 102 -9.07 -6.87 15.36
CA LEU C 102 -10.16 -6.20 16.03
C LEU C 102 -9.65 -4.89 16.63
N ARG C 103 -10.24 -3.80 16.15
CA ARG C 103 -9.86 -2.46 16.57
C ARG C 103 -9.73 -2.22 18.06
N PRO C 104 -8.50 -2.03 18.52
CA PRO C 104 -8.28 -1.78 19.94
C PRO C 104 -8.74 -0.36 20.16
N THR C 105 -8.07 0.57 19.50
CA THR C 105 -8.43 1.97 19.57
C THR C 105 -9.37 2.12 18.38
N SER C 106 -8.90 2.75 17.30
CA SER C 106 -9.68 2.93 16.07
C SER C 106 -9.18 4.11 15.27
N GLU C 107 -8.06 4.69 15.69
CA GLU C 107 -7.49 5.83 14.98
C GLU C 107 -6.83 5.34 13.71
N THR C 108 -6.20 4.19 13.79
CA THR C 108 -5.51 3.64 12.63
C THR C 108 -6.34 3.75 11.38
N PRO C 109 -7.61 3.32 11.44
CA PRO C 109 -8.49 3.39 10.27
C PRO C 109 -9.08 4.77 9.98
N ILE C 110 -9.26 5.59 11.01
CA ILE C 110 -9.81 6.93 10.84
C ILE C 110 -8.78 7.88 10.24
N TYR C 111 -7.52 7.72 10.60
CA TYR C 111 -6.50 8.59 10.04
C TYR C 111 -6.29 8.22 8.59
N TYR C 112 -6.09 6.92 8.34
CA TYR C 112 -5.91 6.45 6.97
C TYR C 112 -6.98 7.12 6.14
N MET C 113 -8.13 7.39 6.76
CA MET C 113 -9.23 8.00 6.04
C MET C 113 -9.15 9.51 5.93
N MET C 114 -8.78 10.22 6.99
CA MET C 114 -8.71 11.67 6.91
C MET C 114 -7.86 12.08 5.72
N LYS C 115 -6.90 11.23 5.37
CA LYS C 115 -6.05 11.51 4.22
C LYS C 115 -6.97 11.67 3.03
N LEU C 116 -7.82 10.67 2.81
CA LEU C 116 -8.76 10.70 1.71
C LEU C 116 -9.80 11.81 1.81
N TRP C 117 -9.69 12.67 2.82
CA TRP C 117 -10.64 13.75 2.95
C TRP C 117 -9.96 15.11 3.03
N VAL C 118 -8.78 15.18 3.64
CA VAL C 118 -8.09 16.45 3.76
C VAL C 118 -7.14 16.66 2.59
N LYS C 119 -7.40 17.70 1.79
CA LYS C 119 -6.57 18.04 0.65
C LYS C 119 -6.04 19.46 0.81
N VAL C 120 -6.96 20.42 0.90
CA VAL C 120 -6.59 21.82 1.08
C VAL C 120 -6.77 22.22 2.54
N HIS C 121 -6.54 23.50 2.83
CA HIS C 121 -6.67 24.01 4.19
C HIS C 121 -8.14 24.31 4.58
N THR C 122 -9.03 24.26 3.60
CA THR C 122 -10.45 24.52 3.82
C THR C 122 -11.19 23.25 4.24
N ASP C 123 -10.53 22.11 4.06
CA ASP C 123 -11.12 20.82 4.43
C ASP C 123 -11.05 20.73 5.94
N LEU C 124 -10.12 21.47 6.52
CA LEU C 124 -9.93 21.49 7.95
C LEU C 124 -10.78 22.56 8.59
N PRO C 125 -11.18 22.34 9.84
CA PRO C 125 -10.82 21.14 10.59
C PRO C 125 -11.94 20.11 10.46
N ILE C 126 -11.67 18.87 10.90
CA ILE C 126 -12.67 17.81 10.81
C ILE C 126 -12.89 17.03 12.12
N LYS C 127 -13.40 17.74 13.12
CA LYS C 127 -13.68 17.18 14.43
C LYS C 127 -14.72 16.08 14.31
N ILE C 128 -14.28 14.87 13.95
CA ILE C 128 -15.21 13.75 13.80
C ILE C 128 -15.15 12.77 14.99
N TYR C 129 -16.28 12.15 15.33
CA TYR C 129 -16.30 11.21 16.45
C TYR C 129 -17.20 10.00 16.22
N GLN C 130 -17.00 8.97 17.05
CA GLN C 130 -17.81 7.75 16.96
C GLN C 130 -17.89 7.05 18.31
N ILE C 131 -18.94 6.26 18.49
CA ILE C 131 -19.18 5.51 19.71
C ILE C 131 -19.30 4.04 19.35
N VAL C 132 -18.16 3.43 19.08
CA VAL C 132 -18.04 2.03 18.67
C VAL C 132 -17.73 1.09 19.81
N ASN C 133 -17.57 -0.19 19.49
CA ASN C 133 -17.26 -1.19 20.48
C ASN C 133 -15.90 -1.80 20.17
N THR C 134 -14.88 -1.39 20.92
CA THR C 134 -13.54 -1.89 20.68
C THR C 134 -13.31 -3.19 21.44
N PHE C 135 -12.12 -3.75 21.30
CA PHE C 135 -11.73 -4.96 22.00
C PHE C 135 -10.39 -4.76 22.69
N ARG C 136 -9.85 -5.82 23.29
CA ARG C 136 -8.59 -5.69 23.98
C ARG C 136 -8.21 -6.99 24.66
N TYR C 137 -7.28 -7.72 24.07
CA TYR C 137 -6.85 -8.98 24.66
C TYR C 137 -6.36 -8.60 26.06
N GLU C 138 -7.23 -8.77 27.04
CA GLU C 138 -6.90 -8.43 28.42
C GLU C 138 -6.32 -9.63 29.13
N THR C 139 -5.07 -9.48 29.58
CA THR C 139 -4.37 -10.53 30.29
C THR C 139 -4.61 -10.44 31.81
N LYS C 140 -4.80 -9.21 32.29
CA LYS C 140 -5.07 -8.98 33.71
C LYS C 140 -6.47 -9.44 34.02
N HIS C 141 -6.95 -9.16 35.23
CA HIS C 141 -8.29 -9.56 35.63
C HIS C 141 -9.31 -8.54 35.11
N THR C 142 -10.45 -9.01 34.64
CA THR C 142 -11.44 -8.08 34.14
C THR C 142 -12.25 -7.54 35.29
N ARG C 143 -12.95 -6.45 35.02
CA ARG C 143 -13.80 -5.80 36.00
C ARG C 143 -14.93 -5.15 35.20
N PRO C 144 -16.18 -5.54 35.50
CA PRO C 144 -17.40 -5.04 34.86
C PRO C 144 -17.41 -3.55 34.51
N LEU C 145 -17.87 -3.24 33.30
CA LEU C 145 -17.96 -1.87 32.83
C LEU C 145 -16.69 -1.07 33.07
N ILE C 146 -15.61 -1.77 33.36
CA ILE C 146 -14.32 -1.12 33.55
C ILE C 146 -13.28 -1.79 32.64
N ARG C 147 -12.56 -2.76 33.19
CA ARG C 147 -11.55 -3.48 32.44
C ARG C 147 -12.26 -4.62 31.75
N LEU C 148 -12.55 -4.43 30.46
CA LEU C 148 -13.28 -5.43 29.69
C LEU C 148 -12.56 -6.01 28.48
N ARG C 149 -12.79 -7.29 28.22
CA ARG C 149 -12.20 -7.91 27.06
C ARG C 149 -12.82 -7.13 25.88
N GLU C 150 -14.14 -7.16 25.76
CA GLU C 150 -14.82 -6.43 24.69
C GLU C 150 -15.55 -5.22 25.24
N ILE C 151 -15.01 -4.04 24.98
CA ILE C 151 -15.59 -2.79 25.45
C ILE C 151 -16.89 -2.48 24.70
N MET C 152 -17.98 -2.44 25.45
CA MET C 152 -19.28 -2.20 24.88
C MET C 152 -19.57 -0.80 24.34
N THR C 153 -19.13 0.24 25.04
CA THR C 153 -19.42 1.60 24.59
C THR C 153 -18.20 2.51 24.63
N PHE C 154 -17.58 2.68 23.48
CA PHE C 154 -16.39 3.52 23.43
C PHE C 154 -16.49 4.68 22.45
N LYS C 155 -16.71 5.87 23.00
CA LYS C 155 -16.80 7.07 22.19
C LYS C 155 -15.43 7.69 22.04
N GLU C 156 -14.91 7.68 20.82
CA GLU C 156 -13.61 8.27 20.57
C GLU C 156 -13.80 9.40 19.55
N ALA C 157 -13.46 10.61 19.94
CA ALA C 157 -13.62 11.72 19.02
C ALA C 157 -12.27 11.99 18.42
N HIS C 158 -12.31 12.47 17.18
CA HIS C 158 -11.11 12.79 16.45
C HIS C 158 -11.31 14.16 15.83
N THR C 159 -10.25 14.93 15.78
CA THR C 159 -10.34 16.24 15.17
C THR C 159 -8.98 16.46 14.55
N ALA C 160 -8.96 17.30 13.52
CA ALA C 160 -7.73 17.61 12.83
C ALA C 160 -7.80 19.09 12.51
N HIS C 161 -6.67 19.75 12.69
CA HIS C 161 -6.63 21.17 12.48
C HIS C 161 -5.52 21.49 11.52
N SER C 162 -5.32 22.78 11.26
CA SER C 162 -4.26 23.20 10.35
C SER C 162 -3.05 23.76 11.10
N THR C 163 -3.12 23.82 12.42
CA THR C 163 -2.01 24.39 13.16
C THR C 163 -1.86 23.93 14.60
N LYS C 164 -0.61 23.94 15.06
CA LYS C 164 -0.28 23.55 16.43
C LYS C 164 -1.13 24.33 17.41
N GLU C 165 -1.44 25.59 17.09
CA GLU C 165 -2.25 26.44 17.97
C GLU C 165 -3.73 25.99 18.00
N GLU C 166 -4.32 25.74 16.82
CA GLU C 166 -5.70 25.29 16.72
C GLU C 166 -5.89 23.98 17.50
N ALA C 167 -4.93 23.08 17.32
CA ALA C 167 -4.97 21.79 18.01
C ALA C 167 -4.97 22.05 19.49
N GLU C 168 -3.92 22.72 19.97
CA GLU C 168 -3.77 23.06 21.37
C GLU C 168 -5.10 23.56 21.94
N ASN C 169 -5.70 24.53 21.28
CA ASN C 169 -6.97 25.04 21.76
C ASN C 169 -8.04 23.96 21.73
N GLN C 170 -8.06 23.13 20.69
CA GLN C 170 -9.07 22.08 20.60
C GLN C 170 -9.05 21.19 21.84
N VAL C 171 -7.88 20.99 22.42
CA VAL C 171 -7.76 20.18 23.61
C VAL C 171 -8.56 20.83 24.74
N LYS C 172 -8.34 22.12 24.94
CA LYS C 172 -9.05 22.86 25.99
C LYS C 172 -10.56 22.88 25.77
N GLU C 173 -11.01 22.86 24.51
CA GLU C 173 -12.44 22.85 24.23
C GLU C 173 -12.94 21.49 24.72
N ALA C 174 -12.27 20.44 24.27
CA ALA C 174 -12.62 19.09 24.67
C ALA C 174 -12.72 18.98 26.18
N ILE C 175 -11.62 19.31 26.85
CA ILE C 175 -11.53 19.28 28.30
C ILE C 175 -12.73 19.99 28.85
N SER C 176 -13.12 21.07 28.18
CA SER C 176 -14.28 21.81 28.60
C SER C 176 -15.50 20.95 28.43
N ILE C 177 -15.59 20.26 27.29
CA ILE C 177 -16.73 19.41 27.04
C ILE C 177 -16.82 18.38 28.14
N TYR C 178 -15.83 17.48 28.18
CA TYR C 178 -15.84 16.43 29.19
C TYR C 178 -16.17 16.94 30.56
N LYS C 179 -15.65 18.12 30.89
CA LYS C 179 -15.90 18.74 32.18
C LYS C 179 -17.41 18.88 32.30
N LYS C 180 -17.97 19.82 31.53
CA LYS C 180 -19.41 20.10 31.50
C LYS C 180 -20.24 18.83 31.34
N PHE C 181 -19.66 17.77 30.77
CA PHE C 181 -20.35 16.51 30.61
C PHE C 181 -20.51 15.86 31.98
N PHE C 182 -19.38 15.50 32.58
CA PHE C 182 -19.38 14.86 33.89
C PHE C 182 -20.28 15.62 34.84
N ASP C 183 -20.19 16.95 34.79
CA ASP C 183 -21.01 17.80 35.63
C ASP C 183 -22.48 17.46 35.52
N THR C 184 -23.01 17.40 34.30
CA THR C 184 -24.43 17.10 34.16
C THR C 184 -24.71 15.67 34.62
N LEU C 185 -23.62 14.91 34.81
CA LEU C 185 -23.73 13.53 35.29
C LEU C 185 -23.42 13.52 36.81
N GLY C 186 -22.81 14.61 37.26
CA GLY C 186 -22.46 14.74 38.67
C GLY C 186 -21.30 13.88 39.10
N ILE C 187 -20.26 13.80 38.29
CA ILE C 187 -19.12 12.96 38.64
C ILE C 187 -17.91 13.74 39.06
N PRO C 188 -17.51 13.57 40.31
CA PRO C 188 -16.33 14.26 40.82
C PRO C 188 -15.14 13.87 39.96
N TYR C 189 -14.48 14.84 39.36
CA TYR C 189 -13.31 14.51 38.56
C TYR C 189 -12.12 15.34 38.97
N LEU C 190 -10.93 14.82 38.70
CA LEU C 190 -9.70 15.51 38.99
C LEU C 190 -9.02 15.45 37.64
N ILE C 191 -8.69 16.62 37.08
CA ILE C 191 -8.07 16.71 35.76
C ILE C 191 -6.56 16.73 35.78
N SER C 192 -5.93 15.76 35.14
CA SER C 192 -4.48 15.70 35.13
C SER C 192 -3.79 15.68 33.76
N LYS C 193 -2.46 15.81 33.82
CA LYS C 193 -1.60 15.83 32.65
C LYS C 193 -0.60 14.67 32.81
N ARG C 194 -1.01 13.49 32.36
CA ARG C 194 -0.21 12.30 32.42
C ARG C 194 1.24 12.60 32.18
N PRO C 195 2.11 12.21 33.11
CA PRO C 195 3.55 12.46 32.98
C PRO C 195 4.10 12.09 31.59
N GLU C 196 5.24 12.66 31.23
CA GLU C 196 5.83 12.39 29.92
C GLU C 196 6.36 10.97 29.81
N TRP C 197 5.71 10.02 30.47
CA TRP C 197 6.12 8.62 30.41
C TRP C 197 4.93 7.70 30.53
N ASP C 198 3.74 8.29 30.49
CA ASP C 198 2.49 7.55 30.56
C ASP C 198 1.66 8.05 29.37
N LYS C 199 2.39 8.53 28.36
CA LYS C 199 1.85 9.09 27.13
C LYS C 199 1.14 8.08 26.23
N PHE C 200 0.13 8.57 25.52
CA PHE C 200 -0.63 7.77 24.57
C PHE C 200 0.47 7.35 23.58
N PRO C 201 0.16 6.46 22.62
CA PRO C 201 1.21 6.07 21.69
C PRO C 201 2.00 7.25 21.11
N GLY C 202 1.43 7.88 20.10
CA GLY C 202 2.08 9.01 19.48
C GLY C 202 1.42 10.32 19.83
N ALA C 203 1.38 10.65 21.12
CA ALA C 203 0.77 11.88 21.59
C ALA C 203 1.82 12.79 22.19
N GLU C 204 1.65 14.08 21.99
CA GLU C 204 2.58 15.07 22.52
C GLU C 204 2.51 15.08 24.03
N TYR C 205 1.29 15.01 24.54
CA TYR C 205 1.08 14.99 25.97
C TYR C 205 -0.36 14.53 26.14
N THR C 206 -0.72 14.15 27.37
CA THR C 206 -2.07 13.68 27.64
C THR C 206 -2.71 14.31 28.87
N MET C 207 -4.00 14.64 28.75
CA MET C 207 -4.81 15.21 29.82
C MET C 207 -5.77 14.11 30.13
N ALA C 208 -6.15 13.95 31.39
CA ALA C 208 -7.07 12.87 31.75
C ALA C 208 -7.87 13.13 33.00
N PHE C 209 -9.17 12.87 32.94
CA PHE C 209 -10.05 13.04 34.09
C PHE C 209 -10.04 11.77 34.92
N ASP C 210 -9.74 11.89 36.22
CA ASP C 210 -9.73 10.73 37.11
C ASP C 210 -10.67 10.98 38.27
N THR C 211 -11.40 9.96 38.67
CA THR C 211 -12.29 10.11 39.80
C THR C 211 -11.98 9.00 40.77
N ILE C 212 -12.37 9.19 42.00
CA ILE C 212 -12.09 8.19 43.01
C ILE C 212 -13.37 7.48 43.41
N PHE C 213 -13.45 6.20 43.11
CA PHE C 213 -14.61 5.40 43.48
C PHE C 213 -14.63 5.30 45.01
N PRO C 214 -15.77 4.86 45.57
CA PRO C 214 -15.98 4.71 47.01
C PRO C 214 -14.94 3.89 47.74
N ASP C 215 -14.01 3.29 47.00
CA ASP C 215 -13.01 2.44 47.64
C ASP C 215 -11.63 3.07 47.86
N GLY C 216 -11.48 4.32 47.45
CA GLY C 216 -10.21 5.01 47.63
C GLY C 216 -9.34 4.90 46.40
N ARG C 217 -9.68 3.93 45.56
CA ARG C 217 -8.97 3.66 44.31
C ARG C 217 -9.46 4.69 43.30
N THR C 218 -8.55 5.17 42.46
CA THR C 218 -8.94 6.14 41.45
C THR C 218 -9.20 5.42 40.15
N MET C 219 -9.86 6.12 39.24
CA MET C 219 -10.17 5.54 37.96
C MET C 219 -10.32 6.60 36.89
N GLN C 220 -9.39 6.61 35.94
CA GLN C 220 -9.47 7.56 34.86
C GLN C 220 -10.72 7.18 34.05
N ILE C 221 -11.54 8.17 33.73
CA ILE C 221 -12.78 7.94 33.01
C ILE C 221 -12.84 8.69 31.69
N ALA C 222 -12.15 9.82 31.63
CA ALA C 222 -12.13 10.64 30.44
C ALA C 222 -10.70 10.86 30.02
N THR C 223 -10.48 11.09 28.73
CA THR C 223 -9.13 11.31 28.24
C THR C 223 -8.98 12.15 26.98
N VAL C 224 -8.00 13.04 27.01
CA VAL C 224 -7.71 13.91 25.88
C VAL C 224 -6.22 13.85 25.59
N HIS C 225 -5.87 13.71 24.31
CA HIS C 225 -4.48 13.64 23.92
C HIS C 225 -4.29 14.67 22.84
N ASN C 226 -3.07 15.23 22.75
CA ASN C 226 -2.78 16.16 21.67
C ASN C 226 -1.76 15.40 20.84
N LEU C 227 -2.05 15.22 19.55
CA LEU C 227 -1.16 14.44 18.70
C LEU C 227 -0.27 15.20 17.71
N GLY C 228 -0.56 16.48 17.51
CA GLY C 228 0.25 17.24 16.57
C GLY C 228 0.28 16.54 15.23
N GLN C 229 1.45 16.14 14.76
CA GLN C 229 1.54 15.51 13.46
C GLN C 229 2.04 14.08 13.49
N ASN C 230 2.39 13.61 14.69
CA ASN C 230 2.91 12.26 14.86
C ASN C 230 2.17 11.26 14.02
N PHE C 231 0.87 11.42 13.89
CA PHE C 231 0.08 10.50 13.08
C PHE C 231 -0.02 11.01 11.66
N SER C 232 -0.41 12.27 11.53
CA SER C 232 -0.56 12.91 10.23
C SER C 232 0.58 12.55 9.28
N LYS C 233 1.77 12.43 9.82
CA LYS C 233 2.90 12.05 8.97
C LYS C 233 2.68 10.62 8.53
N THR C 234 2.86 9.68 9.46
CA THR C 234 2.69 8.26 9.18
C THR C 234 1.49 7.94 8.28
N PHE C 235 0.51 8.82 8.24
CA PHE C 235 -0.68 8.59 7.43
C PHE C 235 -0.83 9.52 6.24
N GLU C 236 0.26 10.19 5.85
CA GLU C 236 0.21 11.11 4.71
C GLU C 236 -1.07 11.94 4.70
N ILE C 237 -1.43 12.46 5.86
CA ILE C 237 -2.60 13.33 5.98
C ILE C 237 -1.98 14.70 5.86
N ILE C 238 -1.76 15.13 4.61
CA ILE C 238 -1.17 16.44 4.36
C ILE C 238 -2.24 17.37 3.89
N PHE C 239 -1.84 18.60 3.58
CA PHE C 239 -2.79 19.58 3.11
C PHE C 239 -2.07 20.84 2.64
N GLU C 240 -2.75 21.64 1.81
CA GLU C 240 -2.16 22.85 1.29
C GLU C 240 -2.41 24.05 2.18
N THR C 241 -1.36 24.50 2.85
CA THR C 241 -1.46 25.66 3.72
C THR C 241 -2.09 26.75 2.88
N PRO C 242 -2.70 27.74 3.51
CA PRO C 242 -3.32 28.81 2.71
C PRO C 242 -2.32 29.55 1.84
N THR C 243 -1.06 29.10 1.87
CA THR C 243 0.00 29.74 1.12
C THR C 243 0.50 28.91 -0.01
N GLY C 244 -0.04 27.70 -0.15
CA GLY C 244 0.39 26.80 -1.22
C GLY C 244 1.25 25.66 -0.70
N ASP C 245 2.28 26.03 0.06
CA ASP C 245 3.20 25.07 0.67
C ASP C 245 2.41 23.94 1.32
N LYS C 246 3.10 22.84 1.65
CA LYS C 246 2.43 21.70 2.27
C LYS C 246 2.74 21.54 3.74
N ASP C 247 1.73 21.14 4.51
CA ASP C 247 1.92 20.91 5.93
C ASP C 247 1.03 19.76 6.40
N TYR C 248 1.61 18.91 7.24
CA TYR C 248 0.91 17.76 7.79
C TYR C 248 -0.03 18.29 8.86
N ALA C 249 -1.24 17.73 8.92
CA ALA C 249 -2.30 18.15 9.86
C ALA C 249 -1.98 17.91 11.32
N TYR C 250 -2.57 18.71 12.19
CA TYR C 250 -2.35 18.56 13.62
C TYR C 250 -3.56 17.88 14.26
N GLN C 251 -3.40 16.58 14.54
CA GLN C 251 -4.45 15.78 15.14
C GLN C 251 -4.63 16.05 16.64
N THR C 252 -5.66 15.43 17.19
CA THR C 252 -5.97 15.50 18.61
C THR C 252 -7.23 14.70 18.82
N CYS C 253 -7.19 13.78 19.76
CA CYS C 253 -8.33 12.94 20.01
C CYS C 253 -8.63 12.79 21.50
N TYR C 254 -9.89 12.48 21.79
CA TYR C 254 -10.32 12.28 23.16
C TYR C 254 -11.41 11.21 23.22
N GLY C 255 -11.42 10.46 24.31
CA GLY C 255 -12.39 9.40 24.48
C GLY C 255 -12.82 9.12 25.90
N ILE C 256 -13.96 8.45 26.00
CA ILE C 256 -14.55 8.06 27.27
C ILE C 256 -15.03 6.64 27.01
N SER C 257 -15.20 5.85 28.07
CA SER C 257 -15.68 4.49 27.89
C SER C 257 -16.77 4.15 28.89
N ASP C 258 -17.16 2.88 28.92
CA ASP C 258 -18.18 2.43 29.83
C ASP C 258 -17.77 2.80 31.24
N ARG C 259 -16.50 3.08 31.44
CA ARG C 259 -16.01 3.44 32.77
C ARG C 259 -16.87 4.53 33.39
N VAL C 260 -17.55 5.34 32.58
CA VAL C 260 -18.42 6.36 33.14
C VAL C 260 -19.57 5.67 33.79
N ILE C 261 -20.37 4.98 33.00
CA ILE C 261 -21.51 4.27 33.55
C ILE C 261 -21.11 3.43 34.80
N ALA C 262 -19.86 2.94 34.83
CA ALA C 262 -19.41 2.15 35.98
C ALA C 262 -19.35 3.14 37.11
N SER C 263 -18.74 4.27 36.82
CA SER C 263 -18.62 5.31 37.81
C SER C 263 -19.97 5.93 38.14
N ILE C 264 -20.87 6.03 37.16
CA ILE C 264 -22.20 6.59 37.42
C ILE C 264 -22.81 5.67 38.42
N ILE C 265 -22.67 4.40 38.18
CA ILE C 265 -23.20 3.42 39.10
C ILE C 265 -22.63 3.59 40.50
N ALA C 266 -21.32 3.39 40.65
CA ALA C 266 -20.67 3.55 41.97
C ALA C 266 -20.94 4.91 42.59
N ILE C 267 -20.03 5.85 42.31
CA ILE C 267 -20.14 7.19 42.83
C ILE C 267 -21.46 7.55 43.54
N HIS C 268 -22.59 7.34 42.87
CA HIS C 268 -23.89 7.69 43.45
C HIS C 268 -24.57 6.55 44.18
N GLY C 269 -24.55 5.37 43.55
CA GLY C 269 -25.18 4.21 44.15
C GLY C 269 -24.96 4.10 45.66
N ASP C 270 -25.96 3.55 46.34
CA ASP C 270 -25.88 3.37 47.77
C ASP C 270 -26.28 1.96 48.15
N GLU C 271 -26.09 1.61 49.42
CA GLU C 271 -26.40 0.29 49.95
C GLU C 271 -27.69 -0.29 49.36
N LYS C 272 -28.75 0.49 49.31
CA LYS C 272 -30.01 0.01 48.77
C LYS C 272 -29.94 -0.15 47.25
N GLY C 273 -28.81 0.22 46.65
CA GLY C 273 -28.68 0.08 45.21
C GLY C 273 -28.52 1.40 44.50
N LEU C 274 -28.73 1.41 43.19
CA LEU C 274 -28.60 2.61 42.37
C LEU C 274 -29.14 3.89 42.97
N ILE C 275 -28.98 4.96 42.21
CA ILE C 275 -29.42 6.29 42.61
C ILE C 275 -29.28 7.17 41.37
N LEU C 276 -28.56 6.63 40.40
CA LEU C 276 -28.28 7.28 39.14
C LEU C 276 -29.02 8.59 38.91
N PRO C 277 -28.26 9.64 38.54
CA PRO C 277 -28.76 11.00 38.27
C PRO C 277 -30.05 10.96 37.46
N PRO C 278 -30.93 11.97 37.62
CA PRO C 278 -32.20 12.00 36.88
C PRO C 278 -32.00 12.28 35.40
N ILE C 279 -30.84 12.84 35.07
CA ILE C 279 -30.54 13.16 33.68
C ILE C 279 -30.34 11.88 32.92
N VAL C 280 -30.20 10.76 33.64
CA VAL C 280 -30.00 9.45 33.03
C VAL C 280 -30.98 8.36 33.50
N ALA C 281 -31.96 8.71 34.33
CA ALA C 281 -32.87 7.69 34.80
C ALA C 281 -33.69 7.12 33.65
N PRO C 282 -33.49 5.83 33.32
CA PRO C 282 -34.26 5.25 32.23
C PRO C 282 -35.74 5.54 32.52
N ILE C 283 -36.00 5.81 33.80
CA ILE C 283 -37.31 6.17 34.30
C ILE C 283 -37.03 7.15 35.41
N GLN C 284 -37.32 8.41 35.17
CA GLN C 284 -37.07 9.46 36.14
C GLN C 284 -38.12 9.39 37.23
N VAL C 285 -39.35 9.04 36.84
CA VAL C 285 -40.42 8.93 37.79
C VAL C 285 -41.24 7.67 37.62
N VAL C 286 -41.47 6.96 38.72
CA VAL C 286 -42.24 5.71 38.74
C VAL C 286 -43.57 5.92 39.41
N ILE C 287 -44.65 5.51 38.75
CA ILE C 287 -45.96 5.66 39.33
C ILE C 287 -46.48 4.32 39.76
N VAL C 288 -46.67 4.18 41.08
CA VAL C 288 -47.14 2.96 41.68
C VAL C 288 -48.60 3.00 42.08
N PRO C 289 -49.46 2.36 41.28
CA PRO C 289 -50.88 2.32 41.58
C PRO C 289 -51.11 1.24 42.62
N LEU C 290 -51.47 1.64 43.84
CA LEU C 290 -51.73 0.72 44.94
C LEU C 290 -53.16 0.18 44.84
N ILE C 291 -53.31 -1.05 44.40
CA ILE C 291 -54.62 -1.66 44.24
C ILE C 291 -55.21 -2.20 45.53
N PHE C 292 -56.38 -1.67 45.89
CA PHE C 292 -57.10 -2.10 47.09
C PHE C 292 -58.47 -2.69 46.76
N LYS C 293 -58.94 -3.62 47.60
CA LYS C 293 -60.24 -4.28 47.40
C LYS C 293 -61.32 -3.32 46.90
N GLY C 294 -61.29 -2.08 47.39
CA GLY C 294 -62.28 -1.09 46.98
C GLY C 294 -61.66 0.05 46.21
N LYS C 295 -62.30 0.44 45.11
CA LYS C 295 -61.80 1.53 44.28
C LYS C 295 -60.46 1.12 43.68
N GLU C 296 -60.45 0.03 42.92
CA GLU C 296 -59.22 -0.42 42.29
C GLU C 296 -59.07 0.40 41.02
N ASP C 297 -60.19 0.61 40.35
CA ASP C 297 -60.22 1.35 39.10
C ASP C 297 -59.73 2.79 39.22
N ILE C 298 -60.39 3.57 40.06
CA ILE C 298 -60.03 4.97 40.25
C ILE C 298 -58.52 5.20 40.35
N VAL C 299 -57.84 4.43 41.18
CA VAL C 299 -56.40 4.58 41.34
C VAL C 299 -55.73 4.52 39.96
N MET C 300 -55.81 3.37 39.29
CA MET C 300 -55.21 3.20 37.97
C MET C 300 -55.53 4.39 37.10
N GLU C 301 -56.67 5.03 37.36
CA GLU C 301 -57.06 6.19 36.58
C GLU C 301 -56.14 7.32 36.99
N LYS C 302 -56.02 7.55 38.30
CA LYS C 302 -55.14 8.60 38.78
C LYS C 302 -53.72 8.40 38.26
N ALA C 303 -53.28 7.14 38.21
CA ALA C 303 -51.94 6.84 37.71
C ALA C 303 -51.80 7.53 36.38
N LYS C 304 -52.65 7.14 35.43
CA LYS C 304 -52.62 7.72 34.10
C LYS C 304 -52.65 9.24 34.16
N GLU C 305 -53.62 9.82 34.85
CA GLU C 305 -53.66 11.27 34.92
C GLU C 305 -52.26 11.78 35.19
N ILE C 306 -51.62 11.21 36.20
CA ILE C 306 -50.27 11.61 36.57
C ILE C 306 -49.29 11.31 35.45
N TYR C 307 -49.44 10.15 34.82
CA TYR C 307 -48.58 9.78 33.70
C TYR C 307 -48.66 10.94 32.71
N GLU C 308 -49.74 10.97 31.94
CA GLU C 308 -49.98 12.00 30.94
C GLU C 308 -49.47 13.38 31.36
N LYS C 309 -49.65 13.75 32.62
CA LYS C 309 -49.18 15.06 33.03
C LYS C 309 -47.65 15.14 33.00
N LEU C 310 -47.00 14.15 33.60
CA LEU C 310 -45.55 14.09 33.65
C LEU C 310 -44.91 13.62 32.34
N LYS C 311 -45.69 12.88 31.56
CA LYS C 311 -45.28 12.30 30.27
C LYS C 311 -44.51 13.20 29.33
N GLY C 312 -44.85 14.49 29.32
CA GLY C 312 -44.21 15.42 28.43
C GLY C 312 -42.75 15.70 28.65
N LYS C 313 -42.44 16.28 29.80
CA LYS C 313 -41.09 16.66 30.15
C LYS C 313 -40.30 15.51 30.77
N PHE C 314 -41.00 14.53 31.32
CA PHE C 314 -40.34 13.45 32.01
C PHE C 314 -40.56 12.02 31.54
N ARG C 315 -39.70 11.14 32.03
CA ARG C 315 -39.75 9.71 31.74
C ARG C 315 -40.47 9.02 32.91
N VAL C 316 -41.73 8.66 32.68
CA VAL C 316 -42.53 8.01 33.71
C VAL C 316 -42.91 6.59 33.30
N HIS C 317 -43.15 5.76 34.32
CA HIS C 317 -43.54 4.36 34.14
C HIS C 317 -44.43 3.94 35.30
N ILE C 318 -45.39 3.09 34.99
CA ILE C 318 -46.32 2.64 36.01
C ILE C 318 -46.18 1.14 36.23
N ASP C 319 -46.37 0.72 37.48
CA ASP C 319 -46.28 -0.70 37.81
C ASP C 319 -47.65 -1.37 37.84
N ASP C 320 -48.19 -1.64 36.66
CA ASP C 320 -49.48 -2.29 36.55
C ASP C 320 -49.37 -3.59 37.34
N ARG C 321 -48.25 -4.27 37.12
CA ARG C 321 -47.90 -5.56 37.73
C ARG C 321 -48.67 -5.92 39.00
N ASP C 322 -48.85 -7.21 39.23
CA ASP C 322 -49.54 -7.67 40.43
C ASP C 322 -48.52 -8.18 41.43
N ILE C 323 -48.32 -7.44 42.52
CA ILE C 323 -47.38 -7.83 43.55
C ILE C 323 -47.35 -6.83 44.69
N ARG C 324 -46.79 -7.24 45.81
CA ARG C 324 -46.69 -6.39 46.98
C ARG C 324 -46.03 -5.08 46.57
N PRO C 325 -46.69 -3.95 46.82
CA PRO C 325 -46.08 -2.68 46.44
C PRO C 325 -44.66 -2.68 46.96
N GLY C 326 -44.45 -3.44 48.02
CA GLY C 326 -43.13 -3.55 48.64
C GLY C 326 -42.05 -3.88 47.64
N ARG C 327 -42.12 -5.09 47.08
CA ARG C 327 -41.15 -5.53 46.09
C ARG C 327 -41.03 -4.40 45.07
N LYS C 328 -42.17 -3.87 44.63
CA LYS C 328 -42.17 -2.77 43.68
C LYS C 328 -41.32 -1.64 44.22
N PHE C 329 -41.75 -1.04 45.34
CA PHE C 329 -41.01 0.04 45.98
C PHE C 329 -39.54 -0.32 46.05
N ASN C 330 -39.31 -1.57 46.42
CA ASN C 330 -37.98 -2.11 46.58
C ASN C 330 -37.30 -2.30 45.23
N ASP C 331 -38.01 -2.92 44.29
CA ASP C 331 -37.44 -3.15 42.96
C ASP C 331 -37.00 -1.84 42.29
N TRP C 332 -37.77 -0.78 42.48
CA TRP C 332 -37.44 0.51 41.87
C TRP C 332 -36.41 1.28 42.63
N GLU C 333 -36.27 0.97 43.91
CA GLU C 333 -35.28 1.64 44.74
C GLU C 333 -33.94 1.10 44.26
N ILE C 334 -33.84 -0.22 44.14
CA ILE C 334 -32.61 -0.85 43.66
C ILE C 334 -32.20 -0.28 42.31
N LYS C 335 -33.18 -0.12 41.43
CA LYS C 335 -32.90 0.42 40.11
C LYS C 335 -32.57 1.90 40.15
N GLY C 336 -32.61 2.48 41.35
CA GLY C 336 -32.30 3.89 41.49
C GLY C 336 -33.25 4.88 40.80
N VAL C 337 -34.51 4.52 40.61
CA VAL C 337 -35.41 5.49 40.00
C VAL C 337 -35.46 6.68 40.96
N PRO C 338 -35.01 7.84 40.50
CA PRO C 338 -34.99 9.06 41.31
C PRO C 338 -36.24 9.27 42.11
N LEU C 339 -37.35 9.52 41.42
CA LEU C 339 -38.61 9.80 42.09
C LEU C 339 -39.62 8.68 41.94
N ARG C 340 -40.49 8.54 42.93
CA ARG C 340 -41.53 7.52 42.89
C ARG C 340 -42.78 8.11 43.46
N ILE C 341 -43.88 7.92 42.74
CA ILE C 341 -45.17 8.44 43.16
C ILE C 341 -46.09 7.31 43.59
N GLU C 342 -46.58 7.41 44.82
CA GLU C 342 -47.50 6.41 45.33
C GLU C 342 -48.90 6.95 45.06
N VAL C 343 -49.68 6.19 44.29
CA VAL C 343 -51.05 6.60 43.97
C VAL C 343 -52.01 5.85 44.88
N GLY C 344 -52.36 6.47 46.00
CA GLY C 344 -53.25 5.81 46.94
C GLY C 344 -54.66 6.35 47.04
N PRO C 345 -55.58 5.59 47.68
CA PRO C 345 -56.98 5.94 47.88
C PRO C 345 -57.20 7.04 48.90
N LYS C 346 -56.83 6.80 50.14
CA LYS C 346 -57.00 7.82 51.17
C LYS C 346 -56.09 8.98 50.80
N ASP C 347 -55.29 8.78 49.76
CA ASP C 347 -54.35 9.81 49.30
C ASP C 347 -54.96 10.80 48.30
N ILE C 348 -55.81 10.33 47.39
CA ILE C 348 -56.42 11.23 46.43
C ILE C 348 -57.59 11.96 47.06
N GLU C 349 -58.24 11.31 48.02
CA GLU C 349 -59.38 11.89 48.73
C GLU C 349 -59.04 13.23 49.37
N ASN C 350 -57.82 13.35 49.89
CA ASN C 350 -57.34 14.58 50.52
C ASN C 350 -56.85 15.60 49.49
N LYS C 351 -56.91 15.22 48.22
CA LYS C 351 -56.49 16.07 47.11
C LYS C 351 -54.97 16.16 46.98
N LYS C 352 -54.28 15.25 47.65
CA LYS C 352 -52.82 15.25 47.60
C LYS C 352 -52.27 14.01 46.93
N ILE C 353 -50.97 14.03 46.65
CA ILE C 353 -50.29 12.92 46.02
C ILE C 353 -48.91 12.86 46.69
N THR C 354 -48.46 11.65 47.05
CA THR C 354 -47.20 11.46 47.75
C THR C 354 -45.97 10.97 46.95
N LEU C 355 -44.86 11.69 47.09
CA LEU C 355 -43.63 11.34 46.39
C LEU C 355 -42.56 10.76 47.31
N PHE C 356 -41.52 10.21 46.70
CA PHE C 356 -40.42 9.58 47.40
C PHE C 356 -39.12 9.91 46.69
N ARG C 357 -38.14 10.42 47.43
CA ARG C 357 -36.85 10.78 46.87
C ARG C 357 -35.86 9.64 47.02
N ARG C 358 -35.79 8.77 46.03
CA ARG C 358 -34.89 7.63 46.07
C ARG C 358 -33.46 8.05 46.36
N ASP C 359 -33.26 9.30 46.76
CA ASP C 359 -31.91 9.78 47.09
C ASP C 359 -31.68 9.94 48.59
N THR C 360 -32.60 10.64 49.25
CA THR C 360 -32.52 10.86 50.70
C THR C 360 -33.50 9.89 51.33
N MET C 361 -34.22 9.19 50.46
CA MET C 361 -35.24 8.23 50.86
C MET C 361 -36.27 8.79 51.83
N GLU C 362 -36.49 10.11 51.74
CA GLU C 362 -37.47 10.78 52.59
C GLU C 362 -38.75 10.87 51.78
N LYS C 363 -39.88 10.53 52.39
CA LYS C 363 -41.16 10.55 51.69
C LYS C 363 -42.13 11.62 52.17
N PHE C 364 -42.55 12.47 51.25
CA PHE C 364 -43.48 13.55 51.53
C PHE C 364 -44.71 13.52 50.63
N GLN C 365 -45.69 14.33 51.00
CA GLN C 365 -46.91 14.46 50.24
C GLN C 365 -46.88 15.88 49.72
N VAL C 366 -47.85 16.22 48.86
CA VAL C 366 -47.94 17.54 48.31
C VAL C 366 -49.25 17.67 47.57
N ASP C 367 -49.68 18.91 47.32
CA ASP C 367 -50.94 19.18 46.65
C ASP C 367 -50.92 18.84 45.16
N GLU C 368 -51.86 17.99 44.75
CA GLU C 368 -51.97 17.54 43.35
C GLU C 368 -51.97 18.66 42.32
N THR C 369 -52.11 19.90 42.77
CA THR C 369 -52.13 21.02 41.85
C THR C 369 -50.74 21.60 41.59
N GLN C 370 -49.76 21.15 42.36
CA GLN C 370 -48.37 21.62 42.21
C GLN C 370 -47.44 20.51 41.70
N LEU C 371 -48.03 19.35 41.35
CA LEU C 371 -47.24 18.22 40.88
C LEU C 371 -46.11 18.61 39.95
N MET C 372 -46.46 18.95 38.72
CA MET C 372 -45.48 19.34 37.72
C MET C 372 -44.35 20.18 38.32
N GLU C 373 -44.70 21.34 38.88
CA GLU C 373 -43.70 22.21 39.48
C GLU C 373 -42.83 21.41 40.43
N VAL C 374 -43.47 20.65 41.31
CA VAL C 374 -42.72 19.84 42.28
C VAL C 374 -41.78 18.85 41.59
N VAL C 375 -42.35 17.91 40.85
CA VAL C 375 -41.54 16.92 40.16
C VAL C 375 -40.29 17.55 39.58
N GLU C 376 -40.45 18.71 38.96
CA GLU C 376 -39.31 19.43 38.38
C GLU C 376 -38.34 19.81 39.49
N LYS C 377 -38.75 20.73 40.34
CA LYS C 377 -37.89 21.19 41.42
C LYS C 377 -37.32 20.02 42.23
N THR C 378 -38.17 19.08 42.62
CA THR C 378 -37.71 17.92 43.41
C THR C 378 -36.66 17.15 42.63
N LEU C 379 -36.94 16.88 41.35
CA LEU C 379 -36.03 16.15 40.47
C LEU C 379 -34.68 16.87 40.33
N ASN C 380 -34.69 18.20 40.36
CA ASN C 380 -33.46 18.97 40.27
C ASN C 380 -32.75 18.80 41.60
N ASN C 381 -33.38 19.31 42.65
CA ASN C 381 -32.82 19.23 43.98
C ASN C 381 -32.08 17.91 44.17
N ILE C 382 -32.69 16.82 43.69
CA ILE C 382 -32.05 15.52 43.82
C ILE C 382 -30.67 15.57 43.17
N MET C 383 -30.64 15.79 41.86
CA MET C 383 -29.39 15.89 41.14
C MET C 383 -28.44 16.76 41.94
N GLU C 384 -28.80 18.03 42.11
CA GLU C 384 -27.97 18.96 42.86
C GLU C 384 -27.45 18.28 44.12
N ASN C 385 -28.28 17.48 44.77
CA ASN C 385 -27.81 16.83 45.98
C ASN C 385 -26.82 15.71 45.69
N ILE C 386 -27.28 14.68 45.00
CA ILE C 386 -26.41 13.56 44.68
C ILE C 386 -25.09 14.08 44.14
N LYS C 387 -25.14 15.19 43.42
CA LYS C 387 -23.92 15.78 42.87
C LYS C 387 -22.99 16.28 43.96
N ASN C 388 -23.54 16.89 44.99
CA ASN C 388 -22.71 17.38 46.07
C ASN C 388 -22.18 16.17 46.82
N ARG C 389 -23.07 15.30 47.28
CA ARG C 389 -22.67 14.12 48.01
C ARG C 389 -21.48 13.54 47.29
N ALA C 390 -21.56 13.53 45.97
CA ALA C 390 -20.49 13.00 45.13
C ALA C 390 -19.22 13.79 45.32
N TRP C 391 -19.34 15.11 45.22
CA TRP C 391 -18.19 15.97 45.37
C TRP C 391 -17.61 15.95 46.77
N GLU C 392 -18.47 15.87 47.78
CA GLU C 392 -17.99 15.85 49.14
C GLU C 392 -17.13 14.61 49.40
N LYS C 393 -17.64 13.43 49.07
CA LYS C 393 -16.89 12.18 49.27
C LYS C 393 -15.61 12.26 48.47
N PHE C 394 -15.67 12.99 47.36
CA PHE C 394 -14.52 13.17 46.51
C PHE C 394 -13.47 14.01 47.25
N GLU C 395 -13.76 15.29 47.42
CA GLU C 395 -12.89 16.23 48.11
C GLU C 395 -12.36 15.69 49.44
N ASN C 396 -13.19 14.88 50.09
CA ASN C 396 -12.86 14.28 51.38
C ASN C 396 -11.71 13.29 51.24
N PHE C 397 -11.58 12.69 50.05
CA PHE C 397 -10.53 11.71 49.76
C PHE C 397 -9.25 12.34 49.25
N ILE C 398 -9.30 13.65 49.03
CA ILE C 398 -8.16 14.35 48.48
C ILE C 398 -7.31 14.98 49.57
N THR C 399 -6.06 14.57 49.63
CA THR C 399 -5.10 15.06 50.63
C THR C 399 -4.08 15.94 49.92
N ILE C 400 -3.99 17.19 50.35
CA ILE C 400 -3.08 18.17 49.75
C ILE C 400 -1.84 18.41 50.59
N LEU C 401 -0.86 17.52 50.47
CA LEU C 401 0.38 17.67 51.23
C LEU C 401 1.04 18.96 50.86
N GLU C 402 2.06 19.32 51.64
CA GLU C 402 2.81 20.53 51.41
C GLU C 402 4.24 20.16 51.09
N ASP C 403 4.54 18.86 51.18
CA ASP C 403 5.88 18.36 50.90
C ASP C 403 5.86 16.90 50.47
N ILE C 404 6.79 16.56 49.58
CA ILE C 404 6.90 15.22 49.00
C ILE C 404 7.59 14.10 49.79
N ASN C 405 7.30 13.93 51.07
CA ASN C 405 7.93 12.83 51.82
C ASN C 405 7.34 11.52 51.30
N PRO C 406 8.12 10.75 50.53
CA PRO C 406 7.66 9.48 49.97
C PRO C 406 7.27 8.43 50.99
N ASP C 407 8.10 8.24 52.01
CA ASP C 407 7.80 7.24 53.04
C ASP C 407 6.52 7.63 53.77
N GLU C 408 6.04 8.84 53.48
CA GLU C 408 4.84 9.38 54.11
C GLU C 408 3.59 9.17 53.27
N ILE C 409 3.73 9.44 51.97
CA ILE C 409 2.64 9.31 51.03
C ILE C 409 2.13 7.88 50.99
N LYS C 410 3.03 6.95 50.72
CA LYS C 410 2.65 5.53 50.68
C LYS C 410 1.98 5.16 51.98
N ASN C 411 2.40 5.83 53.06
CA ASN C 411 1.86 5.59 54.40
C ASN C 411 0.47 6.18 54.52
N ILE C 412 0.32 7.41 54.04
CA ILE C 412 -0.95 8.11 54.10
C ILE C 412 -1.93 7.55 53.06
N LEU C 413 -1.43 6.71 52.16
CA LEU C 413 -2.24 6.10 51.12
C LEU C 413 -2.73 4.74 51.53
N SER C 414 -2.17 4.21 52.61
CA SER C 414 -2.56 2.89 53.10
C SER C 414 -3.32 3.04 54.42
N GLU C 415 -4.21 4.01 54.46
CA GLU C 415 -5.02 4.30 55.63
C GLU C 415 -6.11 5.30 55.23
N LYS C 416 -5.69 6.34 54.53
CA LYS C 416 -6.58 7.40 54.08
C LYS C 416 -7.03 7.08 52.64
N ARG C 417 -6.07 6.76 51.78
CA ARG C 417 -6.29 6.42 50.38
C ARG C 417 -6.75 7.58 49.53
N GLY C 418 -7.58 7.31 48.53
CA GLY C 418 -8.05 8.38 47.67
C GLY C 418 -6.85 8.92 46.90
N VAL C 419 -6.85 10.22 46.62
CA VAL C 419 -5.74 10.83 45.88
C VAL C 419 -4.86 11.75 46.77
N ILE C 420 -3.58 11.80 46.41
CA ILE C 420 -2.62 12.58 47.14
C ILE C 420 -2.00 13.65 46.27
N LEU C 421 -2.28 14.90 46.61
CA LEU C 421 -1.74 16.02 45.86
C LEU C 421 -0.61 16.66 46.64
N VAL C 422 0.57 16.76 46.03
CA VAL C 422 1.70 17.35 46.70
C VAL C 422 2.23 18.43 45.82
N PRO C 423 2.78 19.50 46.41
CA PRO C 423 3.33 20.61 45.61
C PRO C 423 4.10 20.08 44.39
N PHE C 424 4.03 20.84 43.30
CA PHE C 424 4.70 20.45 42.07
C PHE C 424 6.06 21.10 41.87
N LYS C 425 7.06 20.25 41.67
CA LYS C 425 8.41 20.68 41.44
C LYS C 425 9.04 19.68 40.47
N GLU C 426 9.27 20.15 39.25
CA GLU C 426 9.88 19.34 38.19
C GLU C 426 10.98 18.49 38.81
N GLU C 427 11.72 19.13 39.71
CA GLU C 427 12.82 18.54 40.47
C GLU C 427 12.86 17.01 40.48
N ILE C 428 12.04 16.42 41.34
CA ILE C 428 11.98 14.97 41.49
C ILE C 428 10.71 14.36 40.93
N TYR C 429 10.29 14.90 39.79
CA TYR C 429 9.08 14.43 39.11
C TYR C 429 9.49 13.55 37.93
N ASN C 430 9.97 12.35 38.24
CA ASN C 430 10.39 11.38 37.23
C ASN C 430 9.76 10.04 37.61
N GLU C 431 10.07 8.98 36.88
CA GLU C 431 9.47 7.68 37.18
C GLU C 431 9.91 7.09 38.51
N GLU C 432 11.02 7.55 39.06
CA GLU C 432 11.47 7.02 40.33
C GLU C 432 10.41 7.32 41.36
N LEU C 433 9.97 8.57 41.40
CA LEU C 433 8.94 9.00 42.34
C LEU C 433 7.93 7.90 42.57
N GLU C 434 7.48 7.26 41.50
CA GLU C 434 6.52 6.15 41.63
C GLU C 434 7.23 4.98 42.27
N GLU C 435 8.38 4.61 41.74
CA GLU C 435 9.10 3.49 42.32
C GLU C 435 9.59 3.94 43.68
N LYS C 436 9.15 5.13 44.09
CA LYS C 436 9.53 5.68 45.38
C LYS C 436 8.31 5.68 46.30
N VAL C 437 7.25 6.38 45.91
CA VAL C 437 6.03 6.43 46.70
C VAL C 437 5.33 5.08 46.54
N GLU C 438 5.72 4.36 45.50
CA GLU C 438 5.16 3.04 45.20
C GLU C 438 3.64 3.13 45.03
N ALA C 439 3.22 4.06 44.17
CA ALA C 439 1.81 4.26 43.89
C ALA C 439 1.63 4.34 42.38
N THR C 440 1.37 5.54 41.88
CA THR C 440 1.19 5.77 40.45
C THR C 440 0.82 7.23 40.24
N ILE C 441 1.77 7.97 39.70
CA ILE C 441 1.58 9.38 39.43
C ILE C 441 0.47 9.65 38.43
N LEU C 442 -0.62 10.27 38.88
CA LEU C 442 -1.71 10.60 37.97
C LEU C 442 -1.20 11.73 37.08
N GLY C 443 -0.10 12.34 37.51
CA GLY C 443 0.50 13.43 36.74
C GLY C 443 0.39 14.81 37.37
N GLU C 444 0.51 15.84 36.53
CA GLU C 444 0.42 17.23 36.95
C GLU C 444 -1.04 17.62 37.07
N THR C 445 -1.32 18.46 38.05
CA THR C 445 -2.69 18.91 38.25
C THR C 445 -2.67 20.21 39.03
N GLU C 446 -3.71 21.01 38.82
CA GLU C 446 -3.88 22.29 39.49
C GLU C 446 -5.14 22.18 40.32
N TYR C 447 -5.06 22.51 41.60
CA TYR C 447 -6.22 22.43 42.47
C TYR C 447 -6.34 23.65 43.36
N LYS C 448 -6.99 24.69 42.83
CA LYS C 448 -7.21 25.94 43.55
C LYS C 448 -5.92 26.79 43.57
N GLY C 449 -5.63 27.45 42.45
CA GLY C 449 -4.44 28.28 42.39
C GLY C 449 -3.34 27.69 41.52
N ASN C 450 -2.33 27.11 42.17
CA ASN C 450 -1.19 26.53 41.45
C ASN C 450 -1.29 25.02 41.16
N LYS C 451 -0.17 24.44 40.72
CA LYS C 451 -0.10 23.02 40.37
C LYS C 451 0.58 22.13 41.42
N TYR C 452 0.02 20.95 41.61
CA TYR C 452 0.55 19.96 42.54
C TYR C 452 0.72 18.68 41.74
N ILE C 453 1.24 17.63 42.38
CA ILE C 453 1.37 16.35 41.70
C ILE C 453 0.27 15.45 42.26
N ALA C 454 -0.31 14.60 41.42
CA ALA C 454 -1.37 13.75 41.90
C ALA C 454 -0.93 12.31 42.05
N ILE C 455 -0.74 11.87 43.29
CA ILE C 455 -0.33 10.50 43.56
C ILE C 455 -1.55 9.77 44.08
N ALA C 456 -1.70 8.52 43.69
CA ALA C 456 -2.86 7.76 44.12
C ALA C 456 -2.87 6.33 43.60
N LYS C 457 -3.74 5.52 44.21
CA LYS C 457 -3.90 4.11 43.87
C LYS C 457 -4.95 4.05 42.76
N THR C 458 -4.64 3.31 41.70
CA THR C 458 -5.54 3.22 40.54
C THR C 458 -6.22 1.88 40.24
N TYR C 459 -7.28 1.96 39.47
CA TYR C 459 -8.03 0.78 39.02
C TYR C 459 -7.46 0.33 37.68
N MET D 4 -30.24 9.68 -17.57
CA MET D 4 -29.14 9.48 -18.56
C MET D 4 -28.17 8.40 -18.09
N LEU D 5 -27.92 8.36 -16.78
CA LEU D 5 -26.98 7.39 -16.21
C LEU D 5 -27.63 6.08 -15.77
N GLU D 6 -26.81 5.07 -15.52
CA GLU D 6 -27.29 3.75 -15.10
C GLU D 6 -27.30 3.66 -13.59
N PHE D 7 -28.33 3.01 -13.03
CA PHE D 7 -28.45 2.87 -11.59
C PHE D 7 -27.18 2.37 -10.89
N SER D 8 -26.56 1.34 -11.45
CA SER D 8 -25.34 0.79 -10.88
C SER D 8 -24.43 1.88 -10.32
N GLU D 9 -23.85 2.68 -11.20
CA GLU D 9 -22.95 3.75 -10.78
C GLU D 9 -23.70 4.92 -10.18
N TRP D 10 -24.95 5.13 -10.60
CA TRP D 10 -25.71 6.22 -10.04
C TRP D 10 -25.66 6.06 -8.53
N TYR D 11 -25.91 4.83 -8.08
CA TYR D 11 -25.88 4.52 -6.67
C TYR D 11 -24.47 4.83 -6.18
N SER D 12 -23.56 3.92 -6.47
CA SER D 12 -22.18 4.08 -6.07
C SER D 12 -21.72 5.53 -6.13
N ASP D 13 -22.04 6.23 -7.21
CA ASP D 13 -21.63 7.62 -7.36
C ASP D 13 -22.16 8.53 -6.26
N ILE D 14 -23.47 8.54 -6.04
CA ILE D 14 -24.06 9.40 -5.02
C ILE D 14 -23.70 8.95 -3.59
N LEU D 15 -23.73 7.65 -3.37
CA LEU D 15 -23.41 7.09 -2.06
C LEU D 15 -22.33 7.95 -1.45
N GLU D 16 -21.37 8.30 -2.29
CA GLU D 16 -20.25 9.11 -1.90
C GLU D 16 -20.42 10.58 -2.28
N LYS D 17 -20.97 10.85 -3.46
CA LYS D 17 -21.15 12.23 -3.89
C LYS D 17 -21.95 13.03 -2.88
N ALA D 18 -22.91 12.35 -2.24
CA ALA D 18 -23.77 12.99 -1.24
C ALA D 18 -23.27 12.88 0.20
N GLU D 19 -22.08 12.30 0.40
CA GLU D 19 -21.51 12.17 1.73
C GLU D 19 -22.18 11.07 2.57
N ILE D 20 -22.72 10.05 1.92
CA ILE D 20 -23.37 8.98 2.67
C ILE D 20 -22.42 7.90 3.18
N TYR D 21 -21.97 7.04 2.28
CA TYR D 21 -21.08 5.94 2.63
C TYR D 21 -19.85 6.03 1.78
N ASP D 22 -18.68 6.10 2.41
CA ASP D 22 -17.43 6.16 1.68
C ASP D 22 -16.82 4.76 1.64
N VAL D 23 -16.98 4.06 0.53
CA VAL D 23 -16.45 2.70 0.40
C VAL D 23 -14.97 2.58 0.07
N ARG D 24 -14.21 3.66 0.23
CA ARG D 24 -12.78 3.64 -0.09
C ARG D 24 -11.91 2.98 0.98
N TYR D 25 -12.53 2.45 2.03
CA TYR D 25 -11.81 1.78 3.10
C TYR D 25 -11.33 0.44 2.59
N PRO D 26 -10.01 0.24 2.54
CA PRO D 26 -9.23 -0.92 2.08
C PRO D 26 -9.65 -2.34 2.44
N ILE D 27 -10.94 -2.63 2.38
CA ILE D 27 -11.46 -3.97 2.66
C ILE D 27 -12.80 -4.13 1.94
N LYS D 28 -12.84 -5.10 1.02
CA LYS D 28 -14.04 -5.37 0.23
C LYS D 28 -15.27 -5.16 1.11
N GLY D 29 -16.20 -4.36 0.61
CA GLY D 29 -17.42 -4.08 1.37
C GLY D 29 -17.16 -3.87 2.85
N CYS D 30 -16.66 -2.69 3.20
CA CYS D 30 -16.36 -2.37 4.58
C CYS D 30 -16.24 -0.89 4.78
N GLY D 31 -16.81 -0.11 3.87
CA GLY D 31 -16.74 1.34 3.98
C GLY D 31 -17.08 1.98 5.32
N VAL D 32 -17.11 3.29 5.33
CA VAL D 32 -17.43 4.08 6.51
C VAL D 32 -18.56 5.07 6.22
N TYR D 33 -19.57 5.05 7.09
CA TYR D 33 -20.69 5.99 6.99
C TYR D 33 -20.12 7.37 7.35
N LEU D 34 -20.35 8.36 6.51
CA LEU D 34 -19.83 9.68 6.80
C LEU D 34 -20.84 10.42 7.63
N PRO D 35 -20.42 11.52 8.29
CA PRO D 35 -21.36 12.26 9.11
C PRO D 35 -22.77 12.28 8.54
N TYR D 36 -22.96 12.86 7.36
CA TYR D 36 -24.30 12.91 6.78
C TYR D 36 -24.85 11.51 6.65
N GLY D 37 -23.95 10.55 6.48
CA GLY D 37 -24.35 9.17 6.34
C GLY D 37 -24.87 8.62 7.66
N PHE D 38 -24.12 8.85 8.72
CA PHE D 38 -24.53 8.38 10.04
C PHE D 38 -25.87 9.01 10.38
N LYS D 39 -25.90 10.33 10.41
CA LYS D 39 -27.12 11.06 10.70
C LYS D 39 -28.32 10.44 9.97
N ILE D 40 -28.24 10.36 8.65
CA ILE D 40 -29.34 9.81 7.87
C ILE D 40 -29.75 8.44 8.38
N ARG D 41 -28.80 7.61 8.76
CA ARG D 41 -29.16 6.30 9.26
C ARG D 41 -29.69 6.31 10.69
N ARG D 42 -29.36 7.35 11.46
CA ARG D 42 -29.82 7.47 12.85
C ARG D 42 -31.33 7.45 12.88
N TYR D 43 -31.94 8.45 12.24
CA TYR D 43 -33.39 8.56 12.20
C TYR D 43 -33.96 7.40 11.40
N THR D 44 -33.24 6.99 10.38
CA THR D 44 -33.69 5.88 9.60
C THR D 44 -33.99 4.79 10.62
N PHE D 45 -33.04 4.54 11.51
CA PHE D 45 -33.20 3.50 12.51
C PHE D 45 -33.89 3.81 13.83
N GLU D 46 -34.09 5.09 14.14
CA GLU D 46 -34.80 5.42 15.36
C GLU D 46 -36.25 4.96 15.15
N ILE D 47 -36.71 4.97 13.90
CA ILE D 47 -38.06 4.53 13.62
C ILE D 47 -38.23 3.10 14.07
N ILE D 48 -37.56 2.16 13.39
CA ILE D 48 -37.66 0.74 13.74
C ILE D 48 -37.52 0.51 15.25
N ARG D 49 -36.64 1.27 15.90
CA ARG D 49 -36.43 1.17 17.34
C ARG D 49 -37.76 1.37 18.04
N ASN D 50 -38.25 2.61 17.95
CA ASN D 50 -39.52 2.98 18.58
C ASN D 50 -40.59 1.94 18.29
N LEU D 51 -40.76 1.58 17.02
CA LEU D 51 -41.73 0.56 16.63
C LEU D 51 -41.54 -0.68 17.48
N LEU D 52 -40.28 -1.04 17.69
CA LEU D 52 -39.91 -2.20 18.50
C LEU D 52 -40.24 -1.93 19.98
N ASP D 53 -39.76 -0.79 20.47
CA ASP D 53 -39.98 -0.41 21.85
C ASP D 53 -41.48 -0.31 22.16
N GLU D 54 -42.20 0.46 21.37
CA GLU D 54 -43.64 0.63 21.55
C GLU D 54 -44.43 -0.64 21.26
N SER D 55 -43.73 -1.77 21.21
CA SER D 55 -44.37 -3.05 20.93
C SER D 55 -43.89 -4.18 21.81
N GLY D 56 -43.47 -3.86 23.04
CA GLY D 56 -43.02 -4.89 23.97
C GLY D 56 -41.65 -5.52 23.84
N HIS D 57 -40.74 -4.88 23.10
CA HIS D 57 -39.38 -5.39 22.93
C HIS D 57 -38.43 -4.56 23.78
N ASP D 58 -37.25 -5.12 24.03
CA ASP D 58 -36.24 -4.43 24.81
C ASP D 58 -34.91 -4.43 24.07
N GLU D 59 -34.27 -3.28 23.96
CA GLU D 59 -33.00 -3.26 23.26
C GLU D 59 -31.87 -3.63 24.19
N ALA D 60 -31.16 -4.69 23.85
CA ALA D 60 -30.05 -5.14 24.64
C ALA D 60 -28.76 -5.02 23.81
N LEU D 61 -27.66 -5.49 24.37
CA LEU D 61 -26.40 -5.45 23.65
C LEU D 61 -25.60 -6.64 24.13
N PHE D 62 -25.30 -7.54 23.21
CA PHE D 62 -24.55 -8.75 23.51
C PHE D 62 -23.15 -8.70 22.90
N PRO D 63 -22.23 -9.51 23.43
CA PRO D 63 -20.86 -9.57 22.94
C PRO D 63 -20.88 -9.87 21.46
N MET D 64 -19.82 -9.46 20.79
CA MET D 64 -19.67 -9.67 19.36
C MET D 64 -18.81 -10.91 19.11
N LEU D 65 -18.12 -11.41 20.13
CA LEU D 65 -17.29 -12.58 19.95
C LEU D 65 -17.88 -13.89 20.47
N ILE D 66 -18.21 -14.81 19.56
CA ILE D 66 -18.75 -16.09 19.98
C ILE D 66 -17.62 -17.11 20.00
N PRO D 67 -17.45 -17.83 21.11
CA PRO D 67 -16.38 -18.82 21.17
C PRO D 67 -16.83 -19.97 20.31
N GLU D 68 -15.88 -20.74 19.78
CA GLU D 68 -16.22 -21.87 18.90
C GLU D 68 -17.29 -22.72 19.54
N ASP D 69 -16.98 -23.25 20.72
CA ASP D 69 -17.88 -24.12 21.49
C ASP D 69 -19.34 -23.94 21.10
N LEU D 70 -19.82 -22.71 21.20
CA LEU D 70 -21.21 -22.41 20.89
C LEU D 70 -21.58 -22.53 19.41
N LEU D 71 -20.94 -21.73 18.57
CA LEU D 71 -21.24 -21.76 17.15
C LEU D 71 -21.20 -23.19 16.63
N ALA D 72 -20.74 -24.11 17.47
CA ALA D 72 -20.67 -25.53 17.12
C ALA D 72 -22.10 -26.06 17.16
N LYS D 73 -22.66 -26.08 18.37
CA LYS D 73 -24.04 -26.54 18.56
C LYS D 73 -24.92 -25.73 17.62
N GLU D 74 -24.36 -24.63 17.11
CA GLU D 74 -25.08 -23.77 16.18
C GLU D 74 -25.21 -24.53 14.86
N ALA D 75 -24.92 -25.83 14.93
CA ALA D 75 -25.00 -26.71 13.77
C ALA D 75 -24.99 -28.18 14.20
N GLU D 76 -25.40 -29.08 13.31
CA GLU D 76 -25.40 -30.49 13.65
C GLU D 76 -23.99 -31.03 13.44
N HIS D 77 -23.31 -30.54 12.40
CA HIS D 77 -21.94 -30.94 12.08
C HIS D 77 -21.18 -29.71 11.57
N ILE D 78 -21.02 -29.62 10.24
CA ILE D 78 -20.36 -28.49 9.57
C ILE D 78 -21.03 -28.34 8.19
N LYS D 79 -22.28 -27.88 8.22
CA LYS D 79 -23.08 -27.69 7.01
C LYS D 79 -22.99 -26.26 6.48
N GLY D 80 -22.32 -26.10 5.34
CA GLY D 80 -22.16 -24.79 4.71
C GLY D 80 -22.65 -23.63 5.54
N PHE D 81 -21.92 -23.31 6.60
CA PHE D 81 -22.31 -22.21 7.46
C PHE D 81 -21.10 -21.69 8.23
N GLU D 82 -20.32 -22.59 8.84
CA GLU D 82 -19.13 -22.17 9.57
C GLU D 82 -18.05 -21.77 8.57
N ASP D 83 -18.37 -21.88 7.28
CA ASP D 83 -17.45 -21.54 6.21
C ASP D 83 -17.35 -20.04 6.03
N GLU D 84 -18.50 -19.37 6.13
CA GLU D 84 -18.55 -17.93 5.95
C GLU D 84 -18.56 -17.21 7.29
N VAL D 85 -17.68 -17.61 8.19
CA VAL D 85 -17.58 -16.99 9.50
C VAL D 85 -16.16 -16.55 9.79
N TYR D 86 -16.01 -15.32 10.28
CA TYR D 86 -14.71 -14.80 10.61
C TYR D 86 -14.30 -15.40 11.93
N TRP D 87 -13.04 -15.81 12.02
CA TRP D 87 -12.54 -16.43 13.24
C TRP D 87 -11.35 -15.74 13.85
N VAL D 88 -11.38 -15.53 15.15
CA VAL D 88 -10.22 -14.94 15.78
C VAL D 88 -9.37 -16.11 16.27
N THR D 89 -8.05 -15.94 16.26
CA THR D 89 -7.20 -17.03 16.66
C THR D 89 -6.05 -16.72 17.58
N HIS D 90 -5.53 -15.50 17.53
CA HIS D 90 -4.40 -15.16 18.38
C HIS D 90 -4.60 -13.93 19.24
N GLY D 91 -3.69 -13.77 20.19
CA GLY D 91 -3.71 -12.64 21.10
C GLY D 91 -2.27 -12.19 21.15
N GLY D 92 -1.87 -11.43 20.14
CA GLY D 92 -0.51 -10.95 20.05
C GLY D 92 0.26 -11.92 19.17
N LYS D 93 0.71 -13.01 19.78
CA LYS D 93 1.42 -14.04 19.06
C LYS D 93 1.15 -15.36 19.75
N THR D 94 0.30 -15.30 20.77
CA THR D 94 -0.08 -16.48 21.53
C THR D 94 -1.46 -16.93 21.09
N GLN D 95 -1.54 -18.08 20.44
CA GLN D 95 -2.82 -18.62 19.96
C GLN D 95 -3.85 -18.58 21.07
N LEU D 96 -5.13 -18.68 20.71
CA LEU D 96 -6.20 -18.61 21.71
C LEU D 96 -6.73 -19.94 22.20
N ASP D 97 -6.39 -21.01 21.48
CA ASP D 97 -6.84 -22.35 21.84
C ASP D 97 -8.35 -22.45 22.06
N VAL D 98 -9.03 -21.32 22.02
CA VAL D 98 -10.48 -21.29 22.22
C VAL D 98 -11.25 -20.83 20.99
N LYS D 99 -10.56 -20.17 20.06
CA LYS D 99 -11.19 -19.69 18.82
C LYS D 99 -12.51 -18.96 19.00
N LEU D 100 -12.44 -17.64 19.13
CA LEU D 100 -13.64 -16.84 19.24
C LEU D 100 -13.88 -16.41 17.80
N ALA D 101 -15.15 -16.25 17.46
CA ALA D 101 -15.52 -15.88 16.11
C ALA D 101 -16.34 -14.61 16.05
N LEU D 102 -16.20 -13.89 14.93
CA LEU D 102 -16.96 -12.67 14.74
C LEU D 102 -18.41 -13.07 14.44
N ARG D 103 -19.32 -12.51 15.23
CA ARG D 103 -20.72 -12.83 15.13
C ARG D 103 -21.37 -12.58 13.77
N PRO D 104 -21.93 -13.63 13.17
CA PRO D 104 -22.59 -13.53 11.88
C PRO D 104 -24.09 -13.25 12.03
N THR D 105 -24.72 -13.97 12.95
CA THR D 105 -26.15 -13.81 13.21
C THR D 105 -26.43 -13.55 14.69
N SER D 106 -25.37 -13.29 15.44
CA SER D 106 -25.45 -12.96 16.87
C SER D 106 -26.59 -13.64 17.62
N GLU D 107 -26.98 -14.84 17.21
CA GLU D 107 -28.06 -15.52 17.90
C GLU D 107 -27.53 -16.53 18.90
N THR D 108 -26.52 -17.30 18.48
CA THR D 108 -25.91 -18.30 19.35
C THR D 108 -25.86 -17.80 20.78
N PRO D 109 -25.19 -16.66 21.01
CA PRO D 109 -25.05 -16.05 22.34
C PRO D 109 -26.38 -15.71 22.99
N ILE D 110 -27.19 -14.92 22.31
CA ILE D 110 -28.49 -14.54 22.86
C ILE D 110 -29.28 -15.75 23.35
N TYR D 111 -28.94 -16.94 22.85
CA TYR D 111 -29.63 -18.16 23.25
C TYR D 111 -28.89 -18.81 24.40
N TYR D 112 -27.57 -18.85 24.33
CA TYR D 112 -26.80 -19.40 25.43
C TYR D 112 -27.26 -18.60 26.65
N MET D 113 -27.67 -17.36 26.39
CA MET D 113 -28.12 -16.49 27.44
C MET D 113 -29.51 -16.81 27.88
N MET D 114 -30.40 -17.00 26.92
CA MET D 114 -31.77 -17.33 27.29
C MET D 114 -31.73 -18.54 28.19
N LYS D 115 -30.73 -19.39 27.98
CA LYS D 115 -30.61 -20.59 28.79
C LYS D 115 -30.76 -20.22 30.26
N LEU D 116 -30.31 -19.02 30.60
CA LEU D 116 -30.35 -18.58 31.98
C LEU D 116 -31.55 -17.70 32.36
N TRP D 117 -32.01 -16.86 31.44
CA TRP D 117 -33.14 -16.02 31.77
C TRP D 117 -34.48 -16.73 31.67
N VAL D 118 -34.45 -18.03 31.40
CA VAL D 118 -35.67 -18.80 31.30
C VAL D 118 -35.62 -19.92 32.30
N LYS D 119 -36.67 -20.04 33.11
CA LYS D 119 -36.78 -21.09 34.11
C LYS D 119 -38.25 -21.47 34.32
N VAL D 120 -39.10 -20.45 34.40
CA VAL D 120 -40.52 -20.67 34.59
C VAL D 120 -41.32 -19.88 33.57
N HIS D 121 -42.45 -20.44 33.15
CA HIS D 121 -43.31 -19.79 32.17
C HIS D 121 -43.48 -18.30 32.47
N THR D 122 -43.37 -17.95 33.74
CA THR D 122 -43.48 -16.57 34.17
C THR D 122 -42.51 -15.72 33.38
N ASP D 123 -41.32 -16.28 33.13
CA ASP D 123 -40.24 -15.62 32.43
C ASP D 123 -40.37 -15.53 30.92
N LEU D 124 -41.56 -15.80 30.39
CA LEU D 124 -41.79 -15.74 28.96
C LEU D 124 -43.20 -15.21 28.69
N PRO D 125 -43.39 -14.54 27.56
CA PRO D 125 -42.40 -14.24 26.53
C PRO D 125 -41.39 -13.16 26.87
N ILE D 126 -40.23 -13.23 26.21
CA ILE D 126 -39.19 -12.22 26.36
C ILE D 126 -38.76 -11.83 24.96
N LYS D 127 -39.17 -10.63 24.55
CA LYS D 127 -38.85 -10.11 23.23
C LYS D 127 -37.64 -9.20 23.35
N ILE D 128 -36.49 -9.71 22.93
CA ILE D 128 -35.23 -8.97 23.05
C ILE D 128 -34.52 -8.72 21.72
N TYR D 129 -34.00 -7.51 21.54
CA TYR D 129 -33.31 -7.15 20.30
C TYR D 129 -32.16 -6.20 20.52
N GLN D 130 -31.27 -6.14 19.54
CA GLN D 130 -30.11 -5.28 19.58
C GLN D 130 -29.79 -4.89 18.16
N ILE D 131 -29.36 -3.65 17.96
CA ILE D 131 -28.99 -3.19 16.62
C ILE D 131 -27.50 -3.11 16.63
N VAL D 132 -26.89 -4.22 16.23
CA VAL D 132 -25.46 -4.34 16.24
C VAL D 132 -24.84 -4.33 14.85
N ASN D 133 -23.64 -4.90 14.76
CA ASN D 133 -22.95 -5.01 13.50
C ASN D 133 -22.40 -6.43 13.47
N THR D 134 -22.69 -7.15 12.38
CA THR D 134 -22.25 -8.52 12.19
C THR D 134 -21.06 -8.58 11.21
N PHE D 135 -20.54 -9.78 10.96
CA PHE D 135 -19.42 -9.93 10.04
C PHE D 135 -19.51 -11.24 9.29
N ARG D 136 -19.93 -11.16 8.03
CA ARG D 136 -20.02 -12.35 7.22
C ARG D 136 -18.95 -12.34 6.14
N TYR D 137 -18.00 -13.27 6.24
CA TYR D 137 -16.93 -13.37 5.26
C TYR D 137 -17.54 -13.67 3.91
N GLU D 138 -17.63 -12.64 3.07
CA GLU D 138 -18.22 -12.76 1.75
C GLU D 138 -17.19 -12.75 0.63
N THR D 139 -17.15 -13.85 -0.12
CA THR D 139 -16.22 -13.98 -1.24
C THR D 139 -16.81 -13.18 -2.39
N LYS D 140 -18.12 -13.32 -2.57
CA LYS D 140 -18.87 -12.66 -3.61
C LYS D 140 -18.54 -11.17 -3.72
N HIS D 141 -18.91 -10.55 -4.84
CA HIS D 141 -18.67 -9.12 -5.04
C HIS D 141 -19.58 -8.36 -4.09
N THR D 142 -19.02 -7.41 -3.35
CA THR D 142 -19.81 -6.65 -2.39
C THR D 142 -20.61 -5.53 -3.03
N ARG D 143 -21.62 -5.09 -2.30
CA ARG D 143 -22.47 -4.02 -2.76
C ARG D 143 -22.71 -3.11 -1.57
N PRO D 144 -22.09 -1.92 -1.60
CA PRO D 144 -22.18 -0.90 -0.55
C PRO D 144 -23.58 -0.80 0.03
N LEU D 145 -23.67 -0.97 1.33
CA LEU D 145 -24.94 -0.92 2.04
C LEU D 145 -25.90 -2.02 1.66
N ILE D 146 -25.48 -2.89 0.73
CA ILE D 146 -26.31 -4.01 0.34
C ILE D 146 -25.58 -5.24 0.83
N ARG D 147 -24.80 -5.88 -0.05
CA ARG D 147 -24.04 -7.05 0.37
C ARG D 147 -22.69 -6.53 0.78
N LEU D 148 -22.47 -6.56 2.10
CA LEU D 148 -21.25 -6.07 2.73
C LEU D 148 -20.51 -7.20 3.45
N ARG D 149 -19.27 -6.91 3.86
CA ARG D 149 -18.45 -7.89 4.57
C ARG D 149 -18.66 -7.61 6.04
N GLU D 150 -18.99 -6.36 6.34
CA GLU D 150 -19.27 -5.92 7.71
C GLU D 150 -20.58 -5.13 7.66
N ILE D 151 -21.64 -5.68 8.26
CA ILE D 151 -22.92 -5.01 8.26
C ILE D 151 -23.04 -4.13 9.49
N MET D 152 -22.51 -2.91 9.39
CA MET D 152 -22.51 -1.96 10.50
C MET D 152 -23.86 -1.73 11.20
N THR D 153 -24.97 -1.81 10.49
CA THR D 153 -26.26 -1.60 11.11
C THR D 153 -27.19 -2.78 10.86
N PHE D 154 -27.13 -3.75 11.76
CA PHE D 154 -27.94 -4.96 11.70
C PHE D 154 -28.84 -5.11 12.92
N LYS D 155 -30.04 -4.55 12.90
CA LYS D 155 -30.94 -4.69 14.04
C LYS D 155 -31.62 -6.05 14.08
N GLU D 156 -31.21 -6.89 15.03
CA GLU D 156 -31.76 -8.24 15.16
C GLU D 156 -32.61 -8.43 16.41
N ALA D 157 -33.88 -8.79 16.20
CA ALA D 157 -34.79 -9.01 17.31
C ALA D 157 -34.81 -10.49 17.59
N HIS D 158 -35.26 -10.85 18.77
CA HIS D 158 -35.32 -12.22 19.21
C HIS D 158 -36.42 -12.37 20.24
N THR D 159 -37.18 -13.46 20.15
CA THR D 159 -38.28 -13.73 21.06
C THR D 159 -38.40 -15.18 21.53
N ALA D 160 -38.99 -15.33 22.70
CA ALA D 160 -39.20 -16.62 23.31
C ALA D 160 -40.66 -16.69 23.72
N HIS D 161 -41.27 -17.86 23.57
CA HIS D 161 -42.67 -18.03 23.91
C HIS D 161 -42.89 -19.39 24.54
N SER D 162 -43.83 -19.47 25.49
CA SER D 162 -44.11 -20.72 26.14
C SER D 162 -44.84 -21.64 25.21
N THR D 163 -45.76 -21.08 24.43
CA THR D 163 -46.56 -21.88 23.50
C THR D 163 -46.28 -21.61 22.03
N LYS D 164 -46.49 -22.64 21.21
CA LYS D 164 -46.27 -22.55 19.77
C LYS D 164 -47.07 -21.41 19.17
N GLU D 165 -48.34 -21.34 19.54
CA GLU D 165 -49.23 -20.32 19.01
C GLU D 165 -48.77 -18.90 19.31
N GLU D 166 -48.31 -18.66 20.53
CA GLU D 166 -47.86 -17.32 20.89
C GLU D 166 -46.78 -16.86 19.93
N ALA D 167 -45.86 -17.76 19.58
CA ALA D 167 -44.79 -17.41 18.65
C ALA D 167 -45.42 -16.99 17.34
N GLU D 168 -46.31 -17.83 16.82
CA GLU D 168 -47.01 -17.55 15.56
C GLU D 168 -47.49 -16.11 15.49
N ASN D 169 -48.23 -15.68 16.51
CA ASN D 169 -48.74 -14.31 16.55
C ASN D 169 -47.61 -13.31 16.75
N GLN D 170 -46.43 -13.80 17.10
CA GLN D 170 -45.28 -12.93 17.31
C GLN D 170 -44.64 -12.62 15.97
N VAL D 171 -44.72 -13.59 15.07
CA VAL D 171 -44.19 -13.43 13.73
C VAL D 171 -45.13 -12.56 12.91
N LYS D 172 -46.43 -12.76 13.13
CA LYS D 172 -47.45 -11.99 12.43
C LYS D 172 -47.45 -10.58 12.99
N GLU D 173 -46.74 -10.41 14.09
CA GLU D 173 -46.59 -9.11 14.75
C GLU D 173 -45.34 -8.45 14.16
N ALA D 174 -44.27 -9.25 14.05
CA ALA D 174 -43.02 -8.77 13.49
C ALA D 174 -43.33 -8.14 12.16
N ILE D 175 -43.95 -8.92 11.29
CA ILE D 175 -44.31 -8.45 9.97
C ILE D 175 -44.97 -7.10 10.09
N SER D 176 -46.17 -7.08 10.65
CA SER D 176 -46.91 -5.83 10.81
C SER D 176 -45.95 -4.72 11.17
N ILE D 177 -45.15 -4.94 12.19
CA ILE D 177 -44.20 -3.91 12.59
C ILE D 177 -43.39 -3.45 11.39
N TYR D 178 -42.63 -4.36 10.78
CA TYR D 178 -41.82 -4.00 9.62
C TYR D 178 -42.68 -3.32 8.58
N LYS D 179 -43.80 -3.94 8.26
CA LYS D 179 -44.72 -3.39 7.28
C LYS D 179 -44.87 -1.90 7.54
N LYS D 180 -45.31 -1.54 8.75
CA LYS D 180 -45.48 -0.14 9.12
C LYS D 180 -44.14 0.59 9.19
N PHE D 181 -43.08 -0.15 9.49
CA PHE D 181 -41.76 0.48 9.53
C PHE D 181 -41.51 1.01 8.15
N PHE D 182 -41.62 0.11 7.18
CA PHE D 182 -41.39 0.45 5.78
C PHE D 182 -42.43 1.40 5.19
N ASP D 183 -43.59 1.48 5.83
CA ASP D 183 -44.63 2.38 5.35
C ASP D 183 -44.28 3.82 5.69
N THR D 184 -43.70 4.05 6.87
CA THR D 184 -43.32 5.40 7.26
C THR D 184 -42.00 5.80 6.59
N LEU D 185 -41.38 4.85 5.91
CA LEU D 185 -40.14 5.07 5.18
C LEU D 185 -40.45 5.25 3.70
N GLY D 186 -41.65 4.85 3.30
CA GLY D 186 -42.08 4.98 1.93
C GLY D 186 -41.69 3.79 1.06
N ILE D 187 -40.98 2.82 1.61
CA ILE D 187 -40.58 1.69 0.77
C ILE D 187 -41.71 0.71 0.42
N PRO D 188 -41.78 0.33 -0.86
CA PRO D 188 -42.75 -0.60 -1.42
C PRO D 188 -42.17 -1.98 -1.13
N TYR D 189 -43.00 -2.89 -0.63
CA TYR D 189 -42.52 -4.23 -0.29
C TYR D 189 -43.45 -5.32 -0.83
N LEU D 190 -42.93 -6.54 -0.89
CA LEU D 190 -43.70 -7.67 -1.36
C LEU D 190 -43.37 -8.78 -0.38
N ILE D 191 -44.28 -9.03 0.56
CA ILE D 191 -44.07 -10.07 1.59
C ILE D 191 -44.18 -11.50 1.10
N SER D 192 -43.06 -12.07 0.68
CA SER D 192 -43.07 -13.44 0.21
C SER D 192 -43.23 -14.36 1.41
N LYS D 193 -42.61 -15.54 1.32
CA LYS D 193 -42.64 -16.54 2.37
C LYS D 193 -41.63 -17.61 2.00
N ARG D 194 -40.41 -17.17 1.70
CA ARG D 194 -39.32 -18.05 1.30
C ARG D 194 -39.66 -19.53 1.33
N PRO D 195 -39.57 -20.20 0.17
CA PRO D 195 -39.87 -21.62 0.00
C PRO D 195 -38.96 -22.50 0.86
N GLU D 196 -39.52 -23.60 1.35
CA GLU D 196 -38.80 -24.54 2.20
C GLU D 196 -37.39 -24.93 1.79
N TRP D 197 -37.22 -25.51 0.61
CA TRP D 197 -35.90 -25.94 0.14
C TRP D 197 -34.76 -24.93 0.40
N ASP D 198 -35.13 -23.66 0.64
CA ASP D 198 -34.16 -22.60 0.90
C ASP D 198 -34.31 -22.24 2.38
N LYS D 199 -33.53 -22.92 3.24
CA LYS D 199 -33.64 -22.71 4.68
C LYS D 199 -32.68 -21.78 5.41
N PHE D 200 -32.93 -21.67 6.71
CA PHE D 200 -32.17 -20.86 7.67
C PHE D 200 -31.55 -21.90 8.62
N PRO D 201 -30.36 -21.62 9.18
CA PRO D 201 -29.71 -22.58 10.09
C PRO D 201 -30.66 -23.50 10.83
N GLY D 202 -31.63 -22.93 11.55
CA GLY D 202 -32.58 -23.75 12.28
C GLY D 202 -33.96 -23.14 12.36
N ALA D 203 -34.53 -22.82 11.21
CA ALA D 203 -35.86 -22.22 11.16
C ALA D 203 -36.90 -23.13 10.53
N GLU D 204 -38.14 -23.01 10.96
CA GLU D 204 -39.23 -23.81 10.43
C GLU D 204 -39.64 -23.20 9.09
N TYR D 205 -40.22 -22.01 9.12
CA TYR D 205 -40.64 -21.33 7.91
C TYR D 205 -40.12 -19.90 8.02
N THR D 206 -39.64 -19.34 6.91
CA THR D 206 -39.05 -18.01 6.92
C THR D 206 -39.67 -16.93 6.05
N MET D 207 -40.47 -16.05 6.66
CA MET D 207 -41.11 -14.94 5.97
C MET D 207 -40.09 -13.87 5.61
N ALA D 208 -40.37 -13.07 4.59
CA ALA D 208 -39.47 -12.02 4.17
C ALA D 208 -40.09 -10.97 3.24
N PHE D 209 -39.59 -9.74 3.36
CA PHE D 209 -40.05 -8.62 2.54
C PHE D 209 -39.06 -8.36 1.40
N ASP D 210 -39.60 -8.13 0.20
CA ASP D 210 -38.78 -7.84 -0.95
C ASP D 210 -39.16 -6.51 -1.56
N THR D 211 -38.16 -5.82 -2.12
CA THR D 211 -38.38 -4.55 -2.76
C THR D 211 -37.68 -4.65 -4.11
N ILE D 212 -37.94 -3.72 -5.01
CA ILE D 212 -37.28 -3.79 -6.29
C ILE D 212 -36.58 -2.50 -6.63
N PHE D 213 -35.27 -2.60 -6.79
CA PHE D 213 -34.50 -1.44 -7.13
C PHE D 213 -34.79 -1.11 -8.59
N PRO D 214 -34.64 0.16 -8.96
CA PRO D 214 -34.88 0.65 -10.31
C PRO D 214 -34.25 -0.17 -11.44
N ASP D 215 -33.27 -1.00 -11.11
CA ASP D 215 -32.63 -1.81 -12.12
C ASP D 215 -33.34 -3.14 -12.23
N GLY D 216 -34.55 -3.22 -11.66
CA GLY D 216 -35.32 -4.45 -11.73
C GLY D 216 -34.87 -5.66 -10.94
N ARG D 217 -33.79 -5.51 -10.20
CA ARG D 217 -33.31 -6.62 -9.38
C ARG D 217 -34.13 -6.47 -8.10
N THR D 218 -34.49 -7.58 -7.46
CA THR D 218 -35.22 -7.48 -6.21
C THR D 218 -34.23 -7.47 -5.03
N MET D 219 -34.58 -6.69 -4.03
CA MET D 219 -33.76 -6.51 -2.85
C MET D 219 -34.54 -7.05 -1.69
N GLN D 220 -33.85 -7.68 -0.75
CA GLN D 220 -34.53 -8.20 0.42
C GLN D 220 -34.30 -7.27 1.59
N ILE D 221 -35.35 -6.55 1.98
CA ILE D 221 -35.25 -5.62 3.08
C ILE D 221 -35.61 -6.18 4.44
N ALA D 222 -36.51 -7.18 4.48
CA ALA D 222 -36.90 -7.74 5.76
C ALA D 222 -37.01 -9.25 5.76
N THR D 223 -36.62 -9.85 6.89
CA THR D 223 -36.68 -11.29 7.06
C THR D 223 -37.25 -11.59 8.44
N VAL D 224 -38.02 -12.66 8.52
CA VAL D 224 -38.62 -13.05 9.78
C VAL D 224 -38.62 -14.54 9.86
N HIS D 225 -38.29 -15.08 11.04
CA HIS D 225 -38.24 -16.51 11.21
C HIS D 225 -39.09 -17.01 12.35
N ASN D 226 -39.42 -18.29 12.28
CA ASN D 226 -40.17 -18.97 13.30
C ASN D 226 -39.22 -20.12 13.55
N LEU D 227 -38.32 -19.92 14.50
CA LEU D 227 -37.31 -20.91 14.84
C LEU D 227 -37.89 -22.07 15.65
N GLY D 228 -39.18 -21.95 15.99
CA GLY D 228 -39.80 -23.01 16.77
C GLY D 228 -38.84 -23.45 17.86
N GLN D 229 -38.91 -24.73 18.20
CA GLN D 229 -38.06 -25.26 19.25
C GLN D 229 -36.71 -25.71 18.76
N ASN D 230 -36.54 -25.72 17.44
CA ASN D 230 -35.27 -26.14 16.86
C ASN D 230 -34.09 -25.68 17.67
N PHE D 231 -34.17 -24.45 18.18
CA PHE D 231 -33.09 -23.87 18.99
C PHE D 231 -33.23 -24.10 20.47
N SER D 232 -34.45 -23.97 20.97
CA SER D 232 -34.71 -24.17 22.39
C SER D 232 -34.05 -25.48 22.86
N LYS D 233 -34.24 -26.54 22.07
CA LYS D 233 -33.72 -27.85 22.39
C LYS D 233 -32.21 -27.97 22.47
N THR D 234 -31.49 -27.32 21.55
CA THR D 234 -30.05 -27.40 21.53
C THR D 234 -29.39 -26.56 22.62
N PHE D 235 -29.99 -25.40 22.90
CA PHE D 235 -29.45 -24.52 23.92
C PHE D 235 -30.11 -24.77 25.26
N GLU D 236 -30.77 -25.92 25.37
CA GLU D 236 -31.44 -26.30 26.60
C GLU D 236 -32.23 -25.16 27.18
N ILE D 237 -33.00 -24.45 26.37
CA ILE D 237 -33.81 -23.38 26.93
C ILE D 237 -35.12 -24.02 27.39
N ILE D 238 -35.11 -24.53 28.63
CA ILE D 238 -36.26 -25.21 29.22
C ILE D 238 -36.95 -24.22 30.13
N PHE D 239 -38.18 -24.55 30.52
CA PHE D 239 -38.96 -23.69 31.42
C PHE D 239 -40.17 -24.44 31.91
N GLU D 240 -40.38 -24.44 33.22
CA GLU D 240 -41.52 -25.14 33.78
C GLU D 240 -42.79 -24.53 33.23
N THR D 241 -43.57 -25.32 32.48
CA THR D 241 -44.83 -24.84 31.94
C THR D 241 -45.73 -24.56 33.13
N PRO D 242 -46.93 -24.05 32.88
CA PRO D 242 -47.80 -23.79 34.04
C PRO D 242 -48.49 -25.08 34.49
N THR D 243 -47.81 -26.21 34.28
CA THR D 243 -48.32 -27.51 34.68
C THR D 243 -47.17 -28.36 35.19
N GLY D 244 -46.11 -27.71 35.64
CA GLY D 244 -44.96 -28.43 36.17
C GLY D 244 -44.20 -29.24 35.15
N ASP D 245 -44.64 -29.22 33.89
CA ASP D 245 -43.96 -29.97 32.84
C ASP D 245 -42.76 -29.21 32.28
N LYS D 246 -41.90 -29.92 31.57
CA LYS D 246 -40.73 -29.31 30.97
C LYS D 246 -40.95 -29.18 29.46
N ASP D 247 -41.30 -27.97 29.02
CA ASP D 247 -41.54 -27.69 27.60
C ASP D 247 -40.42 -26.80 27.09
N TYR D 248 -40.02 -27.00 25.84
CA TYR D 248 -38.96 -26.20 25.24
C TYR D 248 -39.56 -24.94 24.65
N ALA D 249 -38.96 -23.79 24.94
CA ALA D 249 -39.44 -22.50 24.46
C ALA D 249 -39.65 -22.45 22.95
N TYR D 250 -40.46 -21.50 22.49
CA TYR D 250 -40.68 -21.38 21.07
C TYR D 250 -40.02 -20.11 20.63
N GLN D 251 -38.93 -20.26 19.89
CA GLN D 251 -38.17 -19.13 19.41
C GLN D 251 -38.81 -18.55 18.14
N THR D 252 -38.28 -17.41 17.70
CA THR D 252 -38.75 -16.72 16.50
C THR D 252 -38.05 -15.37 16.40
N CYS D 253 -36.97 -15.34 15.60
CA CYS D 253 -36.16 -14.14 15.40
C CYS D 253 -36.42 -13.42 14.08
N TYR D 254 -35.90 -12.21 13.96
CA TYR D 254 -36.04 -11.42 12.74
C TYR D 254 -35.23 -10.11 12.82
N GLY D 255 -34.68 -9.71 11.68
CA GLY D 255 -33.89 -8.50 11.64
C GLY D 255 -33.91 -7.84 10.28
N ILE D 256 -33.20 -6.72 10.17
CA ILE D 256 -33.11 -5.97 8.92
C ILE D 256 -31.77 -5.27 8.85
N SER D 257 -31.14 -5.27 7.68
CA SER D 257 -29.82 -4.65 7.56
C SER D 257 -29.83 -3.24 7.02
N ASP D 258 -28.67 -2.81 6.55
CA ASP D 258 -28.48 -1.47 6.02
C ASP D 258 -29.29 -1.34 4.75
N ARG D 259 -29.68 -2.47 4.19
CA ARG D 259 -30.48 -2.51 2.98
C ARG D 259 -31.55 -1.43 3.05
N VAL D 260 -32.12 -1.22 4.23
CA VAL D 260 -33.14 -0.19 4.38
C VAL D 260 -32.59 1.14 3.91
N ILE D 261 -31.57 1.65 4.58
CA ILE D 261 -31.03 2.95 4.19
C ILE D 261 -30.59 2.87 2.75
N ALA D 262 -30.28 1.66 2.27
CA ALA D 262 -29.88 1.48 0.88
C ALA D 262 -31.15 1.64 0.04
N SER D 263 -32.18 0.86 0.38
CA SER D 263 -33.47 0.91 -0.29
C SER D 263 -34.06 2.32 -0.16
N ILE D 264 -33.66 3.03 0.88
CA ILE D 264 -34.11 4.41 1.03
C ILE D 264 -33.51 5.22 -0.10
N ILE D 265 -32.18 5.27 -0.14
CA ILE D 265 -31.47 6.01 -1.18
C ILE D 265 -31.96 5.61 -2.56
N ALA D 266 -31.72 4.34 -2.92
CA ALA D 266 -32.12 3.82 -4.21
C ALA D 266 -33.54 4.18 -4.59
N ILE D 267 -34.50 3.55 -3.92
CA ILE D 267 -35.90 3.77 -4.23
C ILE D 267 -36.33 5.23 -4.41
N HIS D 268 -36.08 6.08 -3.44
CA HIS D 268 -36.49 7.48 -3.57
C HIS D 268 -35.57 8.43 -4.32
N GLY D 269 -34.39 7.97 -4.71
CA GLY D 269 -33.47 8.84 -5.42
C GLY D 269 -33.90 9.11 -6.85
N ASP D 270 -33.47 10.26 -7.38
CA ASP D 270 -33.80 10.65 -8.74
C ASP D 270 -32.60 11.29 -9.44
N GLU D 271 -32.62 11.31 -10.77
CA GLU D 271 -31.57 11.88 -11.62
C GLU D 271 -30.69 12.90 -10.92
N LYS D 272 -31.25 14.09 -10.68
CA LYS D 272 -30.51 15.16 -10.04
C LYS D 272 -29.70 14.64 -8.86
N GLY D 273 -30.37 14.27 -7.77
CA GLY D 273 -29.65 13.78 -6.63
C GLY D 273 -30.42 12.79 -5.78
N LEU D 274 -30.14 12.85 -4.48
CA LEU D 274 -30.77 11.98 -3.50
C LEU D 274 -32.02 12.66 -2.94
N ILE D 275 -33.08 11.89 -2.72
CA ILE D 275 -34.33 12.44 -2.19
C ILE D 275 -34.89 11.57 -1.08
N LEU D 276 -34.20 11.52 0.05
CA LEU D 276 -34.65 10.72 1.16
C LEU D 276 -35.83 11.42 1.83
N PRO D 277 -36.79 10.63 2.35
CA PRO D 277 -38.04 11.00 3.04
C PRO D 277 -37.79 11.98 4.19
N PRO D 278 -38.77 12.83 4.51
CA PRO D 278 -38.65 13.83 5.58
C PRO D 278 -38.35 13.22 6.94
N ILE D 279 -39.06 12.15 7.24
CA ILE D 279 -38.91 11.42 8.49
C ILE D 279 -37.43 11.22 8.82
N VAL D 280 -36.71 10.65 7.86
CA VAL D 280 -35.30 10.35 8.03
C VAL D 280 -34.37 11.43 7.51
N ALA D 281 -34.92 12.53 7.04
CA ALA D 281 -34.10 13.61 6.51
C ALA D 281 -33.15 14.16 7.57
N PRO D 282 -31.87 13.82 7.48
CA PRO D 282 -30.92 14.33 8.46
C PRO D 282 -31.20 15.79 8.66
N ILE D 283 -31.60 16.44 7.55
CA ILE D 283 -31.98 17.85 7.56
C ILE D 283 -33.28 17.97 6.78
N GLN D 284 -34.33 18.39 7.47
CA GLN D 284 -35.63 18.53 6.84
C GLN D 284 -35.81 19.87 6.12
N VAL D 285 -35.22 20.92 6.68
CA VAL D 285 -35.33 22.25 6.06
C VAL D 285 -34.01 23.03 6.10
N VAL D 286 -33.66 23.68 4.99
CA VAL D 286 -32.44 24.45 4.94
C VAL D 286 -32.72 25.91 4.64
N ILE D 287 -32.29 26.77 5.58
CA ILE D 287 -32.44 28.21 5.44
C ILE D 287 -31.17 28.73 4.77
N VAL D 288 -31.28 29.14 3.51
CA VAL D 288 -30.16 29.68 2.75
C VAL D 288 -30.32 31.19 2.71
N PRO D 289 -29.65 31.90 3.64
CA PRO D 289 -29.76 33.36 3.65
C PRO D 289 -28.92 34.07 2.58
N LEU D 290 -29.47 34.18 1.38
CA LEU D 290 -28.78 34.85 0.27
C LEU D 290 -28.39 36.25 0.72
N ILE D 291 -27.10 36.45 0.93
CA ILE D 291 -26.58 37.74 1.39
C ILE D 291 -25.96 38.60 0.32
N PHE D 292 -26.40 39.85 0.24
CA PHE D 292 -25.91 40.81 -0.74
C PHE D 292 -25.24 42.01 -0.08
N LYS D 293 -24.47 42.76 -0.87
CA LYS D 293 -23.76 43.94 -0.39
C LYS D 293 -24.64 44.80 0.52
N GLY D 294 -25.88 45.02 0.12
CA GLY D 294 -26.79 45.81 0.91
C GLY D 294 -27.76 44.96 1.72
N LYS D 295 -28.17 45.45 2.88
CA LYS D 295 -29.08 44.70 3.73
C LYS D 295 -28.47 43.33 3.96
N GLU D 296 -27.50 43.28 4.87
CA GLU D 296 -26.80 42.04 5.20
C GLU D 296 -27.35 41.44 6.47
N ASP D 297 -27.01 42.03 7.63
CA ASP D 297 -27.50 41.55 8.91
C ASP D 297 -28.99 41.25 8.76
N ILE D 298 -29.72 42.26 8.32
CA ILE D 298 -31.16 42.15 8.13
C ILE D 298 -31.54 40.76 7.58
N VAL D 299 -30.69 40.21 6.73
CA VAL D 299 -30.97 38.90 6.17
C VAL D 299 -30.69 37.80 7.20
N MET D 300 -29.44 37.68 7.64
CA MET D 300 -29.10 36.67 8.63
C MET D 300 -29.99 36.76 9.86
N GLU D 301 -30.88 37.73 9.85
CA GLU D 301 -31.83 37.93 10.94
C GLU D 301 -33.04 37.07 10.66
N LYS D 302 -33.70 37.31 9.52
CA LYS D 302 -34.87 36.51 9.16
C LYS D 302 -34.42 35.08 8.98
N ALA D 303 -33.11 34.88 9.00
CA ALA D 303 -32.55 33.55 8.87
C ALA D 303 -32.91 32.80 10.15
N LYS D 304 -32.60 33.42 11.29
CA LYS D 304 -32.89 32.83 12.59
C LYS D 304 -34.35 33.01 13.02
N GLU D 305 -35.01 34.04 12.51
CA GLU D 305 -36.41 34.24 12.87
C GLU D 305 -37.16 33.03 12.38
N ILE D 306 -36.63 32.43 11.32
CA ILE D 306 -37.23 31.24 10.72
C ILE D 306 -36.71 30.01 11.45
N TYR D 307 -35.47 30.09 11.91
CA TYR D 307 -34.87 28.98 12.66
C TYR D 307 -35.72 28.76 13.91
N GLU D 308 -35.56 29.65 14.89
CA GLU D 308 -36.32 29.55 16.13
C GLU D 308 -37.78 29.17 15.88
N LYS D 309 -38.31 29.66 14.77
CA LYS D 309 -39.69 29.37 14.39
C LYS D 309 -39.91 27.90 14.12
N LEU D 310 -38.96 27.28 13.42
CA LEU D 310 -39.06 25.88 13.06
C LEU D 310 -38.28 24.97 14.01
N LYS D 311 -37.26 25.54 14.61
CA LYS D 311 -36.36 24.88 15.56
C LYS D 311 -36.99 23.77 16.39
N GLY D 312 -38.22 24.00 16.84
CA GLY D 312 -38.89 23.03 17.70
C GLY D 312 -39.59 21.83 17.11
N LYS D 313 -40.31 22.02 16.01
CA LYS D 313 -41.04 20.90 15.41
C LYS D 313 -40.31 20.28 14.23
N PHE D 314 -39.27 20.97 13.76
CA PHE D 314 -38.51 20.46 12.62
C PHE D 314 -37.01 20.57 12.82
N ARG D 315 -36.26 19.82 12.02
CA ARG D 315 -34.81 19.85 12.09
C ARG D 315 -34.35 20.81 10.99
N VAL D 316 -33.79 21.95 11.37
CA VAL D 316 -33.33 22.91 10.36
C VAL D 316 -31.84 23.18 10.40
N HIS D 317 -31.37 23.84 9.34
CA HIS D 317 -29.97 24.17 9.21
C HIS D 317 -29.80 25.42 8.38
N ILE D 318 -29.36 26.49 9.01
CA ILE D 318 -29.12 27.71 8.28
C ILE D 318 -27.80 27.44 7.60
N ASP D 319 -27.82 27.29 6.27
CA ASP D 319 -26.59 27.03 5.56
C ASP D 319 -25.82 28.32 5.30
N ASP D 320 -24.86 28.60 6.19
CA ASP D 320 -24.03 29.79 6.10
C ASP D 320 -23.15 29.68 4.86
N ARG D 321 -21.88 29.37 5.08
CA ARG D 321 -20.91 29.22 4.02
C ARG D 321 -20.81 30.44 3.10
N ASP D 322 -19.64 31.07 3.14
CA ASP D 322 -19.34 32.24 2.34
C ASP D 322 -19.17 31.78 0.90
N ILE D 323 -20.15 31.07 0.37
CA ILE D 323 -20.07 30.58 -1.00
C ILE D 323 -21.30 30.84 -1.84
N ARG D 324 -21.07 30.94 -3.15
CA ARG D 324 -22.12 31.18 -4.14
C ARG D 324 -23.38 30.40 -3.79
N PRO D 325 -24.44 31.11 -3.34
CA PRO D 325 -25.70 30.45 -2.98
C PRO D 325 -26.08 29.30 -3.90
N GLY D 326 -26.04 29.52 -5.21
CA GLY D 326 -26.37 28.47 -6.15
C GLY D 326 -25.70 27.13 -5.87
N ARG D 327 -24.48 27.18 -5.32
CA ARG D 327 -23.72 25.97 -5.01
C ARG D 327 -24.46 25.20 -3.92
N LYS D 328 -24.93 25.95 -2.93
CA LYS D 328 -25.66 25.37 -1.82
C LYS D 328 -26.91 24.71 -2.40
N PHE D 329 -27.77 25.51 -3.01
CA PHE D 329 -28.99 25.00 -3.60
C PHE D 329 -28.71 23.69 -4.31
N ASN D 330 -27.63 23.68 -5.08
CA ASN D 330 -27.21 22.50 -5.83
C ASN D 330 -26.79 21.38 -4.89
N ASP D 331 -25.92 21.73 -3.94
CA ASP D 331 -25.41 20.80 -2.94
C ASP D 331 -26.52 20.17 -2.12
N TRP D 332 -27.44 21.00 -1.64
CA TRP D 332 -28.57 20.56 -0.82
C TRP D 332 -29.61 19.75 -1.56
N GLU D 333 -29.67 19.89 -2.87
CA GLU D 333 -30.62 19.16 -3.69
C GLU D 333 -30.09 17.73 -3.78
N ILE D 334 -28.76 17.62 -3.81
CA ILE D 334 -28.10 16.33 -3.88
C ILE D 334 -28.36 15.52 -2.62
N LYS D 335 -28.07 16.11 -1.47
CA LYS D 335 -28.25 15.44 -0.18
C LYS D 335 -29.70 15.14 0.14
N GLY D 336 -30.60 15.49 -0.77
CA GLY D 336 -32.00 15.19 -0.57
C GLY D 336 -32.81 16.05 0.36
N VAL D 337 -32.21 17.06 0.93
CA VAL D 337 -32.98 17.91 1.83
C VAL D 337 -34.30 18.21 1.11
N PRO D 338 -35.42 17.98 1.80
CA PRO D 338 -36.79 18.19 1.32
C PRO D 338 -37.05 19.66 1.02
N LEU D 339 -37.30 20.45 2.06
CA LEU D 339 -37.58 21.87 1.89
C LEU D 339 -36.33 22.73 1.92
N ARG D 340 -36.35 23.79 1.11
CA ARG D 340 -35.23 24.70 1.05
C ARG D 340 -35.75 26.12 1.21
N ILE D 341 -35.06 26.88 2.05
CA ILE D 341 -35.45 28.26 2.30
C ILE D 341 -34.38 29.20 1.82
N GLU D 342 -34.81 30.20 1.06
CA GLU D 342 -33.94 31.21 0.53
C GLU D 342 -34.60 32.47 1.05
N VAL D 343 -33.82 33.31 1.70
CA VAL D 343 -34.37 34.53 2.26
C VAL D 343 -33.56 35.76 1.87
N GLY D 344 -33.91 36.34 0.71
CA GLY D 344 -33.21 37.51 0.24
C GLY D 344 -33.85 38.75 0.83
N PRO D 345 -33.49 39.96 0.35
CA PRO D 345 -34.09 41.17 0.90
C PRO D 345 -35.45 41.54 0.31
N LYS D 346 -35.92 40.75 -0.65
CA LYS D 346 -37.21 41.02 -1.30
C LYS D 346 -38.34 40.53 -0.39
N ASP D 347 -38.44 39.21 -0.27
CA ASP D 347 -39.45 38.56 0.54
C ASP D 347 -39.67 39.21 1.90
N ILE D 348 -38.63 39.85 2.42
CA ILE D 348 -38.71 40.51 3.73
C ILE D 348 -39.50 41.80 3.66
N GLU D 349 -39.27 42.56 2.60
CA GLU D 349 -39.94 43.84 2.39
C GLU D 349 -41.36 43.58 1.91
N ASN D 350 -41.56 42.43 1.25
CA ASN D 350 -42.87 42.06 0.75
C ASN D 350 -43.58 41.12 1.72
N LYS D 351 -43.03 40.99 2.93
CA LYS D 351 -43.62 40.13 3.95
C LYS D 351 -43.90 38.74 3.40
N LYS D 352 -43.08 38.30 2.44
CA LYS D 352 -43.26 36.99 1.83
C LYS D 352 -42.08 36.05 2.11
N ILE D 353 -42.26 34.78 1.75
CA ILE D 353 -41.24 33.75 1.94
C ILE D 353 -41.18 32.87 0.69
N THR D 354 -40.01 32.32 0.38
CA THR D 354 -39.88 31.47 -0.80
C THR D 354 -39.33 30.07 -0.49
N LEU D 355 -40.12 29.05 -0.81
CA LEU D 355 -39.74 27.67 -0.55
C LEU D 355 -39.33 26.88 -1.79
N PHE D 356 -38.75 25.71 -1.56
CA PHE D 356 -38.30 24.83 -2.62
C PHE D 356 -38.62 23.39 -2.23
N ARG D 357 -39.21 22.62 -3.14
CA ARG D 357 -39.54 21.23 -2.86
C ARG D 357 -38.63 20.31 -3.65
N ARG D 358 -37.89 19.47 -2.95
CA ARG D 358 -36.94 18.55 -3.59
C ARG D 358 -37.65 17.55 -4.49
N ASP D 359 -38.80 17.07 -4.02
CA ASP D 359 -39.59 16.10 -4.75
C ASP D 359 -40.09 16.54 -6.14
N THR D 360 -40.31 17.83 -6.29
CA THR D 360 -40.79 18.36 -7.56
C THR D 360 -39.89 19.46 -8.09
N MET D 361 -38.99 19.93 -7.23
CA MET D 361 -38.07 20.96 -7.61
C MET D 361 -38.87 22.18 -8.07
N GLU D 362 -40.03 22.37 -7.44
CA GLU D 362 -40.87 23.51 -7.74
C GLU D 362 -40.44 24.56 -6.74
N LYS D 363 -40.63 25.83 -7.06
CA LYS D 363 -40.26 26.88 -6.13
C LYS D 363 -41.40 27.87 -5.97
N PHE D 364 -42.30 27.57 -5.06
CA PHE D 364 -43.44 28.44 -4.79
C PHE D 364 -43.16 29.34 -3.60
N GLN D 365 -44.01 30.36 -3.44
CA GLN D 365 -43.88 31.28 -2.33
C GLN D 365 -45.19 31.33 -1.55
N VAL D 366 -45.19 32.07 -0.45
CA VAL D 366 -46.37 32.19 0.39
C VAL D 366 -46.08 33.15 1.53
N ASP D 367 -47.13 33.81 2.01
CA ASP D 367 -47.02 34.76 3.11
C ASP D 367 -46.09 34.19 4.19
N GLU D 368 -45.42 35.07 4.95
CA GLU D 368 -44.52 34.60 5.99
C GLU D 368 -45.21 34.11 7.25
N THR D 369 -46.17 34.89 7.75
CA THR D 369 -46.91 34.51 8.96
C THR D 369 -47.44 33.08 8.84
N GLN D 370 -47.43 32.56 7.60
CA GLN D 370 -47.89 31.21 7.31
C GLN D 370 -46.73 30.23 7.11
N LEU D 371 -45.67 30.40 7.88
CA LEU D 371 -44.49 29.53 7.78
C LEU D 371 -44.72 28.17 8.45
N MET D 372 -44.66 28.16 9.77
CA MET D 372 -44.87 26.94 10.57
C MET D 372 -45.99 26.09 9.95
N GLU D 373 -46.90 26.76 9.27
CA GLU D 373 -48.02 26.12 8.61
C GLU D 373 -47.58 25.38 7.35
N VAL D 374 -46.99 26.11 6.41
CA VAL D 374 -46.52 25.53 5.16
C VAL D 374 -45.62 24.33 5.41
N VAL D 375 -44.41 24.58 5.89
CA VAL D 375 -43.43 23.53 6.18
C VAL D 375 -44.13 22.28 6.70
N GLU D 376 -44.78 22.39 7.86
CA GLU D 376 -45.49 21.28 8.45
C GLU D 376 -46.30 20.55 7.38
N LYS D 377 -47.14 21.32 6.67
CA LYS D 377 -48.00 20.76 5.63
C LYS D 377 -47.27 20.32 4.37
N THR D 378 -46.31 21.13 3.92
CA THR D 378 -45.55 20.82 2.73
C THR D 378 -44.87 19.46 2.87
N LEU D 379 -44.18 19.24 3.99
CA LEU D 379 -43.49 17.98 4.22
C LEU D 379 -44.45 16.79 4.14
N ASN D 380 -45.56 16.86 4.88
CA ASN D 380 -46.52 15.76 4.83
C ASN D 380 -46.89 15.49 3.37
N ASN D 381 -46.66 16.48 2.52
CA ASN D 381 -46.95 16.33 1.09
C ASN D 381 -45.78 15.63 0.41
N ILE D 382 -44.60 16.24 0.50
CA ILE D 382 -43.37 15.70 -0.09
C ILE D 382 -43.22 14.21 0.16
N MET D 383 -43.18 13.83 1.43
CA MET D 383 -43.06 12.43 1.80
C MET D 383 -44.13 11.61 1.09
N GLU D 384 -45.37 12.07 1.18
CA GLU D 384 -46.48 11.38 0.55
C GLU D 384 -46.20 11.27 -0.95
N ASN D 385 -46.12 12.43 -1.59
CA ASN D 385 -45.85 12.53 -3.02
C ASN D 385 -44.77 11.55 -3.47
N ILE D 386 -43.69 11.45 -2.70
CA ILE D 386 -42.57 10.56 -3.05
C ILE D 386 -42.87 9.10 -2.77
N LYS D 387 -43.68 8.84 -1.74
CA LYS D 387 -44.01 7.47 -1.43
C LYS D 387 -44.92 6.94 -2.54
N ASN D 388 -45.93 7.73 -2.89
CA ASN D 388 -46.87 7.33 -3.93
C ASN D 388 -46.13 7.03 -5.23
N ARG D 389 -45.11 7.83 -5.53
CA ARG D 389 -44.30 7.63 -6.73
C ARG D 389 -43.74 6.22 -6.63
N ALA D 390 -43.01 5.98 -5.54
CA ALA D 390 -42.39 4.69 -5.28
C ALA D 390 -43.28 3.50 -5.58
N TRP D 391 -44.44 3.44 -4.94
CA TRP D 391 -45.35 2.33 -5.20
C TRP D 391 -45.63 2.27 -6.68
N GLU D 392 -45.97 3.42 -7.27
CA GLU D 392 -46.24 3.46 -8.69
C GLU D 392 -45.17 2.60 -9.37
N LYS D 393 -43.94 3.10 -9.39
CA LYS D 393 -42.84 2.39 -10.01
C LYS D 393 -42.82 0.92 -9.63
N PHE D 394 -42.94 0.65 -8.34
CA PHE D 394 -42.94 -0.73 -7.86
C PHE D 394 -43.98 -1.55 -8.64
N GLU D 395 -45.22 -1.09 -8.60
CA GLU D 395 -46.33 -1.75 -9.29
C GLU D 395 -46.04 -1.95 -10.78
N ASN D 396 -45.15 -1.11 -11.31
CA ASN D 396 -44.79 -1.19 -12.72
C ASN D 396 -43.60 -2.10 -12.97
N PHE D 397 -43.20 -2.85 -11.95
CA PHE D 397 -42.08 -3.78 -12.07
C PHE D 397 -42.55 -5.18 -11.75
N ILE D 398 -43.80 -5.25 -11.29
CA ILE D 398 -44.42 -6.51 -10.94
C ILE D 398 -45.34 -6.89 -12.09
N THR D 399 -45.02 -8.02 -12.72
CA THR D 399 -45.79 -8.50 -13.85
C THR D 399 -46.46 -9.81 -13.46
N ILE D 400 -47.78 -9.86 -13.59
CA ILE D 400 -48.55 -11.05 -13.23
C ILE D 400 -48.91 -11.90 -14.45
N LEU D 401 -48.70 -13.20 -14.32
CA LEU D 401 -49.02 -14.13 -15.40
C LEU D 401 -50.30 -14.88 -15.09
N GLU D 402 -50.42 -16.09 -15.64
CA GLU D 402 -51.59 -16.92 -15.41
C GLU D 402 -51.27 -18.39 -15.64
N ASP D 403 -50.09 -18.65 -16.19
CA ASP D 403 -49.67 -20.00 -16.48
C ASP D 403 -48.26 -20.33 -16.01
N ILE D 404 -48.08 -21.55 -15.54
CA ILE D 404 -46.82 -22.07 -15.05
C ILE D 404 -45.86 -22.33 -16.22
N ASN D 405 -45.73 -21.35 -17.11
CA ASN D 405 -44.86 -21.50 -18.27
C ASN D 405 -43.48 -20.87 -18.06
N PRO D 406 -42.48 -21.70 -17.73
CA PRO D 406 -41.10 -21.28 -17.50
C PRO D 406 -40.50 -20.62 -18.72
N ASP D 407 -40.43 -21.37 -19.81
CA ASP D 407 -39.88 -20.86 -21.05
C ASP D 407 -40.48 -19.48 -21.33
N GLU D 408 -41.54 -19.14 -20.60
CA GLU D 408 -42.20 -17.85 -20.76
C GLU D 408 -41.66 -16.83 -19.77
N ILE D 409 -41.82 -17.11 -18.49
CA ILE D 409 -41.36 -16.20 -17.44
C ILE D 409 -39.96 -15.70 -17.75
N LYS D 410 -38.99 -16.60 -17.63
CA LYS D 410 -37.59 -16.26 -17.90
C LYS D 410 -37.48 -15.19 -18.99
N ASN D 411 -38.21 -15.42 -20.09
CA ASN D 411 -38.21 -14.50 -21.22
C ASN D 411 -38.72 -13.14 -20.77
N ILE D 412 -39.92 -13.12 -20.20
CA ILE D 412 -40.52 -11.87 -19.73
C ILE D 412 -39.63 -11.12 -18.76
N LEU D 413 -38.55 -11.76 -18.32
CA LEU D 413 -37.63 -11.09 -17.42
C LEU D 413 -36.68 -10.25 -18.25
N SER D 414 -35.88 -10.91 -19.09
CA SER D 414 -34.94 -10.19 -19.95
C SER D 414 -35.69 -9.39 -21.01
N GLU D 415 -36.69 -8.64 -20.56
CA GLU D 415 -37.51 -7.80 -21.42
C GLU D 415 -38.31 -6.81 -20.55
N LYS D 416 -38.39 -7.09 -19.26
CA LYS D 416 -39.12 -6.23 -18.33
C LYS D 416 -38.56 -6.30 -16.92
N ARG D 417 -37.87 -7.39 -16.60
CA ARG D 417 -37.29 -7.59 -15.28
C ARG D 417 -38.31 -7.39 -14.17
N GLY D 418 -37.84 -6.97 -13.00
CA GLY D 418 -38.74 -6.79 -11.89
C GLY D 418 -38.98 -8.16 -11.30
N VAL D 419 -40.12 -8.34 -10.64
CA VAL D 419 -40.44 -9.62 -10.04
C VAL D 419 -41.67 -10.18 -10.74
N ILE D 420 -41.76 -11.50 -10.78
CA ILE D 420 -42.88 -12.16 -11.44
C ILE D 420 -43.75 -12.94 -10.49
N LEU D 421 -45.07 -12.83 -10.69
CA LEU D 421 -46.03 -13.55 -9.87
C LEU D 421 -46.72 -14.53 -10.80
N VAL D 422 -47.12 -15.67 -10.25
CA VAL D 422 -47.80 -16.70 -11.04
C VAL D 422 -48.72 -17.49 -10.11
N PRO D 423 -49.93 -17.83 -10.57
CA PRO D 423 -50.87 -18.58 -9.73
C PRO D 423 -50.23 -19.77 -9.01
N PHE D 424 -50.44 -19.80 -7.70
CA PHE D 424 -49.90 -20.84 -6.82
C PHE D 424 -50.52 -22.21 -7.05
N LYS D 425 -49.65 -23.18 -7.33
CA LYS D 425 -50.08 -24.54 -7.55
C LYS D 425 -49.04 -25.44 -6.91
N GLU D 426 -49.32 -25.89 -5.68
CA GLU D 426 -48.43 -26.75 -4.93
C GLU D 426 -47.66 -27.72 -5.83
N GLU D 427 -48.37 -28.22 -6.84
CA GLU D 427 -47.81 -29.15 -7.80
C GLU D 427 -46.37 -28.81 -8.20
N ILE D 428 -46.19 -27.64 -8.79
CA ILE D 428 -44.87 -27.19 -9.24
C ILE D 428 -44.22 -26.09 -8.42
N TYR D 429 -44.28 -26.22 -7.10
CA TYR D 429 -43.65 -25.23 -6.21
C TYR D 429 -42.48 -25.94 -5.52
N ASN D 430 -41.54 -26.40 -6.33
CA ASN D 430 -40.36 -27.10 -5.84
C ASN D 430 -39.07 -26.48 -6.36
N GLU D 431 -37.94 -26.95 -5.84
CA GLU D 431 -36.64 -26.42 -6.23
C GLU D 431 -36.41 -26.44 -7.74
N GLU D 432 -37.00 -27.42 -8.44
CA GLU D 432 -36.84 -27.51 -9.88
C GLU D 432 -37.30 -26.24 -10.58
N LEU D 433 -38.46 -25.74 -10.20
CA LEU D 433 -39.01 -24.52 -10.78
C LEU D 433 -37.91 -23.47 -10.96
N GLU D 434 -37.01 -23.39 -9.99
CA GLU D 434 -35.92 -22.44 -10.08
C GLU D 434 -35.08 -22.79 -11.29
N GLU D 435 -34.50 -23.99 -11.25
CA GLU D 435 -33.66 -24.46 -12.36
C GLU D 435 -34.44 -24.47 -13.67
N LYS D 436 -35.74 -24.27 -13.60
CA LYS D 436 -36.60 -24.25 -14.77
C LYS D 436 -36.59 -22.85 -15.39
N VAL D 437 -36.45 -21.84 -14.54
CA VAL D 437 -36.41 -20.46 -15.00
C VAL D 437 -35.03 -19.87 -14.75
N GLU D 438 -34.11 -20.74 -14.33
CA GLU D 438 -32.74 -20.32 -14.01
C GLU D 438 -32.72 -18.93 -13.37
N ALA D 439 -33.63 -18.75 -12.41
CA ALA D 439 -33.77 -17.50 -11.68
C ALA D 439 -33.87 -17.80 -10.18
N THR D 440 -34.91 -17.28 -9.54
CA THR D 440 -35.09 -17.49 -8.11
C THR D 440 -36.53 -17.27 -7.70
N ILE D 441 -37.00 -18.08 -6.75
CA ILE D 441 -38.37 -17.94 -6.26
C ILE D 441 -38.32 -17.32 -4.88
N LEU D 442 -39.18 -16.34 -4.63
CA LEU D 442 -39.22 -15.69 -3.34
C LEU D 442 -40.26 -16.36 -2.45
N GLY D 443 -41.04 -17.27 -3.04
CA GLY D 443 -42.05 -17.98 -2.27
C GLY D 443 -43.48 -17.56 -2.56
N GLU D 444 -44.41 -18.03 -1.74
CA GLU D 444 -45.82 -17.68 -1.91
C GLU D 444 -45.90 -16.20 -1.66
N THR D 445 -47.07 -15.60 -1.84
CA THR D 445 -47.22 -14.18 -1.61
C THR D 445 -48.64 -13.71 -1.88
N GLU D 446 -49.25 -13.08 -0.88
CA GLU D 446 -50.62 -12.59 -1.02
C GLU D 446 -50.78 -11.16 -1.55
N TYR D 447 -50.48 -10.97 -2.83
CA TYR D 447 -50.61 -9.67 -3.47
C TYR D 447 -51.96 -9.68 -4.21
N LYS D 448 -52.89 -8.84 -3.75
CA LYS D 448 -54.22 -8.75 -4.34
C LYS D 448 -55.07 -9.97 -3.99
N GLY D 449 -54.60 -10.74 -3.00
CA GLY D 449 -55.33 -11.92 -2.59
C GLY D 449 -54.88 -13.19 -3.27
N ASN D 450 -55.19 -13.32 -4.56
CA ASN D 450 -54.87 -14.49 -5.38
C ASN D 450 -53.82 -15.50 -4.92
N LYS D 451 -52.83 -15.07 -4.14
CA LYS D 451 -51.79 -15.98 -3.63
C LYS D 451 -50.93 -16.51 -4.78
N TYR D 452 -49.93 -15.73 -5.17
CA TYR D 452 -49.04 -16.11 -6.26
C TYR D 452 -47.72 -16.74 -5.83
N ILE D 453 -46.78 -16.71 -6.78
CA ILE D 453 -45.45 -17.24 -6.59
C ILE D 453 -44.49 -16.21 -7.18
N ALA D 454 -43.86 -15.43 -6.31
CA ALA D 454 -42.91 -14.43 -6.75
C ALA D 454 -41.64 -15.10 -7.22
N ILE D 455 -41.15 -14.65 -8.36
CA ILE D 455 -39.94 -15.18 -8.97
C ILE D 455 -39.20 -13.97 -9.52
N ALA D 456 -37.89 -13.95 -9.37
CA ALA D 456 -37.16 -12.80 -9.87
C ALA D 456 -35.67 -12.94 -9.68
N LYS D 457 -34.93 -12.04 -10.32
CA LYS D 457 -33.48 -12.03 -10.21
C LYS D 457 -33.29 -11.22 -8.94
N THR D 458 -32.28 -11.56 -8.15
CA THR D 458 -32.05 -10.85 -6.90
C THR D 458 -30.62 -10.38 -6.67
N TYR D 459 -30.50 -9.29 -5.93
CA TYR D 459 -29.20 -8.71 -5.58
C TYR D 459 -28.39 -9.71 -4.77
#